data_2F55
#
_entry.id   2F55
#
_cell.length_a   108.200
_cell.length_b   109.800
_cell.length_c   183.400
_cell.angle_alpha   90.00
_cell.angle_beta   90.00
_cell.angle_gamma   90.00
#
_symmetry.space_group_name_H-M   'P 21 21 21'
#
loop_
_entity.id
_entity.type
_entity.pdbx_description
1 polymer "5'-D(P*(DU)P*(DU)P*(DU)P*(DU)P*(DU)P*(DU)P*(DU)P*(DU)P*(DU)P*(DU)P*(DU)P*(DU)P*(DU))-3'"
2 polymer "5'-D(P*(DU)P*(DU)P*(DU))-3'"
3 polymer polyprotein
4 non-polymer 'SULFATE ION'
5 water water
#
loop_
_entity_poly.entity_id
_entity_poly.type
_entity_poly.pdbx_seq_one_letter_code
_entity_poly.pdbx_strand_id
1 'polydeoxyribonucleotide' (DU)(DU)(DU)(DU)(DU)(DU)(DU)(DU)(DU)(DU)(DU)(DU)(DU) D
2 'polydeoxyribonucleotide' (DU)(DU)(DU) E
3 'polypeptide(L)'
;PPAVPQTFQVAHLHAPTGSGKSTKVPAAYAAQGYKVLVLNPSVAATLGFGAYMSKAHGIDPNIRTGVRTITTGGSITYST
YGKFLADGGCSGGAYDIIICDECHSTDSTTILGIGTVLDQAETAGARLVVLATATPPGSVTVPHPNIEEIGLSNNGEIPF
YGKAIPIEAIKGGRHLIFCHSKKKCDELAAKLTGLGLNAVAYYRGLDVSVIPPIGDVVVVATDALMTGFTGDFDSVIDCN
TCVTQTVDFSLDPTFTIETTTVPQDAVSRSQRRGRTGRGRSGIYRFVTPGERPSGMFDSSVLCECYDAGCAWYELTPAET
SVRLRAYLNTPGLPVCQDHLEFWESVFTGLTHIDAHFLSQTKQAGDNFPYLVAYQATVCARAQAPPPSWDQMWKCLIRLK
PTLHGPTPLLYRLGAVQNEVILTHPITKYIMACMS
;
A,B,C
#
loop_
_chem_comp.id
_chem_comp.type
_chem_comp.name
_chem_comp.formula
DU DNA linking 2'-DEOXYURIDINE-5'-MONOPHOSPHATE 'C9 H13 N2 O8 P'
SO4 non-polymer 'SULFATE ION' 'O4 S -2'
#
# COMPACT_ATOMS: atom_id res chain seq x y z
N PRO C 1 45.67 -36.67 17.15
CA PRO C 1 46.44 -35.69 16.34
C PRO C 1 46.79 -36.32 15.00
N PRO C 2 46.28 -35.76 13.89
CA PRO C 2 46.59 -36.33 12.59
C PRO C 2 48.07 -36.70 12.42
N ALA C 3 48.37 -37.47 11.37
CA ALA C 3 49.73 -37.90 11.07
C ALA C 3 50.31 -37.00 9.99
N VAL C 4 51.64 -36.89 9.98
CA VAL C 4 52.35 -36.07 9.01
C VAL C 4 52.85 -36.97 7.89
N PRO C 5 52.01 -37.23 6.90
CA PRO C 5 52.35 -38.08 5.76
C PRO C 5 53.70 -37.80 5.16
N GLN C 6 54.26 -38.83 4.53
CA GLN C 6 55.56 -38.71 3.86
C GLN C 6 55.44 -37.61 2.80
N THR C 7 54.32 -37.63 2.08
CA THR C 7 54.03 -36.64 1.04
C THR C 7 53.48 -35.39 1.72
N PHE C 8 52.97 -34.44 0.94
CA PHE C 8 52.39 -33.21 1.49
C PHE C 8 50.89 -33.38 1.64
N GLN C 9 50.33 -32.78 2.69
CA GLN C 9 48.91 -32.91 2.94
C GLN C 9 48.28 -31.76 3.74
N VAL C 10 47.06 -31.39 3.36
CA VAL C 10 46.33 -30.34 4.04
C VAL C 10 45.23 -31.04 4.80
N ALA C 11 45.31 -31.02 6.13
CA ALA C 11 44.32 -31.68 6.98
C ALA C 11 43.19 -30.77 7.43
N HIS C 12 42.31 -31.31 8.26
CA HIS C 12 41.17 -30.56 8.76
C HIS C 12 40.79 -31.08 10.16
N LEU C 13 40.90 -30.24 11.17
CA LEU C 13 40.51 -30.67 12.50
C LEU C 13 39.14 -30.14 12.85
N HIS C 14 38.45 -30.83 13.74
CA HIS C 14 37.13 -30.39 14.16
C HIS C 14 36.80 -30.72 15.61
N ALA C 15 37.80 -30.63 16.48
CA ALA C 15 37.58 -30.89 17.88
C ALA C 15 36.84 -29.68 18.45
N PRO C 16 35.96 -29.89 19.43
CA PRO C 16 35.21 -28.78 20.03
C PRO C 16 36.20 -27.85 20.72
N THR C 17 35.83 -26.58 20.87
CA THR C 17 36.71 -25.59 21.51
C THR C 17 37.23 -26.10 22.85
N GLY C 18 38.53 -25.88 23.07
CA GLY C 18 39.16 -26.29 24.32
C GLY C 18 39.34 -27.78 24.47
N SER C 19 40.12 -28.37 23.58
CA SER C 19 40.37 -29.80 23.63
C SER C 19 41.79 -30.05 23.14
N GLY C 20 42.56 -28.98 23.04
CA GLY C 20 43.95 -29.10 22.61
C GLY C 20 44.27 -28.95 21.15
N LYS C 21 43.31 -28.50 20.35
CA LYS C 21 43.59 -28.33 18.94
C LYS C 21 44.80 -27.42 18.84
N SER C 22 44.93 -26.50 19.79
CA SER C 22 46.04 -25.58 19.79
C SER C 22 46.98 -25.75 20.98
N THR C 23 46.73 -26.78 21.78
CA THR C 23 47.57 -27.06 22.94
C THR C 23 48.14 -28.49 22.91
N LYS C 24 47.28 -29.49 22.84
CA LYS C 24 47.77 -30.86 22.82
C LYS C 24 48.30 -31.26 21.45
N VAL C 25 47.56 -30.93 20.40
CA VAL C 25 48.00 -31.30 19.07
C VAL C 25 49.44 -30.89 18.87
N PRO C 26 49.76 -29.62 19.11
CA PRO C 26 51.15 -29.17 18.94
C PRO C 26 52.14 -29.93 19.82
N ALA C 27 51.90 -29.90 21.13
CA ALA C 27 52.76 -30.58 22.09
C ALA C 27 53.13 -31.94 21.55
N ALA C 28 52.15 -32.63 20.98
CA ALA C 28 52.39 -33.96 20.42
C ALA C 28 53.40 -33.89 19.31
N TYR C 29 53.09 -33.10 18.30
CA TYR C 29 53.99 -32.95 17.16
C TYR C 29 55.37 -32.55 17.64
N ALA C 30 55.41 -31.91 18.80
CA ALA C 30 56.64 -31.46 19.40
C ALA C 30 57.37 -32.62 20.11
N ALA C 31 56.61 -33.41 20.87
CA ALA C 31 57.19 -34.54 21.60
C ALA C 31 57.50 -35.68 20.63
N GLN C 32 57.98 -35.32 19.45
CA GLN C 32 58.31 -36.28 18.42
C GLN C 32 59.51 -35.87 17.57
N GLY C 33 59.64 -34.58 17.32
CA GLY C 33 60.74 -34.10 16.52
C GLY C 33 60.27 -33.18 15.42
N TYR C 34 58.98 -32.86 15.47
CA TYR C 34 58.40 -31.98 14.46
C TYR C 34 58.42 -30.54 14.94
N LYS C 35 58.85 -29.66 14.04
CA LYS C 35 58.92 -28.23 14.32
C LYS C 35 57.51 -27.71 14.05
N VAL C 36 56.80 -27.27 15.10
CA VAL C 36 55.43 -26.77 14.93
C VAL C 36 55.27 -25.27 14.98
N LEU C 37 54.38 -24.77 14.13
CA LEU C 37 54.04 -23.36 14.08
C LEU C 37 52.55 -23.39 14.32
N VAL C 38 52.04 -22.48 15.13
CA VAL C 38 50.62 -22.48 15.42
C VAL C 38 50.12 -21.06 15.25
N LEU C 39 49.23 -20.83 14.29
CA LEU C 39 48.73 -19.48 14.10
C LEU C 39 47.32 -19.35 14.64
N ASN C 40 47.09 -18.28 15.37
CA ASN C 40 45.78 -18.01 15.95
C ASN C 40 45.52 -16.56 15.55
N PRO C 41 44.26 -16.12 15.56
CA PRO C 41 44.14 -14.72 15.14
C PRO C 41 44.32 -13.63 16.20
N SER C 42 44.14 -13.96 17.48
CA SER C 42 44.25 -12.98 18.56
C SER C 42 45.63 -12.72 19.17
N VAL C 43 45.97 -11.45 19.38
CA VAL C 43 47.23 -11.06 19.98
C VAL C 43 47.19 -11.54 21.39
N ALA C 44 46.01 -11.44 21.97
CA ALA C 44 45.79 -11.90 23.33
C ALA C 44 45.96 -13.42 23.37
N ALA C 45 45.02 -14.13 22.75
CA ALA C 45 45.03 -15.60 22.69
C ALA C 45 46.41 -16.17 22.42
N THR C 46 47.19 -15.45 21.61
CA THR C 46 48.54 -15.88 21.28
C THR C 46 49.36 -15.94 22.55
N LEU C 47 49.46 -14.82 23.27
CA LEU C 47 50.23 -14.79 24.51
C LEU C 47 49.63 -15.74 25.54
N GLY C 48 48.39 -16.12 25.33
CA GLY C 48 47.72 -17.01 26.25
C GLY C 48 48.35 -18.38 26.22
N PHE C 49 48.54 -18.92 25.00
CA PHE C 49 49.13 -20.25 24.82
C PHE C 49 50.57 -20.30 25.34
N GLY C 50 51.33 -19.24 25.14
CA GLY C 50 52.70 -19.24 25.61
C GLY C 50 52.77 -19.60 27.07
N ALA C 51 52.10 -18.82 27.91
CA ALA C 51 52.07 -19.05 29.35
C ALA C 51 51.60 -20.44 29.63
N TYR C 52 50.40 -20.77 29.16
CA TYR C 52 49.80 -22.08 29.36
C TYR C 52 50.79 -23.22 29.12
N MET C 53 51.23 -23.39 27.88
CA MET C 53 52.18 -24.43 27.56
C MET C 53 53.28 -24.58 28.59
N SER C 54 53.60 -23.50 29.27
CA SER C 54 54.66 -23.53 30.27
C SER C 54 54.14 -23.94 31.65
N LYS C 55 53.13 -23.23 32.12
CA LYS C 55 52.57 -23.50 33.43
C LYS C 55 52.34 -24.99 33.61
N ALA C 56 52.02 -25.69 32.53
CA ALA C 56 51.80 -27.11 32.64
C ALA C 56 51.85 -27.83 31.33
N HIS C 57 53.07 -28.19 30.93
CA HIS C 57 53.33 -28.94 29.71
C HIS C 57 54.84 -29.02 29.54
N GLY C 58 55.55 -28.29 30.38
CA GLY C 58 56.99 -28.28 30.33
C GLY C 58 57.50 -27.96 28.94
N ILE C 59 56.96 -26.90 28.34
CA ILE C 59 57.35 -26.52 26.99
C ILE C 59 57.37 -25.00 26.89
N ASP C 60 58.55 -24.43 26.67
CA ASP C 60 58.68 -22.97 26.52
C ASP C 60 58.62 -22.65 25.03
N PRO C 61 57.46 -22.26 24.53
CA PRO C 61 57.27 -21.93 23.10
C PRO C 61 57.66 -20.48 22.85
N ASN C 62 58.13 -20.15 21.65
CA ASN C 62 58.46 -18.75 21.39
C ASN C 62 57.21 -18.10 20.84
N ILE C 63 56.84 -16.96 21.41
CA ILE C 63 55.66 -16.23 21.01
C ILE C 63 56.05 -15.17 19.99
N ARG C 64 55.12 -14.78 19.13
CA ARG C 64 55.36 -13.75 18.13
C ARG C 64 54.09 -12.96 17.89
N THR C 65 54.11 -11.70 18.28
CA THR C 65 52.95 -10.86 18.11
C THR C 65 53.44 -9.47 17.76
N GLY C 66 52.54 -8.49 17.87
CA GLY C 66 52.90 -7.12 17.58
C GLY C 66 53.47 -6.52 18.84
N VAL C 67 52.64 -6.42 19.87
CA VAL C 67 53.02 -5.84 21.15
C VAL C 67 54.27 -6.43 21.81
N ARG C 68 54.57 -7.68 21.51
CA ARG C 68 55.73 -8.31 22.12
C ARG C 68 56.50 -9.13 21.10
N THR C 69 57.11 -10.21 21.60
CA THR C 69 57.91 -11.20 20.89
C THR C 69 58.67 -11.82 22.04
N ILE C 70 58.88 -13.12 22.00
CA ILE C 70 59.62 -13.80 23.04
C ILE C 70 60.16 -15.03 22.36
N THR C 71 61.46 -15.02 22.07
CA THR C 71 62.06 -16.15 21.36
C THR C 71 62.87 -17.07 22.26
N THR C 72 62.25 -18.15 22.69
CA THR C 72 62.90 -19.12 23.59
C THR C 72 63.78 -20.11 22.85
N GLY C 73 63.70 -20.08 21.52
CA GLY C 73 64.51 -20.99 20.71
C GLY C 73 63.93 -22.37 20.49
N GLY C 74 62.78 -22.62 21.11
CA GLY C 74 62.10 -23.91 20.99
C GLY C 74 61.35 -24.08 19.65
N SER C 75 61.07 -25.34 19.25
CA SER C 75 60.38 -25.64 17.99
C SER C 75 58.90 -25.23 17.93
N ILE C 76 58.19 -25.31 19.05
CA ILE C 76 56.78 -24.90 19.01
C ILE C 76 56.78 -23.39 18.96
N THR C 77 56.06 -22.81 18.01
CA THR C 77 55.99 -21.36 17.90
C THR C 77 54.53 -20.93 17.89
N TYR C 78 54.18 -19.95 18.71
CA TYR C 78 52.81 -19.43 18.75
C TYR C 78 52.89 -18.05 18.13
N SER C 79 51.94 -17.70 17.25
CA SER C 79 52.00 -16.41 16.60
C SER C 79 50.71 -16.00 15.91
N THR C 80 50.48 -14.70 15.76
CA THR C 80 49.26 -14.24 15.11
C THR C 80 49.44 -14.23 13.61
N TYR C 81 48.35 -14.32 12.86
CA TYR C 81 48.42 -14.31 11.40
C TYR C 81 48.88 -12.91 11.01
N GLY C 82 48.61 -11.95 11.88
CA GLY C 82 49.01 -10.60 11.61
C GLY C 82 50.53 -10.50 11.61
N LYS C 83 51.17 -11.04 12.65
CA LYS C 83 52.62 -11.02 12.78
C LYS C 83 53.27 -11.95 11.75
N PHE C 84 52.66 -13.11 11.56
CA PHE C 84 53.16 -14.08 10.59
C PHE C 84 53.22 -13.44 9.22
N LEU C 85 52.19 -12.69 8.87
CA LEU C 85 52.18 -12.05 7.58
C LEU C 85 53.36 -11.10 7.56
N ALA C 86 53.31 -10.10 8.42
CA ALA C 86 54.34 -9.10 8.50
C ALA C 86 55.74 -9.69 8.57
N ASP C 87 55.85 -10.96 8.94
CA ASP C 87 57.17 -11.58 9.00
C ASP C 87 57.57 -12.10 7.63
N GLY C 88 56.94 -11.59 6.57
CA GLY C 88 57.26 -12.06 5.25
C GLY C 88 56.65 -13.43 5.00
N GLY C 89 55.61 -13.74 5.78
CA GLY C 89 54.92 -14.99 5.63
C GLY C 89 55.75 -16.26 5.76
N CYS C 90 55.16 -17.37 5.36
CA CYS C 90 55.80 -18.66 5.42
C CYS C 90 57.08 -18.68 4.59
N SER C 91 57.03 -18.10 3.38
CA SER C 91 58.19 -18.06 2.47
C SER C 91 59.50 -17.95 3.25
N GLY C 92 59.51 -17.05 4.22
CA GLY C 92 60.67 -16.86 5.07
C GLY C 92 60.51 -17.73 6.30
N GLY C 93 60.49 -19.05 6.07
CA GLY C 93 60.35 -19.98 7.18
C GLY C 93 60.47 -21.45 6.82
N ALA C 94 60.88 -22.24 7.81
CA ALA C 94 61.04 -23.68 7.65
C ALA C 94 60.45 -24.36 8.90
N TYR C 95 59.13 -24.54 8.88
CA TYR C 95 58.36 -25.20 9.94
C TYR C 95 57.83 -26.53 9.36
N ASP C 96 57.85 -27.59 10.17
CA ASP C 96 57.38 -28.89 9.72
C ASP C 96 55.85 -29.01 9.68
N ILE C 97 55.17 -28.48 10.69
CA ILE C 97 53.71 -28.55 10.80
C ILE C 97 53.06 -27.20 11.13
N ILE C 98 52.34 -26.64 10.16
CA ILE C 98 51.68 -25.35 10.34
C ILE C 98 50.18 -25.47 10.61
N ILE C 99 49.77 -25.15 11.83
CA ILE C 99 48.37 -25.23 12.21
C ILE C 99 47.81 -23.88 12.16
N CYS C 100 46.78 -23.69 11.35
CA CYS C 100 46.11 -22.41 11.24
C CYS C 100 44.91 -22.43 12.18
N ASP C 101 45.13 -22.20 13.47
CA ASP C 101 44.01 -22.27 14.40
C ASP C 101 42.96 -21.29 14.01
N GLU C 102 41.80 -21.45 14.62
CA GLU C 102 40.64 -20.62 14.35
C GLU C 102 40.68 -20.24 12.88
N CYS C 103 40.28 -21.16 12.01
CA CYS C 103 40.33 -20.88 10.59
C CYS C 103 38.95 -20.63 10.04
N HIS C 104 38.04 -20.22 10.93
CA HIS C 104 36.68 -19.95 10.54
C HIS C 104 36.38 -18.47 10.55
N SER C 105 37.24 -17.70 11.22
CA SER C 105 37.02 -16.26 11.30
C SER C 105 37.20 -15.65 9.94
N THR C 106 36.56 -14.51 9.73
CA THR C 106 36.62 -13.87 8.43
C THR C 106 37.05 -12.43 8.47
N ASP C 107 38.29 -12.16 8.89
CA ASP C 107 38.80 -10.81 8.94
C ASP C 107 39.98 -10.68 7.99
N SER C 108 40.06 -9.54 7.32
CA SER C 108 41.13 -9.25 6.38
C SER C 108 42.39 -10.07 6.61
N THR C 109 42.88 -10.04 7.84
CA THR C 109 44.11 -10.75 8.20
C THR C 109 44.06 -12.26 8.22
N THR C 110 43.22 -12.81 9.09
CA THR C 110 43.09 -14.25 9.24
C THR C 110 42.93 -14.96 7.90
N ILE C 111 42.51 -14.22 6.89
CA ILE C 111 42.33 -14.80 5.58
C ILE C 111 43.68 -14.76 4.86
N LEU C 112 44.24 -13.57 4.65
CA LEU C 112 45.54 -13.45 3.99
C LEU C 112 46.48 -14.43 4.65
N GLY C 113 46.32 -14.60 5.97
CA GLY C 113 47.16 -15.50 6.73
C GLY C 113 47.14 -16.92 6.20
N ILE C 114 45.95 -17.44 5.97
CA ILE C 114 45.79 -18.79 5.46
C ILE C 114 46.14 -18.86 3.98
N GLY C 115 45.72 -17.85 3.23
CA GLY C 115 46.05 -17.83 1.82
C GLY C 115 47.55 -17.97 1.68
N THR C 116 48.30 -17.12 2.38
CA THR C 116 49.75 -17.16 2.34
C THR C 116 50.27 -18.55 2.68
N VAL C 117 49.94 -19.02 3.86
CA VAL C 117 50.42 -20.32 4.29
C VAL C 117 49.90 -21.45 3.41
N LEU C 118 48.68 -21.33 2.93
CA LEU C 118 48.11 -22.37 2.08
C LEU C 118 48.74 -22.35 0.70
N ASP C 119 49.49 -21.29 0.43
CA ASP C 119 50.14 -21.13 -0.85
C ASP C 119 51.64 -21.42 -0.78
N GLN C 120 52.27 -21.10 0.34
CA GLN C 120 53.72 -21.28 0.52
C GLN C 120 54.21 -22.53 1.24
N ALA C 121 53.52 -22.91 2.31
CA ALA C 121 53.86 -24.08 3.13
C ALA C 121 54.59 -25.20 2.40
N GLU C 122 53.95 -25.78 1.40
CA GLU C 122 54.55 -26.87 0.64
C GLU C 122 55.92 -26.50 0.12
N THR C 123 55.94 -25.52 -0.77
CA THR C 123 57.16 -25.05 -1.39
C THR C 123 58.19 -24.54 -0.40
N ALA C 124 57.83 -24.46 0.88
CA ALA C 124 58.75 -23.98 1.90
C ALA C 124 59.35 -25.10 2.74
N GLY C 125 58.90 -26.33 2.47
CA GLY C 125 59.42 -27.46 3.21
C GLY C 125 58.44 -28.03 4.20
N ALA C 126 57.25 -27.44 4.29
CA ALA C 126 56.25 -27.92 5.23
C ALA C 126 55.87 -29.37 4.95
N ARG C 127 55.50 -30.08 6.01
CA ARG C 127 55.14 -31.49 5.94
C ARG C 127 53.64 -31.65 6.06
N LEU C 128 53.01 -30.70 6.75
CA LEU C 128 51.57 -30.75 6.99
C LEU C 128 50.96 -29.38 7.31
N VAL C 129 49.72 -29.18 6.87
CA VAL C 129 48.99 -27.94 7.15
C VAL C 129 47.70 -28.41 7.75
N VAL C 130 47.37 -27.95 8.95
CA VAL C 130 46.15 -28.39 9.59
C VAL C 130 45.19 -27.24 9.83
N LEU C 131 44.07 -27.21 9.14
CA LEU C 131 43.13 -26.13 9.32
C LEU C 131 42.21 -26.53 10.44
N ALA C 132 42.45 -25.97 11.62
CA ALA C 132 41.65 -26.30 12.81
C ALA C 132 40.47 -25.38 13.05
N THR C 133 39.53 -25.85 13.85
CA THR C 133 38.34 -25.09 14.20
C THR C 133 37.35 -25.97 14.94
N ALA C 134 36.22 -25.39 15.33
CA ALA C 134 35.21 -26.16 16.04
C ALA C 134 33.86 -25.55 15.71
N THR C 135 33.78 -24.92 14.55
CA THR C 135 32.58 -24.28 14.05
C THR C 135 32.75 -24.09 12.56
N PRO C 136 33.24 -25.11 11.85
CA PRO C 136 33.45 -24.99 10.41
C PRO C 136 32.21 -24.50 9.69
N PRO C 137 32.34 -24.27 8.37
CA PRO C 137 31.21 -23.80 7.57
C PRO C 137 30.02 -24.71 7.77
N GLY C 138 28.82 -24.17 7.58
CA GLY C 138 27.63 -24.98 7.77
C GLY C 138 27.66 -25.62 9.15
N SER C 139 27.44 -24.80 10.17
CA SER C 139 27.45 -25.29 11.53
C SER C 139 26.49 -24.42 12.34
N VAL C 140 25.80 -25.05 13.26
CA VAL C 140 24.84 -24.36 14.10
C VAL C 140 25.11 -24.58 15.59
N THR C 141 24.54 -23.69 16.40
CA THR C 141 24.71 -23.74 17.86
C THR C 141 24.28 -25.07 18.51
N VAL C 142 25.26 -25.80 19.04
CA VAL C 142 24.96 -27.06 19.73
C VAL C 142 24.72 -26.71 21.18
N PRO C 143 23.56 -27.10 21.72
CA PRO C 143 23.20 -26.81 23.12
C PRO C 143 24.38 -26.96 24.08
N HIS C 144 24.46 -26.06 25.05
CA HIS C 144 25.54 -26.11 26.02
C HIS C 144 25.07 -27.01 27.16
N PRO C 145 25.90 -27.98 27.54
CA PRO C 145 25.56 -28.90 28.62
C PRO C 145 24.80 -28.24 29.76
N ASN C 146 25.46 -27.27 30.40
CA ASN C 146 24.89 -26.55 31.53
C ASN C 146 24.44 -25.14 31.24
N ILE C 147 23.58 -24.95 30.23
CA ILE C 147 23.10 -23.62 29.92
C ILE C 147 21.68 -23.57 29.37
N GLU C 148 20.73 -23.15 30.21
CA GLU C 148 19.33 -23.06 29.82
C GLU C 148 19.14 -21.84 28.95
N GLU C 149 18.50 -22.03 27.81
CA GLU C 149 18.26 -20.94 26.87
C GLU C 149 16.83 -20.44 27.00
N ILE C 150 16.66 -19.21 27.44
CA ILE C 150 15.32 -18.65 27.60
C ILE C 150 15.15 -17.48 26.64
N GLY C 151 13.94 -17.29 26.14
CA GLY C 151 13.64 -16.19 25.21
C GLY C 151 13.19 -14.93 25.95
N LEU C 152 12.90 -13.86 25.20
CA LEU C 152 12.44 -12.61 25.80
C LEU C 152 11.01 -12.28 25.40
N SER C 153 10.25 -11.76 26.36
CA SER C 153 8.84 -11.42 26.11
C SER C 153 8.59 -9.93 26.04
N ASN C 154 7.49 -9.49 26.62
CA ASN C 154 7.13 -8.07 26.65
C ASN C 154 6.94 -7.64 28.11
N ASN C 155 7.08 -8.59 29.02
CA ASN C 155 6.96 -8.33 30.45
C ASN C 155 8.31 -7.69 30.85
N GLY C 156 8.43 -6.39 30.65
CA GLY C 156 9.65 -5.70 30.98
C GLY C 156 9.54 -4.19 30.99
N GLU C 157 10.09 -3.58 32.03
CA GLU C 157 10.05 -2.13 32.16
C GLU C 157 11.10 -1.49 31.28
N ILE C 158 12.13 -2.26 30.93
CA ILE C 158 13.20 -1.74 30.07
C ILE C 158 13.09 -2.30 28.67
N PRO C 159 13.14 -1.42 27.68
CA PRO C 159 13.05 -1.81 26.27
C PRO C 159 14.24 -2.70 25.95
N PHE C 160 14.34 -3.16 24.71
CA PHE C 160 15.46 -4.01 24.32
C PHE C 160 15.24 -4.69 22.97
N TYR C 161 15.53 -3.94 21.91
CA TYR C 161 15.40 -4.45 20.55
C TYR C 161 14.03 -5.06 20.25
N GLY C 162 12.97 -4.41 20.70
CA GLY C 162 11.63 -4.92 20.45
C GLY C 162 11.04 -5.70 21.61
N LYS C 163 11.92 -6.35 22.38
CA LYS C 163 11.50 -7.10 23.56
C LYS C 163 11.99 -6.38 24.81
N ALA C 164 11.56 -6.85 25.97
CA ALA C 164 11.96 -6.22 27.21
C ALA C 164 12.56 -7.18 28.21
N ILE C 165 13.41 -6.65 29.08
CA ILE C 165 14.07 -7.46 30.08
C ILE C 165 13.35 -7.28 31.42
N PRO C 166 12.81 -8.38 31.98
CA PRO C 166 12.10 -8.30 33.26
C PRO C 166 13.14 -7.99 34.35
N ILE C 167 13.20 -6.74 34.78
CA ILE C 167 14.14 -6.30 35.81
C ILE C 167 14.43 -7.40 36.83
N GLU C 168 13.37 -8.09 37.22
CA GLU C 168 13.43 -9.21 38.17
C GLU C 168 14.45 -10.30 37.82
N ALA C 169 14.70 -10.44 36.52
CA ALA C 169 15.62 -11.46 36.02
C ALA C 169 17.09 -11.03 36.08
N ILE C 170 17.31 -9.79 36.49
CA ILE C 170 18.65 -9.24 36.57
C ILE C 170 18.82 -8.33 37.78
N LYS C 171 18.39 -8.81 38.95
CA LYS C 171 18.49 -8.03 40.18
C LYS C 171 19.56 -8.60 41.12
N GLY C 172 20.01 -9.82 40.83
CA GLY C 172 21.03 -10.46 41.66
C GLY C 172 22.11 -11.25 40.92
N GLY C 173 23.38 -10.86 41.15
CA GLY C 173 24.48 -11.54 40.51
C GLY C 173 25.17 -10.68 39.44
N ARG C 174 26.04 -11.30 38.65
CA ARG C 174 26.78 -10.62 37.59
C ARG C 174 26.19 -10.99 36.23
N HIS C 175 25.48 -10.05 35.63
CA HIS C 175 24.83 -10.28 34.33
C HIS C 175 25.48 -9.49 33.19
N LEU C 176 25.59 -10.10 32.01
CA LEU C 176 26.19 -9.44 30.86
C LEU C 176 25.20 -9.27 29.71
N ILE C 177 24.99 -8.03 29.28
CA ILE C 177 24.08 -7.74 28.18
C ILE C 177 24.95 -7.57 26.94
N PHE C 178 24.35 -7.75 25.76
CA PHE C 178 25.07 -7.60 24.51
C PHE C 178 24.31 -6.70 23.53
N CYS C 179 24.88 -5.55 23.24
CA CYS C 179 24.26 -4.60 22.34
C CYS C 179 25.10 -4.35 21.11
N HIS C 180 24.46 -4.23 19.97
CA HIS C 180 25.18 -4.02 18.75
C HIS C 180 26.08 -2.80 18.79
N SER C 181 25.59 -1.69 19.34
CA SER C 181 26.37 -0.46 19.36
C SER C 181 26.73 0.09 20.71
N LYS C 182 27.93 0.62 20.81
CA LYS C 182 28.41 1.21 22.04
C LYS C 182 27.54 2.40 22.29
N LYS C 183 27.22 3.12 21.22
CA LYS C 183 26.36 4.29 21.34
C LYS C 183 25.14 3.88 22.15
N LYS C 184 24.64 2.68 21.86
CA LYS C 184 23.48 2.13 22.54
C LYS C 184 23.86 1.62 23.92
N CYS C 185 25.03 1.00 24.02
CA CYS C 185 25.49 0.49 25.30
C CYS C 185 25.36 1.58 26.35
N ASP C 186 26.00 2.73 26.10
CA ASP C 186 25.96 3.84 27.04
C ASP C 186 24.57 4.07 27.58
N GLU C 187 23.60 4.26 26.70
CA GLU C 187 22.23 4.48 27.16
C GLU C 187 21.73 3.37 28.07
N LEU C 188 21.35 2.25 27.48
CA LEU C 188 20.81 1.10 28.22
C LEU C 188 21.41 0.87 29.60
N ALA C 189 22.64 1.32 29.81
CA ALA C 189 23.29 1.16 31.10
C ALA C 189 22.77 2.25 32.02
N ALA C 190 22.74 3.48 31.50
CA ALA C 190 22.24 4.61 32.27
C ALA C 190 20.86 4.26 32.85
N LYS C 191 19.88 4.13 31.97
CA LYS C 191 18.53 3.79 32.37
C LYS C 191 18.56 2.81 33.53
N LEU C 192 19.43 1.81 33.43
CA LEU C 192 19.54 0.78 34.47
C LEU C 192 20.15 1.27 35.78
N THR C 193 21.16 2.14 35.67
CA THR C 193 21.84 2.66 36.85
C THR C 193 20.97 3.65 37.60
N GLY C 194 19.87 4.04 36.97
CA GLY C 194 18.90 4.97 37.53
C GLY C 194 17.80 4.16 38.20
N LEU C 195 17.92 2.84 38.09
CA LEU C 195 16.95 1.95 38.70
C LEU C 195 17.63 1.22 39.84
N GLY C 196 18.61 1.89 40.42
CA GLY C 196 19.34 1.33 41.54
C GLY C 196 19.97 0.03 41.15
N LEU C 197 20.44 -0.03 39.91
CA LEU C 197 21.10 -1.22 39.38
C LEU C 197 22.54 -0.86 39.04
N ASN C 198 23.48 -1.70 39.44
CA ASN C 198 24.89 -1.41 39.16
C ASN C 198 25.25 -1.65 37.69
N ALA C 199 25.05 -0.64 36.85
CA ALA C 199 25.35 -0.75 35.42
C ALA C 199 26.72 -0.18 35.06
N VAL C 200 27.41 -0.89 34.17
CA VAL C 200 28.75 -0.52 33.70
C VAL C 200 28.88 -0.77 32.21
N ALA C 201 28.98 0.30 31.44
CA ALA C 201 29.10 0.16 30.00
C ALA C 201 30.51 -0.10 29.55
N TYR C 202 30.72 -1.20 28.84
CA TYR C 202 32.04 -1.57 28.36
C TYR C 202 32.09 -1.89 26.86
N TYR C 203 33.14 -1.41 26.20
CA TYR C 203 33.36 -1.63 24.78
C TYR C 203 34.78 -1.18 24.40
N ARG C 204 35.12 -1.29 23.13
CA ARG C 204 36.44 -0.89 22.67
C ARG C 204 36.82 0.51 23.13
N GLY C 205 37.97 0.60 23.79
CA GLY C 205 38.47 1.86 24.28
C GLY C 205 38.55 1.92 25.79
N LEU C 206 37.45 1.61 26.44
CA LEU C 206 37.38 1.65 27.89
C LEU C 206 38.41 0.81 28.60
N ASP C 207 38.52 1.03 29.89
CA ASP C 207 39.46 0.30 30.71
C ASP C 207 38.79 -0.96 31.24
N VAL C 208 39.35 -2.11 30.89
CA VAL C 208 38.80 -3.39 31.31
C VAL C 208 38.44 -3.38 32.79
N SER C 209 39.05 -2.46 33.54
CA SER C 209 38.81 -2.37 34.98
C SER C 209 37.39 -2.04 35.35
N VAL C 210 36.82 -1.01 34.70
CA VAL C 210 35.45 -0.59 34.99
C VAL C 210 34.62 -1.73 35.55
N ILE C 211 34.69 -2.90 34.92
CA ILE C 211 33.93 -4.05 35.40
C ILE C 211 34.50 -4.52 36.72
N PRO C 212 33.68 -4.52 37.79
CA PRO C 212 34.15 -4.99 39.09
C PRO C 212 34.40 -6.49 38.98
N PRO C 213 34.86 -7.10 40.04
CA PRO C 213 35.12 -8.54 39.99
C PRO C 213 34.26 -9.29 40.98
N ILE C 214 33.66 -8.55 41.90
CA ILE C 214 32.79 -9.15 42.87
C ILE C 214 31.54 -8.28 42.97
N GLY C 215 30.61 -8.74 43.81
CA GLY C 215 29.36 -8.02 44.00
C GLY C 215 28.48 -8.13 42.79
N ASP C 216 27.21 -7.79 42.95
CA ASP C 216 26.28 -7.87 41.85
C ASP C 216 26.66 -6.81 40.83
N VAL C 217 26.41 -7.13 39.56
CA VAL C 217 26.70 -6.23 38.45
C VAL C 217 26.12 -6.71 37.13
N VAL C 218 25.78 -5.74 36.29
CA VAL C 218 25.25 -6.01 34.97
C VAL C 218 26.16 -5.26 34.00
N VAL C 219 26.67 -5.96 32.99
CA VAL C 219 27.54 -5.33 32.03
C VAL C 219 26.86 -5.20 30.69
N VAL C 220 26.63 -3.95 30.28
CA VAL C 220 26.01 -3.64 29.01
C VAL C 220 27.24 -3.46 28.15
N ALA C 221 27.70 -4.54 27.55
CA ALA C 221 28.91 -4.50 26.73
C ALA C 221 28.74 -5.02 25.30
N THR C 222 29.68 -4.67 24.45
CA THR C 222 29.67 -5.12 23.08
C THR C 222 30.79 -6.16 22.92
N ASP C 223 30.71 -6.98 21.89
CA ASP C 223 31.73 -7.99 21.65
C ASP C 223 33.11 -7.41 21.91
N ALA C 224 33.76 -7.90 22.96
CA ALA C 224 35.09 -7.43 23.31
C ALA C 224 35.42 -8.10 24.63
N LEU C 225 34.39 -8.74 25.18
CA LEU C 225 34.49 -9.45 26.46
C LEU C 225 34.49 -10.98 26.23
N PHE C 229 36.42 -16.19 31.56
CA PHE C 229 37.30 -15.21 32.27
C PHE C 229 36.81 -14.97 33.69
N THR C 230 37.54 -14.15 34.44
CA THR C 230 37.24 -13.80 35.83
C THR C 230 35.86 -13.11 35.94
N GLY C 231 35.23 -12.84 34.80
CA GLY C 231 33.92 -12.19 34.82
C GLY C 231 32.84 -13.04 35.46
N ASP C 232 32.99 -14.36 35.35
CA ASP C 232 32.03 -15.32 35.91
C ASP C 232 30.64 -14.75 35.97
N PHE C 233 29.95 -14.76 34.83
CA PHE C 233 28.61 -14.21 34.74
C PHE C 233 27.53 -15.25 34.95
N ASP C 234 26.39 -14.78 35.48
CA ASP C 234 25.26 -15.66 35.73
C ASP C 234 24.48 -15.89 34.46
N SER C 235 24.07 -14.80 33.82
CA SER C 235 23.30 -14.89 32.58
C SER C 235 23.87 -13.98 31.50
N VAL C 236 23.52 -14.27 30.24
CA VAL C 236 23.99 -13.47 29.13
C VAL C 236 22.88 -13.11 28.17
N ILE C 237 22.14 -12.03 28.47
CA ILE C 237 21.07 -11.60 27.60
C ILE C 237 21.73 -11.16 26.31
N ASP C 238 21.21 -11.58 25.16
CA ASP C 238 21.83 -11.23 23.88
C ASP C 238 20.89 -10.57 22.88
N CYS C 239 21.36 -9.47 22.25
CA CYS C 239 20.56 -8.73 21.29
C CYS C 239 20.39 -9.47 19.97
N ASN C 240 21.19 -10.52 19.77
CA ASN C 240 21.13 -11.34 18.56
C ASN C 240 21.58 -10.69 17.25
N THR C 241 21.47 -9.38 17.13
CA THR C 241 21.93 -8.73 15.89
C THR C 241 23.44 -8.57 15.99
N CYS C 242 24.05 -8.08 14.90
CA CYS C 242 25.50 -7.91 14.83
C CYS C 242 25.77 -6.79 13.82
N VAL C 243 26.99 -6.28 13.77
CA VAL C 243 27.32 -5.23 12.82
C VAL C 243 28.50 -5.57 11.93
N THR C 244 28.32 -5.42 10.64
CA THR C 244 29.40 -5.74 9.73
C THR C 244 29.41 -4.74 8.60
N GLN C 245 30.45 -4.80 7.79
CA GLN C 245 30.57 -3.91 6.65
C GLN C 245 30.26 -4.67 5.37
N THR C 246 29.57 -3.99 4.47
CA THR C 246 29.19 -4.58 3.20
C THR C 246 29.51 -3.62 2.07
N VAL C 247 29.83 -4.18 0.92
CA VAL C 247 30.11 -3.39 -0.27
C VAL C 247 28.86 -3.54 -1.11
N ASP C 248 28.41 -2.47 -1.74
CA ASP C 248 27.22 -2.55 -2.58
C ASP C 248 27.39 -1.81 -3.90
N PHE C 249 28.10 -2.42 -4.83
CA PHE C 249 28.36 -1.82 -6.14
C PHE C 249 27.10 -1.04 -6.54
N SER C 250 27.23 0.26 -6.73
CA SER C 250 26.07 1.07 -7.07
C SER C 250 26.30 2.16 -8.11
N LEU C 251 27.21 1.91 -9.03
CA LEU C 251 27.56 2.88 -10.05
C LEU C 251 27.15 4.30 -9.66
N ASP C 252 27.72 4.79 -8.57
CA ASP C 252 27.42 6.14 -8.10
C ASP C 252 28.56 6.67 -7.25
N PRO C 253 29.73 6.84 -7.86
CA PRO C 253 29.94 6.55 -9.28
C PRO C 253 30.60 5.20 -9.47
N THR C 254 31.10 4.60 -8.40
CA THR C 254 31.70 3.27 -8.49
C THR C 254 31.03 2.32 -7.54
N PHE C 255 31.19 2.55 -6.24
CA PHE C 255 30.56 1.68 -5.27
C PHE C 255 30.28 2.35 -3.95
N THR C 256 30.28 1.57 -2.88
CA THR C 256 30.02 2.07 -1.53
C THR C 256 30.38 0.98 -0.53
N ILE C 257 30.83 1.38 0.65
CA ILE C 257 31.18 0.42 1.69
C ILE C 257 30.56 0.86 2.99
N GLU C 258 29.26 0.67 3.12
CA GLU C 258 28.57 1.09 4.35
C GLU C 258 28.58 0.04 5.43
N THR C 259 28.55 0.50 6.67
CA THR C 259 28.54 -0.37 7.84
C THR C 259 27.08 -0.66 8.10
N THR C 260 26.72 -1.93 8.20
CA THR C 260 25.33 -2.27 8.43
C THR C 260 25.15 -3.21 9.57
N THR C 261 23.98 -3.12 10.19
CA THR C 261 23.64 -3.96 11.33
C THR C 261 22.85 -5.17 10.87
N VAL C 262 23.56 -6.30 10.74
CA VAL C 262 22.97 -7.55 10.28
C VAL C 262 23.00 -8.64 11.37
N PRO C 263 22.11 -9.63 11.27
CA PRO C 263 21.96 -10.76 12.20
C PRO C 263 23.19 -11.62 12.45
N GLN C 264 23.36 -12.07 13.69
CA GLN C 264 24.51 -12.88 14.08
C GLN C 264 24.53 -14.22 13.40
N ASP C 265 25.71 -14.77 13.21
CA ASP C 265 25.84 -16.07 12.59
C ASP C 265 26.04 -17.05 13.73
N ALA C 266 25.89 -18.33 13.46
CA ALA C 266 26.04 -19.36 14.50
C ALA C 266 27.25 -19.11 15.40
N VAL C 267 28.34 -18.66 14.81
CA VAL C 267 29.54 -18.39 15.58
C VAL C 267 29.33 -17.31 16.63
N SER C 268 29.03 -16.11 16.17
CA SER C 268 28.80 -14.98 17.07
C SER C 268 27.82 -15.32 18.17
N ARG C 269 26.95 -16.28 17.91
CA ARG C 269 25.95 -16.67 18.89
C ARG C 269 26.47 -17.77 19.79
N SER C 270 27.74 -18.11 19.63
CA SER C 270 28.35 -19.16 20.44
C SER C 270 29.51 -18.60 21.22
N GLN C 271 29.81 -17.33 21.02
CA GLN C 271 30.90 -16.72 21.75
C GLN C 271 30.23 -16.00 22.90
N ARG C 272 29.04 -15.49 22.62
CA ARG C 272 28.26 -14.74 23.59
C ARG C 272 27.52 -15.68 24.53
N ARG C 273 26.93 -16.72 23.97
CA ARG C 273 26.19 -17.66 24.79
C ARG C 273 27.18 -18.30 25.74
N GLY C 274 28.38 -18.55 25.25
CA GLY C 274 29.40 -19.17 26.07
C GLY C 274 30.14 -18.21 26.99
N ARG C 275 29.73 -16.94 27.03
CA ARG C 275 30.41 -16.01 27.92
C ARG C 275 30.02 -16.35 29.36
N THR C 276 29.02 -17.23 29.50
CA THR C 276 28.57 -17.67 30.82
C THR C 276 28.32 -19.17 30.83
N GLY C 277 27.76 -19.67 31.92
CA GLY C 277 27.50 -21.09 32.01
C GLY C 277 28.81 -21.85 32.15
N ARG C 278 29.92 -21.17 31.88
CA ARG C 278 31.25 -21.78 31.97
C ARG C 278 31.59 -22.03 33.44
N GLY C 279 31.60 -23.31 33.84
CA GLY C 279 31.90 -23.66 35.22
C GLY C 279 30.60 -23.70 36.01
N ARG C 280 30.33 -22.62 36.74
CA ARG C 280 29.10 -22.50 37.52
C ARG C 280 27.92 -22.31 36.55
N SER C 281 27.01 -23.29 36.48
CA SER C 281 25.83 -23.30 35.61
C SER C 281 25.15 -21.92 35.39
N GLY C 282 25.18 -21.43 34.14
CA GLY C 282 24.60 -20.14 33.81
C GLY C 282 23.40 -20.17 32.88
N ILE C 283 22.94 -18.99 32.46
CA ILE C 283 21.77 -18.87 31.59
C ILE C 283 21.95 -17.94 30.38
N TYR C 284 21.33 -18.31 29.26
CA TYR C 284 21.40 -17.52 28.05
C TYR C 284 20.02 -17.01 27.67
N ARG C 285 19.90 -15.72 27.39
CA ARG C 285 18.61 -15.13 27.01
C ARG C 285 18.66 -14.31 25.72
N PHE C 286 17.86 -14.73 24.75
CA PHE C 286 17.79 -14.11 23.42
C PHE C 286 16.51 -13.38 22.99
N VAL C 287 16.64 -12.61 21.91
CA VAL C 287 15.53 -11.84 21.33
C VAL C 287 14.91 -12.58 20.14
N THR C 288 15.63 -12.56 19.00
CA THR C 288 15.21 -13.22 17.77
C THR C 288 15.74 -14.64 17.82
N PRO C 289 14.86 -15.65 17.79
CA PRO C 289 15.26 -17.05 17.84
C PRO C 289 15.85 -17.58 16.53
N GLY C 290 16.38 -18.80 16.58
CA GLY C 290 16.96 -19.43 15.41
C GLY C 290 18.15 -18.70 14.81
N GLU C 291 19.33 -19.16 15.16
CA GLU C 291 20.56 -18.55 14.67
C GLU C 291 20.77 -18.78 13.18
N ARG C 292 21.43 -17.84 12.51
CA ARG C 292 21.73 -18.02 11.10
C ARG C 292 22.99 -18.88 11.09
N PRO C 293 23.29 -19.55 9.98
CA PRO C 293 24.46 -20.44 9.80
C PRO C 293 25.75 -19.68 9.54
N SER C 294 26.88 -20.37 9.71
CA SER C 294 28.20 -19.75 9.54
C SER C 294 28.91 -20.02 8.22
N GLY C 295 30.15 -19.54 8.12
CA GLY C 295 31.00 -19.75 6.95
C GLY C 295 30.88 -18.98 5.64
N MET C 296 31.00 -17.65 5.68
CA MET C 296 30.89 -16.85 4.46
C MET C 296 31.27 -15.38 4.70
N PHE C 297 31.72 -14.69 3.65
CA PHE C 297 32.10 -13.32 3.87
C PHE C 297 31.98 -12.39 2.66
N ASP C 298 31.29 -11.28 2.86
CA ASP C 298 31.06 -10.28 1.82
C ASP C 298 32.31 -9.78 1.14
N SER C 299 32.16 -9.40 -0.11
CA SER C 299 33.26 -8.90 -0.91
C SER C 299 34.08 -7.87 -0.15
N SER C 300 33.50 -7.28 0.89
CA SER C 300 34.21 -6.28 1.68
C SER C 300 35.59 -6.80 2.00
N VAL C 301 35.63 -7.94 2.66
CA VAL C 301 36.89 -8.53 3.03
C VAL C 301 37.89 -8.55 1.89
N LEU C 302 37.48 -9.07 0.73
CA LEU C 302 38.39 -9.13 -0.41
C LEU C 302 39.06 -7.81 -0.76
N CYS C 303 38.39 -6.69 -0.51
CA CYS C 303 38.95 -5.38 -0.81
C CYS C 303 39.91 -5.02 0.30
N GLU C 304 39.41 -5.17 1.51
CA GLU C 304 40.15 -4.91 2.73
C GLU C 304 41.45 -5.68 2.69
N CYS C 305 41.48 -6.79 1.96
CA CYS C 305 42.71 -7.53 1.90
C CYS C 305 43.70 -6.72 1.09
N TYR C 306 43.37 -6.50 -0.18
CA TYR C 306 44.25 -5.78 -1.08
C TYR C 306 44.73 -4.50 -0.43
N ASP C 307 43.83 -3.86 0.29
CA ASP C 307 44.15 -2.61 0.97
C ASP C 307 45.15 -2.84 2.10
N ALA C 308 44.78 -3.68 3.04
CA ALA C 308 45.63 -4.01 4.17
C ALA C 308 46.84 -4.77 3.65
N GLY C 309 46.86 -5.01 2.35
CA GLY C 309 47.97 -5.74 1.76
C GLY C 309 48.92 -4.84 1.03
N CYS C 310 48.50 -3.61 0.79
CA CYS C 310 49.30 -2.62 0.11
C CYS C 310 49.78 -1.67 1.18
N ALA C 311 48.93 -1.53 2.21
CA ALA C 311 49.21 -0.64 3.32
C ALA C 311 50.07 -1.27 4.41
N TRP C 312 49.54 -2.26 5.11
CA TRP C 312 50.30 -2.85 6.19
C TRP C 312 51.41 -3.79 5.82
N TYR C 313 51.07 -4.88 5.16
CA TYR C 313 52.05 -5.92 4.81
C TYR C 313 52.81 -5.66 3.52
N GLU C 314 52.52 -4.52 2.90
CA GLU C 314 53.21 -4.12 1.67
C GLU C 314 53.31 -5.26 0.65
N LEU C 315 52.20 -5.48 -0.08
CA LEU C 315 52.14 -6.53 -1.09
C LEU C 315 51.40 -6.13 -2.36
N THR C 316 52.02 -6.44 -3.50
CA THR C 316 51.50 -6.11 -4.81
C THR C 316 50.13 -6.68 -5.08
N PRO C 317 49.20 -5.85 -5.59
CA PRO C 317 47.85 -6.35 -5.87
C PRO C 317 47.91 -7.72 -6.51
N ALA C 318 48.97 -7.96 -7.27
CA ALA C 318 49.15 -9.24 -7.93
C ALA C 318 49.32 -10.25 -6.83
N GLU C 319 50.39 -10.08 -6.06
CA GLU C 319 50.70 -10.99 -4.99
C GLU C 319 49.53 -11.28 -4.05
N THR C 320 48.68 -10.29 -3.76
CA THR C 320 47.58 -10.57 -2.86
C THR C 320 46.72 -11.62 -3.53
N SER C 321 46.21 -11.30 -4.70
CA SER C 321 45.39 -12.25 -5.41
C SER C 321 46.04 -13.59 -5.28
N VAL C 322 47.33 -13.65 -5.60
CA VAL C 322 48.06 -14.91 -5.51
C VAL C 322 47.70 -15.66 -4.25
N ARG C 323 47.79 -14.98 -3.11
CA ARG C 323 47.48 -15.58 -1.82
C ARG C 323 46.01 -16.00 -1.76
N LEU C 324 45.09 -15.09 -2.01
CA LEU C 324 43.68 -15.44 -1.96
C LEU C 324 43.28 -16.59 -2.90
N ARG C 325 43.88 -16.63 -4.07
CA ARG C 325 43.58 -17.68 -5.03
C ARG C 325 43.68 -19.05 -4.40
N ALA C 326 44.54 -19.17 -3.40
CA ALA C 326 44.74 -20.44 -2.74
C ALA C 326 43.77 -20.62 -1.61
N TYR C 327 42.70 -19.83 -1.61
CA TYR C 327 41.69 -19.89 -0.57
C TYR C 327 40.33 -20.29 -1.15
N LEU C 328 39.93 -19.70 -2.28
CA LEU C 328 38.66 -20.05 -2.90
C LEU C 328 38.80 -21.52 -3.19
N ASN C 329 40.00 -21.90 -3.59
CA ASN C 329 40.35 -23.27 -3.92
C ASN C 329 40.16 -24.27 -2.78
N THR C 330 41.02 -24.24 -1.77
CA THR C 330 40.85 -25.19 -0.67
C THR C 330 39.42 -25.21 -0.17
N PRO C 331 38.85 -26.41 -0.02
CA PRO C 331 37.49 -26.69 0.44
C PRO C 331 37.40 -26.82 1.96
N GLY C 332 36.40 -26.17 2.55
CA GLY C 332 36.24 -26.25 3.98
C GLY C 332 36.31 -24.89 4.61
N LEU C 333 36.96 -23.96 3.91
CA LEU C 333 37.09 -22.60 4.40
C LEU C 333 35.91 -21.87 3.85
N PRO C 334 35.41 -20.87 4.59
CA PRO C 334 34.25 -20.06 4.22
C PRO C 334 34.18 -19.68 2.74
N VAL C 335 33.00 -19.31 2.29
CA VAL C 335 32.81 -18.96 0.89
C VAL C 335 32.62 -17.48 0.64
N CYS C 336 32.81 -17.06 -0.61
CA CYS C 336 32.65 -15.67 -1.02
C CYS C 336 32.54 -15.57 -2.53
N GLN C 337 32.12 -14.41 -3.03
CA GLN C 337 32.02 -14.22 -4.46
C GLN C 337 33.43 -14.06 -5.02
N ASP C 338 33.78 -14.79 -6.06
CA ASP C 338 35.12 -14.66 -6.62
C ASP C 338 35.27 -13.37 -7.40
N HIS C 339 35.61 -12.31 -6.69
CA HIS C 339 35.84 -11.00 -7.26
C HIS C 339 37.31 -10.71 -7.27
N LEU C 340 38.12 -11.73 -7.01
CA LEU C 340 39.56 -11.54 -6.97
C LEU C 340 40.09 -10.74 -8.17
N GLU C 341 39.63 -11.08 -9.37
CA GLU C 341 40.11 -10.39 -10.56
C GLU C 341 39.67 -8.94 -10.55
N PHE C 342 38.48 -8.66 -10.05
CA PHE C 342 38.00 -7.29 -10.02
C PHE C 342 38.74 -6.40 -9.06
N TRP C 343 38.70 -6.76 -7.78
CA TRP C 343 39.37 -5.98 -6.75
C TRP C 343 40.82 -5.77 -7.09
N GLU C 344 41.42 -6.70 -7.82
CA GLU C 344 42.81 -6.51 -8.16
C GLU C 344 42.89 -5.33 -9.13
N SER C 345 42.01 -5.30 -10.14
CA SER C 345 42.04 -4.20 -11.08
C SER C 345 41.99 -2.88 -10.33
N VAL C 346 40.91 -2.69 -9.57
CA VAL C 346 40.69 -1.47 -8.80
C VAL C 346 41.86 -0.96 -8.01
N PHE C 347 42.88 -1.77 -7.82
CA PHE C 347 44.03 -1.32 -7.03
C PHE C 347 45.22 -0.96 -7.87
N THR C 348 45.59 -1.86 -8.77
CA THR C 348 46.73 -1.61 -9.60
C THR C 348 46.65 -0.22 -10.18
N GLY C 349 45.43 0.26 -10.40
CA GLY C 349 45.27 1.60 -10.94
C GLY C 349 45.54 2.69 -9.92
N LEU C 350 45.19 2.43 -8.66
CA LEU C 350 45.39 3.37 -7.56
C LEU C 350 46.86 3.48 -7.19
N THR C 351 47.65 4.22 -7.96
CA THR C 351 49.07 4.34 -7.67
C THR C 351 49.50 5.74 -7.23
N HIS C 352 50.77 5.86 -6.83
CA HIS C 352 51.36 7.11 -6.37
C HIS C 352 50.58 7.67 -5.19
N ILE C 353 50.22 6.80 -4.26
CA ILE C 353 49.49 7.22 -3.08
C ILE C 353 50.41 8.16 -2.33
N ASP C 354 49.85 9.19 -1.68
CA ASP C 354 50.63 10.16 -0.91
C ASP C 354 51.09 9.55 0.40
N ALA C 355 52.26 8.90 0.37
CA ALA C 355 52.82 8.24 1.54
C ALA C 355 52.52 8.94 2.85
N HIS C 356 52.48 10.26 2.85
CA HIS C 356 52.17 10.94 4.09
C HIS C 356 50.79 10.47 4.52
N PHE C 357 49.80 10.80 3.71
CA PHE C 357 48.40 10.43 3.95
C PHE C 357 48.26 8.96 4.37
N LEU C 358 48.91 8.07 3.62
CA LEU C 358 48.86 6.64 3.91
C LEU C 358 49.29 6.41 5.36
N SER C 359 50.52 6.78 5.66
CA SER C 359 51.05 6.61 7.01
C SER C 359 50.14 7.28 8.01
N GLN C 360 49.69 8.47 7.68
CA GLN C 360 48.81 9.19 8.56
C GLN C 360 47.62 8.32 8.88
N THR C 361 46.96 7.82 7.84
CA THR C 361 45.78 6.97 8.00
C THR C 361 46.08 5.66 8.68
N LYS C 362 47.13 4.97 8.27
CA LYS C 362 47.43 3.72 8.94
C LYS C 362 47.44 4.00 10.43
N GLN C 363 48.25 4.99 10.82
CA GLN C 363 48.39 5.38 12.22
C GLN C 363 47.14 6.05 12.80
N ALA C 364 46.02 5.93 12.09
CA ALA C 364 44.76 6.52 12.52
C ALA C 364 43.72 5.48 12.88
N GLY C 365 43.95 4.24 12.43
CA GLY C 365 43.01 3.16 12.71
C GLY C 365 41.87 3.10 11.72
N ASP C 366 41.92 3.97 10.72
CA ASP C 366 40.91 4.06 9.68
C ASP C 366 40.73 2.69 9.05
N ASN C 367 39.48 2.28 8.89
CA ASN C 367 39.22 0.96 8.34
C ASN C 367 39.81 0.69 6.99
N PHE C 368 39.56 1.54 6.01
CA PHE C 368 40.17 1.26 4.73
C PHE C 368 41.18 2.37 4.50
N PRO C 369 42.34 2.28 5.14
CA PRO C 369 43.40 3.27 5.01
C PRO C 369 43.88 3.58 3.60
N TYR C 370 44.25 2.56 2.84
CA TYR C 370 44.72 2.80 1.50
C TYR C 370 43.62 3.34 0.67
N LEU C 371 42.38 3.00 0.98
CA LEU C 371 41.30 3.53 0.19
C LEU C 371 40.97 4.94 0.63
N VAL C 372 41.04 5.21 1.93
CA VAL C 372 40.76 6.56 2.46
C VAL C 372 41.82 7.58 2.02
N ALA C 373 43.08 7.13 1.98
CA ALA C 373 44.21 7.97 1.60
C ALA C 373 44.20 8.34 0.15
N TYR C 374 43.90 7.39 -0.72
CA TYR C 374 43.90 7.74 -2.12
C TYR C 374 42.82 8.77 -2.40
N GLN C 375 41.66 8.63 -1.80
CA GLN C 375 40.62 9.61 -2.04
C GLN C 375 41.08 10.92 -1.45
N ALA C 376 42.11 10.86 -0.62
CA ALA C 376 42.64 12.08 -0.03
C ALA C 376 43.67 12.57 -1.00
N THR C 377 44.59 11.68 -1.34
CA THR C 377 45.68 11.98 -2.25
C THR C 377 45.24 12.69 -3.51
N VAL C 378 44.21 12.17 -4.16
CA VAL C 378 43.71 12.79 -5.39
C VAL C 378 42.95 14.05 -5.01
N CYS C 379 42.42 14.09 -3.80
CA CYS C 379 41.69 15.26 -3.36
C CYS C 379 42.66 16.41 -3.29
N ALA C 380 43.76 16.21 -2.56
CA ALA C 380 44.76 17.26 -2.44
C ALA C 380 45.40 17.46 -3.80
N ARG C 381 45.83 16.35 -4.40
CA ARG C 381 46.47 16.34 -5.70
C ARG C 381 45.75 17.28 -6.64
N ALA C 382 44.43 17.38 -6.47
CA ALA C 382 43.61 18.22 -7.31
C ALA C 382 43.16 19.50 -6.64
N GLN C 383 43.66 19.75 -5.45
CA GLN C 383 43.31 20.97 -4.72
C GLN C 383 41.81 21.05 -4.40
N ALA C 384 41.19 19.93 -4.04
CA ALA C 384 39.77 19.94 -3.72
C ALA C 384 39.49 19.19 -2.41
N PRO C 385 38.50 19.67 -1.64
CA PRO C 385 38.12 19.08 -0.35
C PRO C 385 37.60 17.64 -0.34
N PRO C 386 37.78 16.92 0.78
CA PRO C 386 37.31 15.54 0.88
C PRO C 386 35.79 15.56 0.91
N PRO C 387 35.15 14.40 0.64
CA PRO C 387 33.68 14.35 0.65
C PRO C 387 33.11 15.17 1.80
N SER C 388 33.23 14.67 3.01
CA SER C 388 32.72 15.37 4.18
C SER C 388 33.92 15.67 5.03
N TRP C 389 33.69 16.21 6.23
CA TRP C 389 34.79 16.52 7.12
C TRP C 389 34.74 15.63 8.36
N ASP C 390 34.24 14.40 8.19
CA ASP C 390 34.16 13.45 9.29
C ASP C 390 35.57 13.26 9.81
N GLN C 391 35.69 12.83 11.05
CA GLN C 391 37.01 12.60 11.63
C GLN C 391 37.76 11.50 10.86
N MET C 392 37.52 11.42 9.55
CA MET C 392 38.18 10.42 8.73
C MET C 392 39.16 11.12 7.78
N TRP C 393 38.81 12.35 7.42
CA TRP C 393 39.64 13.14 6.52
C TRP C 393 40.61 14.06 7.24
N LYS C 394 40.52 14.06 8.57
CA LYS C 394 41.37 14.86 9.44
C LYS C 394 42.71 15.21 8.81
N CYS C 395 43.25 14.31 8.01
CA CYS C 395 44.54 14.52 7.37
C CYS C 395 44.53 15.65 6.37
N LEU C 396 43.39 16.31 6.22
CA LEU C 396 43.29 17.41 5.28
C LEU C 396 42.71 18.62 6.00
N ILE C 397 43.51 19.20 6.88
CA ILE C 397 43.06 20.37 7.60
C ILE C 397 43.99 21.53 7.30
N ARG C 398 45.30 21.25 7.34
CA ARG C 398 46.31 22.28 7.04
C ARG C 398 46.03 22.83 5.63
N LEU C 399 45.22 22.11 4.86
CA LEU C 399 44.87 22.51 3.50
C LEU C 399 43.46 23.08 3.29
N LYS C 400 42.58 22.92 4.28
CA LYS C 400 41.19 23.39 4.18
C LYS C 400 41.01 24.73 3.45
N PRO C 401 41.88 25.71 3.73
CA PRO C 401 41.78 27.03 3.07
C PRO C 401 42.02 26.89 1.57
N THR C 402 43.12 26.26 1.21
CA THR C 402 43.47 26.07 -0.18
C THR C 402 42.70 24.88 -0.71
N LEU C 403 41.39 24.91 -0.57
CA LEU C 403 40.57 23.81 -1.05
C LEU C 403 39.17 24.25 -1.38
N HIS C 404 38.87 24.30 -2.68
CA HIS C 404 37.56 24.72 -3.14
C HIS C 404 37.04 23.70 -4.14
N GLY C 405 35.92 24.03 -4.77
CA GLY C 405 35.32 23.13 -5.75
C GLY C 405 34.76 21.81 -5.22
N PRO C 406 33.96 21.12 -6.03
CA PRO C 406 33.35 19.84 -5.67
C PRO C 406 34.39 18.74 -5.59
N THR C 407 34.11 17.73 -4.78
CA THR C 407 35.00 16.61 -4.57
C THR C 407 35.04 15.64 -5.73
N PRO C 408 36.22 15.13 -6.09
CA PRO C 408 36.35 14.19 -7.19
C PRO C 408 36.10 12.81 -6.56
N LEU C 409 34.82 12.48 -6.40
CA LEU C 409 34.39 11.25 -5.76
C LEU C 409 34.78 9.98 -6.49
N LEU C 410 35.77 9.29 -5.97
CA LEU C 410 36.24 8.04 -6.56
C LEU C 410 35.36 6.89 -6.11
N TYR C 411 34.74 7.03 -4.95
CA TYR C 411 33.89 5.98 -4.45
C TYR C 411 33.31 6.35 -3.12
N ARG C 412 32.05 6.02 -2.92
CA ARG C 412 31.37 6.31 -1.67
C ARG C 412 31.89 5.34 -0.61
N LEU C 413 32.71 5.85 0.29
CA LEU C 413 33.28 5.01 1.31
C LEU C 413 32.83 5.51 2.67
N GLY C 414 32.14 6.64 2.65
CA GLY C 414 31.66 7.24 3.88
C GLY C 414 30.43 8.04 3.57
N ALA C 415 30.24 9.16 4.25
CA ALA C 415 29.06 9.99 4.03
C ALA C 415 29.36 11.24 3.21
N VAL C 416 29.20 11.16 1.90
CA VAL C 416 29.49 12.30 1.02
C VAL C 416 28.57 13.49 1.28
N GLN C 417 29.14 14.58 1.79
CA GLN C 417 28.37 15.79 2.09
C GLN C 417 28.96 16.98 1.35
N ASN C 418 28.96 16.94 0.04
CA ASN C 418 29.51 18.04 -0.71
C ASN C 418 29.25 17.87 -2.18
N GLU C 419 29.25 18.98 -2.93
CA GLU C 419 29.02 18.89 -4.36
C GLU C 419 30.17 18.02 -4.85
N VAL C 420 29.89 17.14 -5.81
CA VAL C 420 30.92 16.25 -6.32
C VAL C 420 30.95 16.17 -7.83
N ILE C 421 31.92 15.42 -8.31
CA ILE C 421 32.11 15.21 -9.73
C ILE C 421 32.38 13.72 -9.88
N LEU C 422 32.34 13.20 -11.09
CA LEU C 422 32.59 11.80 -11.25
C LEU C 422 33.33 11.58 -12.54
N THR C 423 33.93 12.64 -13.04
CA THR C 423 34.64 12.58 -14.30
C THR C 423 36.14 12.43 -14.16
N HIS C 424 36.63 12.30 -12.94
CA HIS C 424 38.06 12.16 -12.73
C HIS C 424 38.56 10.97 -13.52
N PRO C 425 39.80 11.06 -14.03
CA PRO C 425 40.39 9.96 -14.80
C PRO C 425 40.39 8.67 -14.04
N ILE C 426 40.57 8.78 -12.73
CA ILE C 426 40.58 7.61 -11.86
C ILE C 426 39.18 7.08 -11.59
N THR C 427 38.25 7.97 -11.22
CA THR C 427 36.89 7.52 -10.99
C THR C 427 36.55 6.68 -12.20
N LYS C 428 36.62 7.31 -13.37
CA LYS C 428 36.31 6.62 -14.61
C LYS C 428 37.01 5.26 -14.70
N TYR C 429 38.31 5.23 -14.41
CA TYR C 429 39.07 3.99 -14.45
C TYR C 429 38.31 2.89 -13.76
N ILE C 430 38.38 2.85 -12.43
CA ILE C 430 37.65 1.85 -11.67
C ILE C 430 36.30 1.59 -12.33
N MET C 431 35.55 2.65 -12.57
CA MET C 431 34.23 2.54 -13.20
C MET C 431 34.31 1.56 -14.36
N ALA C 432 35.37 1.68 -15.13
CA ALA C 432 35.57 0.80 -16.26
C ALA C 432 36.17 -0.51 -15.77
N CYS C 433 37.03 -0.43 -14.77
CA CYS C 433 37.62 -1.64 -14.22
C CYS C 433 36.44 -2.49 -13.74
N MET C 434 35.27 -1.87 -13.64
CA MET C 434 34.05 -2.55 -13.21
C MET C 434 33.67 -3.64 -14.22
N SER C 435 34.39 -4.76 -14.11
CA SER C 435 34.22 -5.94 -14.96
C SER C 435 34.92 -7.15 -14.36
N PRO D 1 -19.62 18.76 18.81
CA PRO D 1 -19.68 18.11 20.15
C PRO D 1 -20.98 17.35 20.32
N PRO D 2 -20.98 16.05 19.97
CA PRO D 2 -22.13 15.15 20.06
C PRO D 2 -22.50 14.78 21.47
N ALA D 3 -23.64 14.10 21.59
CA ALA D 3 -24.14 13.67 22.88
C ALA D 3 -23.15 12.68 23.49
N VAL D 4 -23.41 12.30 24.74
CA VAL D 4 -22.55 11.35 25.43
C VAL D 4 -23.37 10.26 26.10
N PRO D 5 -24.42 9.76 25.42
CA PRO D 5 -25.31 8.72 25.95
C PRO D 5 -24.68 7.71 26.89
N GLN D 6 -25.34 7.47 28.01
CA GLN D 6 -24.86 6.53 29.01
C GLN D 6 -24.83 5.07 28.55
N THR D 7 -25.52 4.78 27.45
CA THR D 7 -25.57 3.41 26.92
C THR D 7 -24.39 3.12 25.98
N PHE D 8 -24.54 3.53 24.73
CA PHE D 8 -23.50 3.37 23.71
C PHE D 8 -24.02 3.96 22.41
N GLN D 9 -23.12 4.54 21.64
CA GLN D 9 -23.52 5.16 20.39
C GLN D 9 -22.25 5.35 19.59
N VAL D 10 -22.39 5.40 18.28
CA VAL D 10 -21.24 5.61 17.41
C VAL D 10 -21.61 6.86 16.64
N ALA D 11 -21.05 7.98 17.04
CA ALA D 11 -21.39 9.22 16.39
C ALA D 11 -20.48 9.62 15.26
N HIS D 12 -21.08 10.19 14.23
CA HIS D 12 -20.33 10.66 13.10
C HIS D 12 -20.31 12.18 13.18
N LEU D 13 -19.13 12.76 13.35
CA LEU D 13 -19.01 14.21 13.44
C LEU D 13 -18.42 14.77 12.16
N HIS D 14 -19.23 14.81 11.13
CA HIS D 14 -18.78 15.30 9.83
C HIS D 14 -18.71 16.80 9.78
N ALA D 15 -17.59 17.36 10.24
CA ALA D 15 -17.42 18.81 10.23
C ALA D 15 -16.22 19.23 9.38
N PRO D 16 -16.26 20.46 8.82
CA PRO D 16 -15.15 20.93 7.98
C PRO D 16 -13.80 21.05 8.70
N THR D 17 -12.79 21.43 7.93
CA THR D 17 -11.43 21.57 8.45
C THR D 17 -11.33 22.77 9.36
N GLY D 18 -10.31 22.77 10.22
CA GLY D 18 -10.11 23.88 11.13
C GLY D 18 -11.25 24.22 12.10
N SER D 19 -12.20 23.31 12.26
CA SER D 19 -13.33 23.54 13.16
C SER D 19 -12.97 23.27 14.61
N GLY D 20 -11.78 22.69 14.82
CA GLY D 20 -11.34 22.40 16.18
C GLY D 20 -11.70 20.99 16.60
N LYS D 21 -12.07 20.19 15.61
CA LYS D 21 -12.46 18.80 15.77
C LYS D 21 -11.55 17.98 16.68
N SER D 22 -10.24 18.11 16.50
CA SER D 22 -9.29 17.34 17.30
C SER D 22 -8.67 18.17 18.38
N THR D 23 -9.34 19.24 18.78
CA THR D 23 -8.79 20.10 19.79
C THR D 23 -9.85 20.68 20.68
N LYS D 24 -10.85 21.31 20.07
CA LYS D 24 -11.92 21.91 20.82
C LYS D 24 -12.90 20.86 21.31
N VAL D 25 -13.50 20.12 20.38
CA VAL D 25 -14.46 19.10 20.75
C VAL D 25 -13.95 18.28 21.92
N PRO D 26 -12.74 17.72 21.80
CA PRO D 26 -12.32 16.95 22.96
C PRO D 26 -12.39 17.83 24.20
N ALA D 27 -11.76 19.00 24.15
CA ALA D 27 -11.76 19.92 25.28
C ALA D 27 -13.15 20.11 25.85
N ALA D 28 -14.12 20.28 24.98
CA ALA D 28 -15.48 20.44 25.45
C ALA D 28 -15.72 19.26 26.36
N TYR D 29 -15.58 18.07 25.78
CA TYR D 29 -15.77 16.81 26.50
C TYR D 29 -14.98 16.71 27.81
N ALA D 30 -13.68 17.02 27.75
CA ALA D 30 -12.80 16.93 28.91
C ALA D 30 -13.09 17.92 30.00
N ALA D 31 -14.19 18.63 29.85
CA ALA D 31 -14.59 19.62 30.85
C ALA D 31 -15.86 19.14 31.55
N GLN D 32 -16.20 17.88 31.35
CA GLN D 32 -17.39 17.36 31.97
C GLN D 32 -17.04 16.11 32.72
N GLY D 33 -15.74 15.93 32.96
CA GLY D 33 -15.29 14.75 33.68
C GLY D 33 -15.00 13.56 32.80
N TYR D 34 -15.55 13.57 31.59
CA TYR D 34 -15.33 12.49 30.66
C TYR D 34 -13.86 12.40 30.31
N LYS D 35 -13.36 11.17 30.24
CA LYS D 35 -11.98 10.85 29.90
C LYS D 35 -12.00 10.62 28.41
N VAL D 36 -11.21 11.37 27.67
CA VAL D 36 -11.22 11.23 26.23
C VAL D 36 -9.94 10.70 25.61
N LEU D 37 -10.09 10.16 24.41
CA LEU D 37 -8.96 9.61 23.69
C LEU D 37 -9.14 10.00 22.25
N VAL D 38 -8.14 10.68 21.70
CA VAL D 38 -8.21 11.12 20.32
C VAL D 38 -7.12 10.45 19.49
N LEU D 39 -7.50 9.92 18.34
CA LEU D 39 -6.56 9.26 17.47
C LEU D 39 -6.37 10.01 16.15
N ASN D 40 -5.17 9.92 15.60
CA ASN D 40 -4.88 10.64 14.39
C ASN D 40 -3.84 9.86 13.60
N PRO D 41 -3.99 9.80 12.28
CA PRO D 41 -3.09 9.10 11.38
C PRO D 41 -1.62 9.48 11.41
N SER D 42 -1.33 10.74 11.75
CA SER D 42 0.05 11.23 11.78
C SER D 42 0.58 11.61 13.12
N VAL D 43 1.87 11.41 13.31
CA VAL D 43 2.53 11.75 14.57
C VAL D 43 2.56 13.25 14.68
N ALA D 44 3.23 13.83 13.71
CA ALA D 44 3.38 15.27 13.63
C ALA D 44 2.05 16.00 13.88
N ALA D 45 0.93 15.30 13.81
CA ALA D 45 -0.36 15.93 14.06
C ALA D 45 -0.66 15.72 15.52
N THR D 46 -0.39 14.51 15.97
CA THR D 46 -0.60 14.19 17.35
C THR D 46 0.22 15.19 18.14
N LEU D 47 1.53 15.01 18.18
CA LEU D 47 2.38 15.93 18.92
C LEU D 47 2.00 17.38 18.69
N GLY D 48 1.44 17.67 17.52
CA GLY D 48 1.02 19.03 17.25
C GLY D 48 -0.07 19.41 18.24
N PHE D 49 -1.29 18.95 17.97
CA PHE D 49 -2.40 19.21 18.84
C PHE D 49 -1.98 19.08 20.32
N GLY D 50 -1.15 18.09 20.61
CA GLY D 50 -0.70 17.90 21.97
C GLY D 50 -0.14 19.14 22.66
N ALA D 51 0.25 20.12 21.86
CA ALA D 51 0.81 21.36 22.40
C ALA D 51 -0.23 22.46 22.34
N TYR D 52 -0.74 22.74 21.14
CA TYR D 52 -1.75 23.77 20.96
C TYR D 52 -2.87 23.54 21.97
N MET D 53 -2.96 22.32 22.49
CA MET D 53 -3.99 22.00 23.46
C MET D 53 -3.57 22.40 24.87
N SER D 54 -2.28 22.68 25.06
CA SER D 54 -1.79 23.07 26.38
C SER D 54 -1.53 24.54 26.37
N LYS D 55 -0.68 24.98 25.43
CA LYS D 55 -0.38 26.40 25.35
C LYS D 55 -1.50 27.17 24.62
N ALA D 56 -2.71 27.13 25.18
CA ALA D 56 -3.88 27.84 24.64
C ALA D 56 -5.21 27.11 24.82
N HIS D 57 -5.42 26.55 26.00
CA HIS D 57 -6.65 25.84 26.29
C HIS D 57 -6.54 25.36 27.72
N GLY D 58 -5.34 25.53 28.27
CA GLY D 58 -5.08 25.15 29.64
C GLY D 58 -5.21 23.68 29.98
N ILE D 59 -4.78 22.82 29.08
CA ILE D 59 -4.84 21.40 29.34
C ILE D 59 -3.53 20.76 28.97
N ASP D 60 -3.14 19.75 29.74
CA ASP D 60 -1.91 19.01 29.49
C ASP D 60 -2.27 17.55 29.15
N PRO D 61 -2.53 17.25 27.86
CA PRO D 61 -2.89 15.90 27.42
C PRO D 61 -1.69 14.95 27.36
N ASN D 62 -1.91 13.66 27.62
CA ASN D 62 -0.81 12.71 27.54
C ASN D 62 -0.65 12.57 26.05
N ILE D 63 0.56 12.48 25.54
CA ILE D 63 0.72 12.34 24.13
C ILE D 63 1.45 11.07 23.84
N ARG D 64 0.73 10.06 23.37
CA ARG D 64 1.34 8.77 23.05
C ARG D 64 1.81 8.64 21.61
N THR D 65 3.07 8.30 21.43
CA THR D 65 3.64 8.12 20.10
C THR D 65 4.89 7.23 20.13
N GLY D 66 5.34 6.78 18.97
CA GLY D 66 6.53 5.94 18.94
C GLY D 66 7.77 6.78 19.16
N VAL D 67 7.83 7.94 18.51
CA VAL D 67 8.94 8.88 18.58
C VAL D 67 8.92 9.74 19.82
N ARG D 68 7.79 9.72 20.54
CA ARG D 68 7.64 10.52 21.75
C ARG D 68 6.47 9.99 22.56
N THR D 69 6.60 10.06 23.88
CA THR D 69 5.57 9.58 24.77
C THR D 69 5.57 10.44 26.03
N ILE D 70 4.44 11.05 26.35
CA ILE D 70 4.36 11.89 27.54
C ILE D 70 3.14 11.59 28.39
N THR D 71 3.33 11.25 29.66
CA THR D 71 2.17 10.98 30.48
C THR D 71 2.06 12.03 31.54
N THR D 72 0.92 12.70 31.51
CA THR D 72 0.59 13.77 32.41
C THR D 72 -0.38 13.21 33.40
N GLY D 73 -1.53 12.80 32.91
CA GLY D 73 -2.53 12.23 33.78
C GLY D 73 -3.84 12.89 33.49
N GLY D 74 -3.86 13.60 32.38
CA GLY D 74 -5.04 14.30 31.96
C GLY D 74 -6.05 13.32 31.40
N SER D 75 -7.33 13.71 31.38
CA SER D 75 -8.36 12.83 30.85
C SER D 75 -8.53 13.10 29.36
N ILE D 76 -7.42 13.42 28.71
CA ILE D 76 -7.42 13.62 27.27
C ILE D 76 -6.12 13.04 26.75
N THR D 77 -6.20 11.93 26.04
CA THR D 77 -5.01 11.29 25.52
C THR D 77 -4.90 11.38 24.03
N TYR D 78 -3.93 12.14 23.56
CA TYR D 78 -3.71 12.30 22.13
C TYR D 78 -2.63 11.34 21.74
N SER D 79 -3.00 10.21 21.14
CA SER D 79 -2.03 9.23 20.68
C SER D 79 -2.29 8.99 19.20
N THR D 80 -1.66 7.98 18.62
CA THR D 80 -1.91 7.73 17.21
C THR D 80 -2.38 6.31 17.05
N TYR D 81 -3.02 6.05 15.91
CA TYR D 81 -3.56 4.73 15.54
C TYR D 81 -2.47 3.71 15.68
N GLY D 82 -1.42 3.87 14.91
CA GLY D 82 -0.31 2.95 15.02
C GLY D 82 0.07 2.78 16.49
N LYS D 83 0.59 3.83 17.13
CA LYS D 83 0.98 3.70 18.52
C LYS D 83 -0.13 3.15 19.40
N PHE D 84 -1.37 3.26 18.94
CA PHE D 84 -2.52 2.75 19.69
C PHE D 84 -2.63 1.24 19.55
N LEU D 85 -2.43 0.76 18.33
CA LEU D 85 -2.49 -0.67 18.04
C LEU D 85 -1.31 -1.27 18.73
N ALA D 86 -0.20 -0.54 18.71
CA ALA D 86 1.02 -0.98 19.35
C ALA D 86 0.77 -1.26 20.84
N ASP D 87 0.19 -0.30 21.54
CA ASP D 87 -0.08 -0.43 22.97
C ASP D 87 -1.14 -1.48 23.29
N GLY D 88 -1.49 -2.30 22.30
CA GLY D 88 -2.48 -3.32 22.52
C GLY D 88 -3.90 -2.83 22.25
N GLY D 89 -4.03 -1.60 21.78
CA GLY D 89 -5.35 -1.08 21.50
C GLY D 89 -6.05 -0.67 22.77
N CYS D 90 -7.35 -0.95 22.88
CA CYS D 90 -8.08 -0.61 24.09
C CYS D 90 -7.85 -1.68 25.12
N SER D 91 -7.21 -2.78 24.69
CA SER D 91 -6.88 -3.94 25.54
C SER D 91 -6.46 -3.58 26.96
N GLY D 92 -6.15 -2.30 27.16
CA GLY D 92 -5.75 -1.81 28.47
C GLY D 92 -6.07 -0.34 28.61
N GLY D 93 -6.93 0.15 27.72
CA GLY D 93 -7.31 1.54 27.74
C GLY D 93 -8.72 1.87 28.25
N ALA D 94 -8.78 2.56 29.38
CA ALA D 94 -10.05 2.98 29.94
C ALA D 94 -10.26 4.40 29.47
N TYR D 95 -11.26 4.55 28.61
CA TYR D 95 -11.65 5.84 28.03
C TYR D 95 -13.18 5.88 27.94
N ASP D 96 -13.76 7.07 28.01
CA ASP D 96 -15.20 7.19 27.96
C ASP D 96 -15.69 7.70 26.62
N ILE D 97 -14.78 8.28 25.86
CA ILE D 97 -15.11 8.79 24.56
C ILE D 97 -13.90 8.54 23.71
N ILE D 98 -14.13 8.10 22.48
CA ILE D 98 -13.00 7.84 21.61
C ILE D 98 -13.29 8.52 20.30
N ILE D 99 -12.32 9.26 19.82
CA ILE D 99 -12.48 9.96 18.59
C ILE D 99 -11.45 9.53 17.56
N CYS D 100 -11.94 8.73 16.62
CA CYS D 100 -11.12 8.27 15.54
C CYS D 100 -11.20 9.47 14.62
N ASP D 101 -10.15 10.25 14.54
CA ASP D 101 -10.18 11.45 13.71
C ASP D 101 -9.69 11.18 12.32
N GLU D 102 -9.91 12.14 11.43
CA GLU D 102 -9.52 12.02 10.04
C GLU D 102 -9.96 10.70 9.42
N CYS D 103 -10.85 9.97 10.07
CA CYS D 103 -11.34 8.66 9.62
C CYS D 103 -11.63 8.45 8.13
N HIS D 104 -11.29 9.42 7.29
CA HIS D 104 -11.50 9.27 5.85
C HIS D 104 -10.31 8.54 5.24
N SER D 105 -9.35 8.20 6.09
CA SER D 105 -8.12 7.52 5.69
C SER D 105 -8.29 6.05 5.33
N THR D 106 -7.64 5.68 4.21
CA THR D 106 -7.65 4.32 3.67
C THR D 106 -6.28 3.65 3.83
N ASP D 107 -5.58 3.94 4.92
CA ASP D 107 -4.27 3.34 5.12
C ASP D 107 -4.36 2.16 6.07
N SER D 108 -3.45 1.22 5.90
CA SER D 108 -3.40 0.01 6.71
C SER D 108 -3.75 0.29 8.15
N THR D 109 -3.01 1.22 8.76
CA THR D 109 -3.13 1.60 10.18
C THR D 109 -4.43 2.24 10.72
N THR D 110 -4.94 3.27 10.05
CA THR D 110 -6.18 3.88 10.50
C THR D 110 -7.15 2.73 10.59
N ILE D 111 -7.43 2.13 9.43
CA ILE D 111 -8.36 1.01 9.29
C ILE D 111 -8.29 -0.08 10.37
N LEU D 112 -7.16 -0.73 10.45
CA LEU D 112 -6.99 -1.76 11.42
C LEU D 112 -7.32 -1.21 12.79
N GLY D 113 -6.76 -0.04 13.12
CA GLY D 113 -7.00 0.60 14.39
C GLY D 113 -8.45 0.95 14.62
N ILE D 114 -9.06 1.67 13.69
CA ILE D 114 -10.46 2.01 13.83
C ILE D 114 -11.26 0.73 14.01
N GLY D 115 -10.84 -0.30 13.29
CA GLY D 115 -11.50 -1.59 13.41
C GLY D 115 -11.33 -2.09 14.83
N THR D 116 -10.18 -1.77 15.41
CA THR D 116 -9.88 -2.19 16.77
C THR D 116 -10.75 -1.47 17.76
N VAL D 117 -11.08 -0.23 17.44
CA VAL D 117 -11.91 0.60 18.29
C VAL D 117 -13.34 0.09 18.19
N LEU D 118 -13.84 0.10 16.96
CA LEU D 118 -15.20 -0.31 16.67
C LEU D 118 -15.60 -1.62 17.31
N ASP D 119 -14.63 -2.47 17.60
CA ASP D 119 -14.96 -3.76 18.18
C ASP D 119 -14.88 -3.77 19.70
N GLN D 120 -13.75 -3.30 20.25
CA GLN D 120 -13.55 -3.29 21.70
C GLN D 120 -14.17 -2.13 22.46
N ALA D 121 -14.20 -0.97 21.83
CA ALA D 121 -14.77 0.21 22.46
C ALA D 121 -15.98 -0.23 23.28
N GLU D 122 -17.03 -0.61 22.57
CA GLU D 122 -18.27 -1.07 23.17
C GLU D 122 -18.15 -1.72 24.56
N THR D 123 -17.19 -2.62 24.72
CA THR D 123 -17.02 -3.32 25.98
C THR D 123 -15.79 -2.88 26.73
N ALA D 124 -14.99 -2.03 26.11
CA ALA D 124 -13.78 -1.54 26.77
C ALA D 124 -14.20 -0.58 27.88
N GLY D 125 -15.47 -0.17 27.82
CA GLY D 125 -16.00 0.72 28.82
C GLY D 125 -16.45 2.05 28.22
N ALA D 126 -16.17 2.23 26.94
CA ALA D 126 -16.52 3.46 26.25
C ALA D 126 -18.02 3.67 26.24
N ARG D 127 -18.42 4.94 26.22
CA ARG D 127 -19.82 5.27 26.22
C ARG D 127 -20.17 5.92 24.88
N LEU D 128 -19.19 6.45 24.19
CA LEU D 128 -19.44 7.05 22.89
C LEU D 128 -18.23 6.69 22.09
N VAL D 129 -18.33 6.77 20.77
CA VAL D 129 -17.22 6.47 19.88
C VAL D 129 -17.44 7.41 18.73
N VAL D 130 -16.58 8.41 18.59
CA VAL D 130 -16.78 9.38 17.54
C VAL D 130 -15.89 9.20 16.32
N LEU D 131 -16.48 9.33 15.14
CA LEU D 131 -15.74 9.21 13.89
C LEU D 131 -15.79 10.57 13.21
N ALA D 132 -14.72 11.32 13.28
CA ALA D 132 -14.78 12.61 12.67
C ALA D 132 -14.04 12.64 11.37
N THR D 133 -14.46 13.52 10.48
CA THR D 133 -13.79 13.67 9.22
C THR D 133 -14.37 14.75 8.34
N ALA D 134 -13.51 15.61 7.83
CA ALA D 134 -13.94 16.71 6.97
C ALA D 134 -14.69 16.23 5.75
N THR D 135 -14.15 15.18 5.12
CA THR D 135 -14.69 14.58 3.90
C THR D 135 -14.95 13.10 4.07
N PRO D 136 -16.19 12.71 4.38
CA PRO D 136 -16.54 11.32 4.58
C PRO D 136 -16.90 10.55 3.32
N PRO D 137 -16.96 9.23 3.45
CA PRO D 137 -17.29 8.31 2.36
C PRO D 137 -18.59 8.72 1.66
N GLY D 138 -18.45 9.21 0.44
CA GLY D 138 -19.63 9.59 -0.29
C GLY D 138 -19.71 11.07 -0.50
N SER D 139 -20.10 11.79 0.54
CA SER D 139 -20.23 13.24 0.46
C SER D 139 -19.24 13.87 -0.51
N VAL D 140 -19.77 14.67 -1.43
CA VAL D 140 -19.01 15.34 -2.48
C VAL D 140 -18.37 16.69 -2.12
N THR D 141 -17.36 17.07 -2.89
CA THR D 141 -16.65 18.33 -2.68
C THR D 141 -17.65 19.48 -2.74
N VAL D 142 -17.48 20.44 -1.83
CA VAL D 142 -18.38 21.58 -1.73
C VAL D 142 -17.69 22.91 -2.08
N PRO D 143 -18.38 23.79 -2.83
CA PRO D 143 -17.81 25.09 -3.22
C PRO D 143 -17.55 25.94 -1.99
N HIS D 144 -16.31 25.93 -1.49
CA HIS D 144 -16.01 26.72 -0.32
C HIS D 144 -15.69 28.13 -0.76
N PRO D 145 -16.55 29.11 -0.41
CA PRO D 145 -16.39 30.52 -0.77
C PRO D 145 -15.04 31.09 -0.29
N ASN D 146 -14.42 30.37 0.66
CA ASN D 146 -13.13 30.74 1.24
C ASN D 146 -11.98 30.26 0.35
N ILE D 147 -12.30 29.98 -0.91
CA ILE D 147 -11.31 29.49 -1.86
C ILE D 147 -11.66 29.86 -3.30
N GLU D 148 -10.97 30.87 -3.81
CA GLU D 148 -11.18 31.34 -5.17
C GLU D 148 -10.87 30.21 -6.15
N GLU D 149 -11.78 29.24 -6.29
CA GLU D 149 -11.51 28.16 -7.24
C GLU D 149 -11.32 28.73 -8.65
N ILE D 150 -10.07 28.70 -9.13
CA ILE D 150 -9.72 29.22 -10.45
C ILE D 150 -9.19 28.11 -11.38
N GLY D 151 -9.60 28.15 -12.64
CA GLY D 151 -9.22 27.16 -13.64
C GLY D 151 -7.72 26.89 -13.82
N LEU D 152 -7.34 26.65 -15.07
CA LEU D 152 -5.96 26.39 -15.47
C LEU D 152 -5.93 26.24 -16.99
N SER D 153 -5.39 27.24 -17.69
CA SER D 153 -5.33 27.21 -19.14
C SER D 153 -3.89 27.06 -19.64
N ASN D 154 -3.74 26.82 -20.94
CA ASN D 154 -2.43 26.64 -21.57
C ASN D 154 -1.94 27.90 -22.28
N ASN D 155 -2.25 29.07 -21.70
CA ASN D 155 -1.81 30.33 -22.28
C ASN D 155 -0.35 30.58 -21.90
N GLY D 156 0.45 29.50 -21.92
CA GLY D 156 1.85 29.60 -21.56
C GLY D 156 2.77 28.62 -22.27
N GLU D 157 3.57 27.90 -21.49
CA GLU D 157 4.51 26.93 -22.04
C GLU D 157 4.87 25.85 -21.01
N ILE D 158 5.00 26.27 -19.75
CA ILE D 158 5.36 25.38 -18.64
C ILE D 158 4.41 24.18 -18.62
N PRO D 159 4.82 23.05 -19.23
CA PRO D 159 3.99 21.84 -19.28
C PRO D 159 3.52 21.33 -17.91
N PHE D 160 2.21 21.38 -17.68
CA PHE D 160 1.63 20.88 -16.44
C PHE D 160 0.39 20.05 -16.70
N TYR D 161 0.61 18.74 -16.66
CA TYR D 161 -0.41 17.71 -16.87
C TYR D 161 -1.32 18.06 -18.03
N GLY D 162 -1.03 19.19 -18.66
CA GLY D 162 -1.83 19.64 -19.77
C GLY D 162 -1.95 21.15 -19.78
N LYS D 163 -2.79 21.68 -18.89
CA LYS D 163 -3.01 23.11 -18.81
C LYS D 163 -1.73 23.88 -18.49
N ALA D 164 -0.78 23.78 -19.41
CA ALA D 164 0.54 24.42 -19.32
C ALA D 164 0.49 25.76 -18.62
N ILE D 165 0.84 25.79 -17.33
CA ILE D 165 0.83 27.03 -16.57
C ILE D 165 1.65 28.13 -17.26
N PRO D 166 0.98 29.20 -17.73
CA PRO D 166 1.72 30.26 -18.39
C PRO D 166 2.78 30.77 -17.42
N ILE D 167 4.00 30.93 -17.93
CA ILE D 167 5.13 31.43 -17.14
C ILE D 167 5.10 32.96 -17.05
N GLU D 168 4.71 33.58 -18.17
CA GLU D 168 4.63 35.05 -18.30
C GLU D 168 3.90 35.71 -17.13
N ALA D 169 2.81 35.07 -16.69
CA ALA D 169 2.01 35.57 -15.57
C ALA D 169 2.43 34.94 -14.24
N ILE D 170 2.68 33.64 -14.28
CA ILE D 170 3.10 32.89 -13.10
C ILE D 170 4.54 33.19 -12.73
N LYS D 171 4.74 33.74 -11.54
CA LYS D 171 6.06 34.08 -11.06
C LYS D 171 6.35 33.38 -9.74
N GLY D 172 5.46 33.62 -8.78
CA GLY D 172 5.61 33.04 -7.46
C GLY D 172 5.08 34.05 -6.46
N GLY D 173 3.98 33.70 -5.78
CA GLY D 173 3.38 34.58 -4.80
C GLY D 173 3.09 33.90 -3.47
N ARG D 174 2.20 32.91 -3.50
CA ARG D 174 1.84 32.18 -2.29
C ARG D 174 1.41 30.79 -2.72
N HIS D 175 1.38 30.61 -4.04
CA HIS D 175 1.00 29.37 -4.70
C HIS D 175 1.63 28.11 -4.04
N LEU D 176 1.23 26.92 -4.54
CA LEU D 176 1.73 25.62 -4.04
C LEU D 176 1.37 24.39 -4.91
N ILE D 177 2.30 23.99 -5.79
CA ILE D 177 2.06 22.85 -6.66
C ILE D 177 1.80 21.53 -5.93
N PHE D 178 1.00 20.68 -6.54
CA PHE D 178 0.68 19.37 -5.98
C PHE D 178 0.91 18.32 -7.05
N CYS D 179 1.86 17.42 -6.79
CA CYS D 179 2.21 16.36 -7.73
C CYS D 179 1.76 14.98 -7.25
N HIS D 180 2.09 13.96 -8.06
CA HIS D 180 1.73 12.58 -7.79
C HIS D 180 2.90 11.66 -7.39
N SER D 181 3.95 11.66 -8.21
CA SER D 181 5.10 10.80 -7.93
C SER D 181 6.33 11.56 -7.41
N LYS D 182 7.28 10.80 -6.88
CA LYS D 182 8.53 11.32 -6.33
C LYS D 182 9.47 11.78 -7.44
N LYS D 183 9.53 10.99 -8.52
CA LYS D 183 10.37 11.30 -9.68
C LYS D 183 9.97 12.62 -10.34
N LYS D 184 8.90 12.57 -11.14
CA LYS D 184 8.40 13.74 -11.86
C LYS D 184 8.19 14.89 -10.91
N CYS D 185 8.34 14.63 -9.62
CA CYS D 185 8.18 15.63 -8.57
C CYS D 185 9.15 16.81 -8.81
N ASP D 186 10.41 16.63 -8.42
CA ASP D 186 11.40 17.70 -8.59
C ASP D 186 11.66 18.00 -10.07
N GLU D 187 11.27 17.06 -10.94
CA GLU D 187 11.45 17.23 -12.37
C GLU D 187 10.98 18.60 -12.88
N LEU D 188 9.98 19.16 -12.23
CA LEU D 188 9.46 20.48 -12.61
C LEU D 188 10.01 21.55 -11.66
N ALA D 189 9.96 21.25 -10.37
CA ALA D 189 10.44 22.16 -9.31
C ALA D 189 11.65 22.99 -9.74
N ALA D 190 12.64 22.31 -10.31
CA ALA D 190 13.86 22.96 -10.77
C ALA D 190 13.66 23.60 -12.14
N LYS D 191 12.83 22.96 -12.96
CA LYS D 191 12.54 23.46 -14.31
C LYS D 191 12.12 24.94 -14.23
N LEU D 192 11.92 25.40 -13.01
CA LEU D 192 11.53 26.79 -12.78
C LEU D 192 12.41 27.42 -11.70
N THR D 193 13.22 26.60 -11.02
CA THR D 193 14.11 27.12 -9.97
C THR D 193 15.16 28.00 -10.62
N GLY D 194 15.33 27.82 -11.92
CA GLY D 194 16.26 28.61 -12.72
C GLY D 194 15.63 29.97 -12.98
N LEU D 195 14.61 30.28 -12.17
CA LEU D 195 13.87 31.53 -12.26
C LEU D 195 13.63 32.08 -10.86
N GLY D 196 13.59 31.18 -9.87
CA GLY D 196 13.38 31.57 -8.49
C GLY D 196 12.58 30.55 -7.70
N LEU D 197 11.85 29.69 -8.42
CA LEU D 197 11.01 28.65 -7.84
C LEU D 197 11.79 27.49 -7.23
N ASN D 198 12.09 27.60 -5.92
CA ASN D 198 12.82 26.54 -5.22
C ASN D 198 12.17 25.19 -5.55
N ALA D 199 12.95 24.12 -5.46
CA ALA D 199 12.44 22.77 -5.77
C ALA D 199 11.94 22.00 -4.55
N VAL D 200 11.92 22.66 -3.38
CA VAL D 200 11.47 22.05 -2.12
C VAL D 200 10.21 21.16 -2.30
N ALA D 201 10.03 20.21 -1.38
CA ALA D 201 8.90 19.28 -1.42
C ALA D 201 9.04 18.17 -0.38
N TYR D 202 7.92 17.56 0.01
CA TYR D 202 7.95 16.45 0.96
C TYR D 202 7.70 15.13 0.25
N TYR D 203 8.64 14.19 0.41
CA TYR D 203 8.55 12.87 -0.19
C TYR D 203 8.16 11.83 0.87
N ARG D 204 8.63 10.59 0.69
CA ARG D 204 8.34 9.52 1.63
C ARG D 204 9.59 9.18 2.43
N GLY D 205 9.86 9.99 3.46
CA GLY D 205 11.03 9.80 4.29
C GLY D 205 11.96 11.03 4.37
N LEU D 206 11.40 12.18 4.74
CA LEU D 206 12.15 13.43 4.84
C LEU D 206 11.69 14.27 6.05
N ASP D 207 12.49 15.26 6.44
CA ASP D 207 12.16 16.14 7.57
C ASP D 207 11.51 17.42 7.09
N VAL D 208 10.61 17.98 7.91
CA VAL D 208 9.94 19.23 7.56
C VAL D 208 11.01 20.32 7.48
N SER D 209 12.23 19.95 7.88
CA SER D 209 13.38 20.85 7.89
C SER D 209 13.56 21.51 6.53
N VAL D 210 13.19 20.78 5.49
CA VAL D 210 13.31 21.28 4.13
C VAL D 210 12.16 22.20 3.75
N ILE D 211 11.72 23.03 4.70
CA ILE D 211 10.61 23.97 4.47
C ILE D 211 11.02 25.43 4.51
N PRO D 212 10.51 26.24 3.54
CA PRO D 212 10.79 27.69 3.42
C PRO D 212 10.21 28.53 4.57
N PRO D 213 9.79 29.76 4.27
CA PRO D 213 9.20 30.65 5.29
C PRO D 213 8.57 31.92 4.71
N ILE D 214 9.40 32.71 4.04
CA ILE D 214 8.97 33.97 3.43
C ILE D 214 9.32 33.99 1.93
N GLY D 215 9.18 35.16 1.33
CA GLY D 215 9.47 35.29 -0.09
C GLY D 215 8.38 34.61 -0.88
N ASP D 216 7.66 35.41 -1.69
CA ASP D 216 6.58 34.89 -2.52
C ASP D 216 7.10 33.85 -3.51
N VAL D 217 7.50 32.70 -2.98
CA VAL D 217 8.02 31.61 -3.80
C VAL D 217 7.06 30.41 -3.82
N VAL D 218 6.98 29.76 -4.99
CA VAL D 218 6.12 28.60 -5.19
C VAL D 218 6.85 27.30 -4.81
N VAL D 219 6.14 26.35 -4.22
CA VAL D 219 6.73 25.07 -3.80
C VAL D 219 5.99 23.85 -4.41
N VAL D 220 6.63 22.69 -4.36
CA VAL D 220 6.08 21.43 -4.87
C VAL D 220 6.00 20.42 -3.72
N ALA D 221 5.23 19.35 -3.87
CA ALA D 221 5.09 18.35 -2.81
C ALA D 221 4.11 17.21 -3.12
N THR D 222 4.41 16.00 -2.64
CA THR D 222 3.54 14.85 -2.89
C THR D 222 2.38 14.78 -1.89
N ASP D 223 1.47 13.83 -2.10
CA ASP D 223 0.28 13.64 -1.27
C ASP D 223 0.47 13.66 0.24
N ALA D 224 1.36 12.82 0.76
CA ALA D 224 1.59 12.76 2.19
C ALA D 224 1.81 14.14 2.79
N LEU D 225 0.80 14.67 3.48
CA LEU D 225 0.91 15.98 4.11
C LEU D 225 -0.20 16.13 5.17
N PHE D 229 4.50 22.77 3.89
CA PHE D 229 4.29 22.85 5.37
C PHE D 229 4.26 24.29 5.92
N THR D 230 5.41 24.97 5.93
CA THR D 230 5.51 26.36 6.44
C THR D 230 5.66 27.38 5.29
N GLY D 231 5.09 28.58 5.46
CA GLY D 231 5.21 29.59 4.42
C GLY D 231 3.92 30.21 3.94
N ASP D 232 2.84 29.95 4.66
CA ASP D 232 1.51 30.47 4.33
C ASP D 232 0.96 29.99 3.00
N PHE D 233 0.19 28.91 3.05
CA PHE D 233 -0.43 28.36 1.87
C PHE D 233 -1.79 29.01 1.70
N ASP D 234 -1.84 30.05 0.88
CA ASP D 234 -3.08 30.74 0.63
C ASP D 234 -3.46 30.46 -0.82
N SER D 235 -2.96 29.33 -1.31
CA SER D 235 -3.21 28.89 -2.69
C SER D 235 -2.60 27.51 -2.92
N VAL D 236 -3.14 26.78 -3.88
CA VAL D 236 -2.66 25.44 -4.23
C VAL D 236 -2.92 25.11 -5.69
N ILE D 237 -2.05 24.28 -6.26
CA ILE D 237 -2.18 23.84 -7.64
C ILE D 237 -2.23 22.32 -7.59
N ASP D 238 -3.44 21.77 -7.57
CA ASP D 238 -3.62 20.33 -7.53
C ASP D 238 -3.40 19.77 -8.93
N CYS D 239 -2.79 18.59 -9.01
CA CYS D 239 -2.53 17.97 -10.31
C CYS D 239 -3.67 17.06 -10.77
N ASN D 240 -4.54 16.69 -9.83
CA ASN D 240 -5.69 15.82 -10.10
C ASN D 240 -5.29 14.45 -10.64
N THR D 241 -4.17 13.93 -10.13
CA THR D 241 -3.67 12.63 -10.52
C THR D 241 -3.13 11.95 -9.27
N CYS D 242 -3.99 11.20 -8.59
CA CYS D 242 -3.63 10.48 -7.39
C CYS D 242 -3.02 9.17 -7.82
N VAL D 243 -2.15 8.60 -6.99
CA VAL D 243 -1.50 7.32 -7.32
C VAL D 243 -1.71 6.33 -6.17
N THR D 244 -2.26 5.15 -6.47
CA THR D 244 -2.47 4.18 -5.41
C THR D 244 -2.23 2.73 -5.81
N GLN D 245 -1.56 1.99 -4.91
CA GLN D 245 -1.25 0.58 -5.12
C GLN D 245 -2.55 -0.14 -5.43
N THR D 246 -2.49 -1.08 -6.36
CA THR D 246 -3.67 -1.83 -6.75
C THR D 246 -3.30 -3.28 -7.03
N VAL D 247 -3.90 -4.20 -6.27
CA VAL D 247 -3.62 -5.61 -6.44
C VAL D 247 -4.27 -6.08 -7.70
N ASP D 248 -3.64 -7.07 -8.33
CA ASP D 248 -4.09 -7.68 -9.58
C ASP D 248 -3.91 -9.17 -9.38
N PHE D 249 -4.81 -9.96 -9.92
CA PHE D 249 -4.66 -11.41 -9.80
C PHE D 249 -4.17 -11.93 -11.17
N SER D 250 -2.87 -11.77 -11.42
CA SER D 250 -2.22 -12.17 -12.68
C SER D 250 -1.78 -13.64 -12.79
N LEU D 251 -2.09 -14.43 -11.77
CA LEU D 251 -1.75 -15.85 -11.77
C LEU D 251 -0.43 -16.13 -12.47
N ASP D 252 0.62 -15.42 -12.05
CA ASP D 252 1.93 -15.59 -12.64
C ASP D 252 3.08 -15.51 -11.62
N PRO D 253 3.06 -16.37 -10.59
CA PRO D 253 2.08 -17.41 -10.28
C PRO D 253 0.89 -16.93 -9.47
N THR D 254 1.00 -15.75 -8.86
CA THR D 254 -0.08 -15.19 -8.06
C THR D 254 -0.14 -13.68 -8.26
N PHE D 255 -0.76 -12.96 -7.34
CA PHE D 255 -0.92 -11.50 -7.46
C PHE D 255 0.28 -10.63 -7.77
N THR D 256 0.04 -9.34 -7.88
CA THR D 256 1.10 -8.41 -8.20
C THR D 256 0.81 -7.02 -7.65
N ILE D 257 1.14 -6.80 -6.38
CA ILE D 257 0.92 -5.52 -5.77
C ILE D 257 1.63 -4.47 -6.60
N GLU D 258 0.87 -3.75 -7.42
CA GLU D 258 1.44 -2.74 -8.27
C GLU D 258 0.86 -1.36 -7.98
N THR D 259 1.72 -0.35 -7.86
CA THR D 259 1.27 1.01 -7.61
C THR D 259 0.87 1.65 -8.93
N THR D 260 -0.43 1.84 -9.13
CA THR D 260 -0.96 2.42 -10.35
C THR D 260 -1.57 3.79 -10.08
N THR D 261 -1.34 4.75 -10.98
CA THR D 261 -1.89 6.10 -10.81
C THR D 261 -3.32 6.18 -11.27
N VAL D 262 -4.00 7.29 -10.99
CA VAL D 262 -5.39 7.46 -11.40
C VAL D 262 -6.01 8.76 -10.92
N PRO D 263 -7.24 9.07 -11.39
CA PRO D 263 -7.99 10.28 -11.04
C PRO D 263 -8.20 10.32 -9.54
N GLN D 264 -8.22 11.51 -8.98
CA GLN D 264 -8.39 11.66 -7.54
C GLN D 264 -9.86 11.61 -7.14
N ASP D 265 -10.15 10.87 -6.08
CA ASP D 265 -11.50 10.76 -5.59
C ASP D 265 -11.98 12.09 -5.02
N ALA D 266 -12.84 12.02 -4.02
CA ALA D 266 -13.39 13.19 -3.38
C ALA D 266 -12.58 13.58 -2.15
N VAL D 267 -12.13 12.57 -1.42
CA VAL D 267 -11.33 12.78 -0.22
C VAL D 267 -9.93 13.33 -0.52
N SER D 268 -9.31 12.83 -1.59
CA SER D 268 -7.97 13.30 -1.95
C SER D 268 -8.09 14.49 -2.89
N ARG D 269 -9.30 15.02 -3.00
CA ARG D 269 -9.57 16.17 -3.84
C ARG D 269 -9.79 17.35 -2.93
N SER D 270 -10.55 17.13 -1.88
CA SER D 270 -10.85 18.18 -0.94
C SER D 270 -9.83 18.25 0.20
N GLN D 271 -9.04 17.19 0.36
CA GLN D 271 -7.99 17.19 1.38
C GLN D 271 -6.88 18.06 0.81
N ARG D 272 -6.71 17.97 -0.51
CA ARG D 272 -5.71 18.75 -1.21
C ARG D 272 -6.17 20.21 -1.24
N ARG D 273 -7.45 20.41 -0.95
CA ARG D 273 -8.01 21.75 -0.90
C ARG D 273 -8.19 22.06 0.58
N GLY D 274 -7.77 21.11 1.41
CA GLY D 274 -7.89 21.30 2.85
C GLY D 274 -6.62 21.97 3.37
N ARG D 275 -5.60 21.99 2.53
CA ARG D 275 -4.33 22.59 2.90
C ARG D 275 -4.22 24.06 2.45
N THR D 276 -5.35 24.63 2.03
CA THR D 276 -5.38 26.04 1.61
C THR D 276 -6.48 26.79 2.35
N GLY D 277 -6.87 27.95 1.79
CA GLY D 277 -7.92 28.77 2.38
C GLY D 277 -7.73 29.01 3.85
N ARG D 278 -6.48 28.96 4.30
CA ARG D 278 -6.15 29.17 5.70
C ARG D 278 -5.75 30.60 5.98
N GLY D 279 -6.05 31.06 7.18
CA GLY D 279 -5.71 32.41 7.58
C GLY D 279 -6.50 33.44 6.80
N ARG D 280 -6.65 33.23 5.49
CA ARG D 280 -7.37 34.18 4.64
C ARG D 280 -7.94 33.49 3.37
N SER D 281 -8.80 34.22 2.60
CA SER D 281 -9.46 33.79 1.35
C SER D 281 -8.59 33.07 0.30
N GLY D 282 -8.14 31.87 0.64
CA GLY D 282 -7.29 31.07 -0.23
C GLY D 282 -7.71 30.95 -1.68
N ILE D 283 -6.86 30.31 -2.49
CA ILE D 283 -7.13 30.10 -3.90
C ILE D 283 -6.87 28.64 -4.23
N TYR D 284 -7.48 28.16 -5.31
CA TYR D 284 -7.34 26.77 -5.73
C TYR D 284 -7.20 26.64 -7.25
N ARG D 285 -6.04 26.15 -7.69
CA ARG D 285 -5.77 25.94 -9.11
C ARG D 285 -5.93 24.45 -9.42
N PHE D 286 -6.69 24.13 -10.45
CA PHE D 286 -6.90 22.73 -10.81
C PHE D 286 -7.02 22.56 -12.33
N VAL D 287 -6.57 21.43 -12.85
CA VAL D 287 -6.65 21.14 -14.28
C VAL D 287 -8.05 20.64 -14.64
N THR D 288 -8.32 19.37 -14.33
CA THR D 288 -9.62 18.76 -14.58
C THR D 288 -10.53 19.10 -13.39
N PRO D 289 -11.66 19.75 -13.66
CA PRO D 289 -12.60 20.13 -12.59
C PRO D 289 -13.23 18.96 -11.84
N GLY D 290 -13.78 18.01 -12.59
CA GLY D 290 -14.45 16.86 -12.01
C GLY D 290 -13.66 15.95 -11.10
N GLU D 291 -14.26 15.59 -9.98
CA GLU D 291 -13.62 14.70 -9.04
C GLU D 291 -14.04 13.26 -9.39
N ARG D 292 -13.99 12.37 -8.39
CA ARG D 292 -14.35 10.97 -8.59
C ARG D 292 -15.04 10.43 -7.34
N PRO D 293 -16.11 9.64 -7.53
CA PRO D 293 -16.83 9.07 -6.38
C PRO D 293 -15.91 8.26 -5.48
N SER D 294 -15.87 8.65 -4.21
CA SER D 294 -15.05 7.98 -3.20
C SER D 294 -15.94 7.25 -2.20
N GLY D 295 -15.49 6.08 -1.77
CA GLY D 295 -16.25 5.29 -0.82
C GLY D 295 -15.62 3.93 -0.60
N MET D 296 -15.14 3.33 -1.69
CA MET D 296 -14.49 2.04 -1.61
C MET D 296 -13.01 2.26 -1.84
N PHE D 297 -12.19 1.46 -1.16
CA PHE D 297 -10.74 1.56 -1.33
C PHE D 297 -10.30 0.26 -1.96
N ASP D 298 -9.23 0.29 -2.75
CA ASP D 298 -8.77 -0.93 -3.40
C ASP D 298 -8.63 -2.09 -2.43
N SER D 299 -8.64 -3.31 -2.93
CA SER D 299 -8.51 -4.46 -2.06
C SER D 299 -7.10 -4.61 -1.51
N SER D 300 -6.11 -4.13 -2.25
CA SER D 300 -4.71 -4.21 -1.83
C SER D 300 -4.57 -3.84 -0.36
N VAL D 301 -5.07 -2.67 0.00
CA VAL D 301 -5.01 -2.20 1.35
C VAL D 301 -5.53 -3.26 2.29
N LEU D 302 -6.43 -4.09 1.82
CA LEU D 302 -6.97 -5.13 2.65
C LEU D 302 -5.83 -6.11 3.00
N CYS D 303 -4.78 -6.11 2.18
CA CYS D 303 -3.63 -6.99 2.38
C CYS D 303 -2.73 -6.47 3.49
N GLU D 304 -2.41 -5.18 3.43
CA GLU D 304 -1.57 -4.51 4.44
C GLU D 304 -2.00 -4.72 5.88
N CYS D 305 -3.29 -4.57 6.16
CA CYS D 305 -3.79 -4.76 7.51
C CYS D 305 -3.26 -6.10 7.95
N TYR D 306 -3.35 -7.05 7.03
CA TYR D 306 -2.89 -8.39 7.29
C TYR D 306 -1.36 -8.46 7.33
N ASP D 307 -0.71 -7.82 6.37
CA ASP D 307 0.75 -7.83 6.33
C ASP D 307 1.28 -7.13 7.59
N ALA D 308 0.78 -5.94 7.86
CA ALA D 308 1.20 -5.20 9.04
C ALA D 308 0.70 -5.86 10.32
N GLY D 309 -0.62 -5.98 10.48
CA GLY D 309 -1.18 -6.60 11.67
C GLY D 309 -0.43 -7.84 12.07
N CYS D 310 0.21 -8.44 11.09
CA CYS D 310 0.97 -9.65 11.29
C CYS D 310 2.39 -9.31 11.68
N ALA D 311 2.94 -8.30 11.00
CA ALA D 311 4.30 -7.85 11.23
C ALA D 311 4.46 -7.27 12.64
N TRP D 312 3.81 -6.14 12.90
CA TRP D 312 3.93 -5.48 14.21
C TRP D 312 2.90 -5.83 15.25
N TYR D 313 1.73 -5.23 15.12
CA TYR D 313 0.63 -5.42 16.06
C TYR D 313 0.37 -6.82 16.63
N GLU D 314 1.09 -7.82 16.11
CA GLU D 314 1.01 -9.22 16.54
C GLU D 314 -0.38 -9.85 16.47
N LEU D 315 -1.10 -9.62 15.38
CA LEU D 315 -2.43 -10.16 15.25
C LEU D 315 -2.50 -11.29 14.24
N THR D 316 -2.89 -12.46 14.69
CA THR D 316 -3.02 -13.58 13.80
C THR D 316 -3.97 -13.18 12.69
N PRO D 317 -3.85 -13.79 11.52
CA PRO D 317 -4.73 -13.47 10.39
C PRO D 317 -6.16 -13.46 10.91
N ALA D 318 -6.36 -14.23 11.97
CA ALA D 318 -7.66 -14.37 12.59
C ALA D 318 -8.12 -13.09 13.21
N GLU D 319 -7.33 -12.56 14.14
CA GLU D 319 -7.67 -11.32 14.82
C GLU D 319 -7.83 -10.21 13.81
N THR D 320 -6.80 -9.95 13.02
CA THR D 320 -6.87 -8.87 12.04
C THR D 320 -8.11 -8.90 11.15
N SER D 321 -8.85 -9.99 11.21
CA SER D 321 -10.05 -10.13 10.40
C SER D 321 -11.22 -9.49 11.13
N VAL D 322 -11.62 -10.09 12.25
CA VAL D 322 -12.73 -9.57 13.05
C VAL D 322 -12.65 -8.05 13.18
N ARG D 323 -11.45 -7.56 13.46
CA ARG D 323 -11.25 -6.13 13.60
C ARG D 323 -11.62 -5.53 12.26
N LEU D 324 -11.02 -6.07 11.22
CA LEU D 324 -11.25 -5.59 9.86
C LEU D 324 -12.71 -5.79 9.48
N ARG D 325 -13.36 -6.71 10.19
CA ARG D 325 -14.75 -7.01 9.94
C ARG D 325 -15.55 -5.88 10.51
N ALA D 326 -15.55 -5.79 11.84
CA ALA D 326 -16.31 -4.75 12.52
C ALA D 326 -16.18 -3.40 11.83
N TYR D 327 -15.01 -3.09 11.27
CA TYR D 327 -14.82 -1.81 10.58
C TYR D 327 -15.72 -1.75 9.37
N LEU D 328 -15.97 -2.90 8.75
CA LEU D 328 -16.80 -2.94 7.56
C LEU D 328 -18.27 -2.71 7.83
N ASN D 329 -18.84 -3.51 8.72
CA ASN D 329 -20.24 -3.42 9.10
C ASN D 329 -20.66 -2.04 9.58
N THR D 330 -19.69 -1.23 9.99
CA THR D 330 -19.97 0.11 10.46
C THR D 330 -20.22 1.02 9.27
N PRO D 331 -21.14 1.98 9.42
CA PRO D 331 -21.54 2.95 8.41
C PRO D 331 -20.62 4.13 8.19
N GLY D 332 -20.89 4.91 7.13
CA GLY D 332 -20.10 6.09 6.83
C GLY D 332 -18.60 5.94 6.81
N LEU D 333 -18.15 4.71 6.60
CA LEU D 333 -16.72 4.39 6.50
C LEU D 333 -16.54 3.72 5.12
N PRO D 334 -15.35 3.84 4.51
CA PRO D 334 -15.12 3.24 3.19
C PRO D 334 -15.22 1.73 3.18
N VAL D 335 -15.27 1.16 1.97
CA VAL D 335 -15.35 -0.28 1.77
C VAL D 335 -14.53 -0.76 0.57
N CYS D 336 -14.57 -2.09 0.35
CA CYS D 336 -13.87 -2.75 -0.76
C CYS D 336 -14.38 -4.19 -0.84
N GLN D 337 -14.08 -4.91 -1.92
CA GLN D 337 -14.56 -6.29 -2.06
C GLN D 337 -14.19 -7.14 -0.86
N ASP D 338 -15.13 -7.90 -0.33
CA ASP D 338 -14.87 -8.75 0.83
C ASP D 338 -13.92 -9.89 0.53
N HIS D 339 -12.66 -9.56 0.30
CA HIS D 339 -11.65 -10.60 0.05
C HIS D 339 -11.12 -10.98 1.42
N LEU D 340 -11.95 -10.78 2.44
CA LEU D 340 -11.54 -11.11 3.79
C LEU D 340 -11.03 -12.52 3.76
N GLU D 341 -11.97 -13.45 3.69
CA GLU D 341 -11.67 -14.88 3.71
C GLU D 341 -10.49 -15.38 2.85
N PHE D 342 -10.19 -14.71 1.73
CA PHE D 342 -9.07 -15.10 0.87
C PHE D 342 -7.78 -14.72 1.54
N TRP D 343 -7.62 -13.43 1.78
CA TRP D 343 -6.45 -12.89 2.44
C TRP D 343 -6.24 -13.59 3.76
N GLU D 344 -7.24 -13.56 4.64
CA GLU D 344 -7.06 -14.26 5.91
C GLU D 344 -6.53 -15.61 5.55
N SER D 345 -7.02 -16.11 4.43
CA SER D 345 -6.60 -17.42 3.96
C SER D 345 -5.11 -17.45 3.77
N VAL D 346 -4.60 -16.64 2.84
CA VAL D 346 -3.18 -16.60 2.56
C VAL D 346 -2.25 -16.56 3.78
N PHE D 347 -2.43 -15.57 4.64
CA PHE D 347 -1.54 -15.43 5.78
C PHE D 347 -1.57 -16.54 6.78
N THR D 348 -2.72 -17.19 6.96
CA THR D 348 -2.82 -18.29 7.93
C THR D 348 -1.76 -19.32 7.64
N GLY D 349 -1.37 -19.36 6.38
CA GLY D 349 -0.38 -20.31 5.94
C GLY D 349 1.06 -19.83 6.03
N LEU D 350 1.32 -18.64 5.52
CA LEU D 350 2.67 -18.07 5.55
C LEU D 350 3.32 -18.18 6.92
N THR D 351 3.64 -19.39 7.34
CA THR D 351 4.23 -19.60 8.66
C THR D 351 5.73 -19.72 8.74
N HIS D 352 6.22 -19.78 9.96
CA HIS D 352 7.65 -19.91 10.24
C HIS D 352 8.51 -18.93 9.48
N ILE D 353 8.14 -17.66 9.50
CA ILE D 353 8.93 -16.68 8.79
C ILE D 353 10.20 -16.51 9.60
N ASP D 354 11.32 -16.27 8.95
CA ASP D 354 12.55 -16.15 9.71
C ASP D 354 12.48 -14.89 10.50
N ALA D 355 12.59 -15.01 11.81
CA ALA D 355 12.52 -13.87 12.70
C ALA D 355 13.44 -12.72 12.27
N HIS D 356 14.71 -13.03 12.02
CA HIS D 356 15.72 -12.06 11.62
C HIS D 356 15.45 -11.33 10.33
N PHE D 357 14.60 -11.85 9.47
CA PHE D 357 14.32 -11.12 8.22
C PHE D 357 13.14 -10.16 8.40
N LEU D 358 12.17 -10.55 9.22
CA LEU D 358 11.02 -9.70 9.47
C LEU D 358 11.61 -8.49 10.14
N SER D 359 12.31 -8.74 11.23
CA SER D 359 12.96 -7.70 12.00
C SER D 359 13.67 -6.70 11.12
N GLN D 360 14.50 -7.17 10.20
CA GLN D 360 15.24 -6.28 9.32
C GLN D 360 14.37 -5.53 8.34
N THR D 361 13.51 -6.27 7.67
CA THR D 361 12.61 -5.69 6.69
C THR D 361 11.75 -4.61 7.30
N LYS D 362 11.06 -4.94 8.39
CA LYS D 362 10.18 -3.97 9.04
C LYS D 362 10.95 -2.73 9.48
N GLN D 363 12.05 -2.94 10.19
CA GLN D 363 12.89 -1.85 10.66
C GLN D 363 12.98 -0.77 9.58
N ALA D 364 13.56 -1.11 8.43
CA ALA D 364 13.72 -0.16 7.33
C ALA D 364 12.44 0.23 6.62
N GLY D 365 11.32 0.03 7.29
CA GLY D 365 10.03 0.39 6.72
C GLY D 365 9.82 0.09 5.24
N ASP D 366 9.56 -1.18 4.93
CA ASP D 366 9.31 -1.59 3.57
C ASP D 366 7.83 -1.88 3.41
N ASN D 367 7.23 -1.18 2.44
CA ASN D 367 5.81 -1.31 2.12
C ASN D 367 5.15 -2.51 2.81
N PHE D 368 5.56 -3.72 2.42
CA PHE D 368 5.04 -4.95 3.02
C PHE D 368 6.19 -5.65 3.71
N PRO D 369 6.32 -5.48 5.02
CA PRO D 369 7.40 -6.09 5.81
C PRO D 369 7.34 -7.59 5.95
N TYR D 370 6.16 -8.10 6.27
CA TYR D 370 5.96 -9.52 6.45
C TYR D 370 5.94 -10.30 5.14
N LEU D 371 5.38 -9.70 4.10
CA LEU D 371 5.29 -10.35 2.79
C LEU D 371 6.65 -10.41 2.11
N VAL D 372 7.48 -9.38 2.30
CA VAL D 372 8.80 -9.34 1.70
C VAL D 372 9.78 -10.03 2.62
N ALA D 373 9.34 -10.36 3.81
CA ALA D 373 10.21 -11.05 4.73
C ALA D 373 9.90 -12.50 4.65
N TYR D 374 8.82 -12.83 3.94
CA TYR D 374 8.47 -14.22 3.80
C TYR D 374 9.01 -14.66 2.48
N GLN D 375 8.74 -13.88 1.44
CA GLN D 375 9.26 -14.23 0.12
C GLN D 375 10.77 -14.45 0.19
N ALA D 376 11.39 -14.15 1.32
CA ALA D 376 12.82 -14.33 1.49
C ALA D 376 13.20 -15.25 2.63
N THR D 377 12.33 -16.15 3.00
CA THR D 377 12.64 -17.11 4.04
C THR D 377 12.74 -18.33 3.15
N VAL D 378 11.68 -18.52 2.36
CA VAL D 378 11.58 -19.61 1.43
C VAL D 378 12.78 -19.51 0.53
N CYS D 379 13.18 -18.27 0.26
CA CYS D 379 14.30 -17.95 -0.60
C CYS D 379 15.63 -18.30 0.03
N ALA D 380 15.68 -18.49 1.34
CA ALA D 380 16.96 -18.77 1.97
C ALA D 380 17.09 -20.14 2.49
N ARG D 381 15.96 -20.81 2.59
CA ARG D 381 15.93 -22.19 3.07
C ARG D 381 16.10 -23.07 1.82
N ALA D 382 15.91 -22.42 0.68
CA ALA D 382 16.04 -23.03 -0.62
C ALA D 382 17.29 -22.45 -1.27
N GLN D 383 18.19 -21.96 -0.44
CA GLN D 383 19.44 -21.39 -0.89
C GLN D 383 19.29 -20.77 -2.28
N ALA D 384 18.15 -20.15 -2.53
CA ALA D 384 17.89 -19.53 -3.82
C ALA D 384 17.75 -18.03 -3.70
N PRO D 385 18.44 -17.27 -4.56
CA PRO D 385 18.39 -15.80 -4.55
C PRO D 385 16.98 -15.21 -4.63
N PRO D 386 16.88 -13.90 -4.38
CA PRO D 386 15.56 -13.28 -4.45
C PRO D 386 15.34 -12.71 -5.85
N PRO D 387 14.09 -12.41 -6.20
CA PRO D 387 13.69 -11.87 -7.49
C PRO D 387 14.53 -10.72 -8.06
N SER D 388 15.48 -10.21 -7.28
CA SER D 388 16.33 -9.10 -7.75
C SER D 388 17.07 -8.50 -6.58
N TRP D 389 18.12 -7.74 -6.87
CA TRP D 389 18.88 -7.15 -5.78
C TRP D 389 18.59 -5.67 -5.56
N ASP D 390 17.30 -5.34 -5.51
CA ASP D 390 16.87 -3.98 -5.24
C ASP D 390 17.06 -3.79 -3.72
N GLN D 391 16.95 -2.56 -3.23
CA GLN D 391 17.14 -2.33 -1.82
C GLN D 391 16.13 -3.13 -1.01
N MET D 392 15.17 -3.73 -1.70
CA MET D 392 14.11 -4.51 -1.07
C MET D 392 14.61 -5.78 -0.40
N TRP D 393 15.41 -6.54 -1.13
CA TRP D 393 15.95 -7.79 -0.64
C TRP D 393 17.32 -7.63 0.02
N LYS D 394 17.54 -6.48 0.61
CA LYS D 394 18.79 -6.21 1.29
C LYS D 394 19.00 -7.14 2.48
N CYS D 395 17.94 -7.79 2.93
CA CYS D 395 18.06 -8.66 4.07
C CYS D 395 18.79 -9.93 3.72
N LEU D 396 18.80 -10.28 2.44
CA LEU D 396 19.50 -11.49 2.00
C LEU D 396 20.97 -11.21 1.65
N ILE D 397 21.32 -9.93 1.60
CA ILE D 397 22.67 -9.47 1.27
C ILE D 397 23.80 -10.31 1.82
N ARG D 398 23.70 -10.70 3.09
CA ARG D 398 24.75 -11.49 3.73
C ARG D 398 24.81 -12.95 3.30
N LEU D 399 23.88 -13.35 2.44
CA LEU D 399 23.80 -14.71 1.95
C LEU D 399 24.14 -14.85 0.47
N LYS D 400 24.53 -13.76 -0.16
CA LYS D 400 24.87 -13.76 -1.58
C LYS D 400 25.87 -14.86 -1.99
N PRO D 401 26.86 -15.15 -1.12
CA PRO D 401 27.84 -16.18 -1.42
C PRO D 401 27.20 -17.53 -1.70
N THR D 402 26.34 -17.99 -0.78
CA THR D 402 25.66 -19.26 -0.93
C THR D 402 24.22 -19.04 -1.36
N LEU D 403 23.98 -18.85 -2.65
CA LEU D 403 22.64 -18.62 -3.16
C LEU D 403 22.67 -18.50 -4.65
N HIS D 404 22.04 -19.44 -5.33
CA HIS D 404 21.96 -19.42 -6.78
C HIS D 404 20.88 -20.32 -7.28
N GLY D 405 20.67 -20.27 -8.58
CA GLY D 405 19.65 -21.06 -9.23
C GLY D 405 18.47 -20.20 -9.54
N PRO D 406 17.25 -20.76 -9.58
CA PRO D 406 16.05 -19.99 -9.88
C PRO D 406 15.42 -19.53 -8.56
N THR D 407 14.64 -18.44 -8.62
CA THR D 407 13.97 -17.85 -7.47
C THR D 407 12.59 -18.45 -7.24
N PRO D 408 12.37 -19.13 -6.12
CA PRO D 408 11.05 -19.73 -5.89
C PRO D 408 9.96 -18.68 -5.64
N LEU D 409 9.72 -17.86 -6.65
CA LEU D 409 8.74 -16.78 -6.58
C LEU D 409 7.41 -17.13 -5.94
N LEU D 410 7.01 -16.36 -4.91
CA LEU D 410 5.74 -16.59 -4.21
C LEU D 410 4.65 -15.57 -4.58
N TYR D 411 5.07 -14.45 -5.15
CA TYR D 411 4.19 -13.36 -5.59
C TYR D 411 4.98 -12.17 -6.09
N ARG D 412 4.58 -11.64 -7.24
CA ARG D 412 5.24 -10.49 -7.83
C ARG D 412 4.99 -9.23 -7.00
N LEU D 413 5.97 -8.87 -6.17
CA LEU D 413 5.85 -7.69 -5.33
C LEU D 413 6.69 -6.58 -5.95
N GLY D 414 6.90 -6.68 -7.26
CA GLY D 414 7.69 -5.69 -7.99
C GLY D 414 8.66 -6.33 -8.96
N ALA D 415 9.61 -5.54 -9.44
CA ALA D 415 10.63 -6.01 -10.37
C ALA D 415 11.07 -7.46 -10.11
N VAL D 416 11.51 -8.14 -11.16
CA VAL D 416 11.98 -9.53 -11.12
C VAL D 416 13.09 -9.74 -12.16
N GLN D 417 14.13 -10.47 -11.81
CA GLN D 417 15.24 -10.70 -12.74
C GLN D 417 15.90 -12.10 -12.77
N ASN D 418 15.26 -13.10 -12.17
CA ASN D 418 15.82 -14.44 -12.18
C ASN D 418 14.87 -15.50 -12.69
N GLU D 419 15.40 -16.68 -12.99
CA GLU D 419 14.56 -17.76 -13.44
C GLU D 419 13.53 -17.95 -12.34
N VAL D 420 12.26 -17.90 -12.66
CA VAL D 420 11.29 -18.06 -11.60
C VAL D 420 10.65 -19.41 -11.67
N ILE D 421 10.76 -20.18 -10.61
CA ILE D 421 10.12 -21.48 -10.61
C ILE D 421 8.80 -21.40 -9.83
N LEU D 422 7.70 -21.79 -10.45
CA LEU D 422 6.43 -21.69 -9.76
C LEU D 422 5.93 -22.99 -9.13
N THR D 423 6.72 -23.59 -8.25
CA THR D 423 6.25 -24.81 -7.61
C THR D 423 6.43 -24.87 -6.11
N HIS D 424 7.13 -23.90 -5.54
CA HIS D 424 7.31 -23.93 -4.11
C HIS D 424 5.98 -24.26 -3.45
N PRO D 425 5.93 -25.34 -2.69
CA PRO D 425 4.72 -25.80 -2.00
C PRO D 425 3.79 -24.65 -1.60
N ILE D 426 4.39 -23.56 -1.16
CA ILE D 426 3.63 -22.40 -0.76
C ILE D 426 2.94 -21.80 -1.97
N THR D 427 3.71 -21.41 -2.97
CA THR D 427 3.12 -20.84 -4.16
C THR D 427 1.88 -21.64 -4.44
N LYS D 428 2.00 -22.96 -4.35
CA LYS D 428 0.86 -23.83 -4.60
C LYS D 428 -0.25 -23.40 -3.65
N TYR D 429 -0.03 -23.53 -2.35
CA TYR D 429 -1.04 -23.11 -1.39
C TYR D 429 -1.69 -21.82 -1.85
N ILE D 430 -0.93 -20.73 -1.92
CA ILE D 430 -1.51 -19.47 -2.35
C ILE D 430 -2.42 -19.62 -3.58
N MET D 431 -2.08 -20.51 -4.52
CA MET D 431 -2.90 -20.70 -5.72
C MET D 431 -4.25 -21.26 -5.33
N ALA D 432 -4.22 -22.34 -4.57
CA ALA D 432 -5.44 -22.97 -4.13
C ALA D 432 -6.27 -21.94 -3.38
N CYS D 433 -5.57 -21.15 -2.58
CA CYS D 433 -6.24 -20.14 -1.80
C CYS D 433 -6.91 -19.17 -2.73
N MET D 434 -6.39 -19.02 -3.95
CA MET D 434 -7.00 -18.11 -4.91
C MET D 434 -8.20 -18.75 -5.58
N SER D 435 -8.71 -19.82 -5.00
CA SER D 435 -9.86 -20.47 -5.57
C SER D 435 -10.38 -21.56 -4.64
N PRO E 1 -23.17 7.98 7.76
CA PRO E 1 -24.11 8.58 6.81
C PRO E 1 -23.95 10.02 7.16
N PRO E 2 -24.38 10.95 6.28
CA PRO E 2 -24.16 12.32 6.78
C PRO E 2 -24.86 12.54 8.17
N ALA E 3 -24.29 13.39 9.01
CA ALA E 3 -24.90 13.64 10.33
C ALA E 3 -26.30 14.21 10.15
N VAL E 4 -27.27 13.64 10.85
CA VAL E 4 -28.66 14.11 10.76
C VAL E 4 -28.74 15.63 10.81
N PRO E 5 -29.17 16.26 9.71
CA PRO E 5 -29.26 17.72 9.73
C PRO E 5 -30.20 18.13 10.86
N GLN E 6 -30.04 19.36 11.33
CA GLN E 6 -30.89 19.90 12.40
C GLN E 6 -32.14 20.56 11.79
N THR E 7 -32.07 20.89 10.51
CA THR E 7 -33.18 21.50 9.79
C THR E 7 -33.52 20.58 8.65
N PHE E 8 -34.10 21.14 7.60
CA PHE E 8 -34.45 20.36 6.42
C PHE E 8 -33.33 20.55 5.41
N GLN E 9 -32.87 19.45 4.82
CA GLN E 9 -31.78 19.48 3.82
C GLN E 9 -31.94 18.37 2.77
N VAL E 10 -31.80 18.75 1.51
CA VAL E 10 -31.92 17.80 0.43
C VAL E 10 -30.53 17.44 -0.02
N ALA E 11 -29.90 16.54 0.74
CA ALA E 11 -28.54 16.10 0.47
C ALA E 11 -28.35 15.05 -0.62
N HIS E 12 -27.10 14.97 -1.08
CA HIS E 12 -26.69 14.06 -2.10
C HIS E 12 -25.68 13.11 -1.51
N LEU E 13 -25.71 11.87 -1.99
CA LEU E 13 -24.78 10.86 -1.56
C LEU E 13 -24.33 10.32 -2.88
N HIS E 14 -23.03 10.30 -3.12
CA HIS E 14 -22.50 9.80 -4.39
C HIS E 14 -21.38 8.82 -4.08
N ALA E 15 -21.76 7.64 -3.60
CA ALA E 15 -20.79 6.63 -3.24
C ALA E 15 -20.80 5.47 -4.22
N PRO E 16 -19.64 4.85 -4.44
CA PRO E 16 -19.47 3.72 -5.36
C PRO E 16 -20.45 2.59 -5.08
N THR E 17 -20.83 1.89 -6.14
CA THR E 17 -21.79 0.80 -6.09
C THR E 17 -21.53 -0.27 -5.04
N GLY E 18 -22.59 -0.72 -4.39
CA GLY E 18 -22.47 -1.71 -3.35
C GLY E 18 -21.62 -1.20 -2.19
N SER E 19 -22.08 -0.15 -1.48
CA SER E 19 -21.32 0.41 -0.37
C SER E 19 -22.15 1.01 0.76
N GLY E 20 -23.30 0.42 1.06
CA GLY E 20 -24.13 0.90 2.16
C GLY E 20 -25.15 2.01 1.95
N LYS E 21 -25.16 2.65 0.78
CA LYS E 21 -26.11 3.72 0.52
C LYS E 21 -27.55 3.36 0.92
N SER E 22 -28.10 2.32 0.32
CA SER E 22 -29.46 1.91 0.64
C SER E 22 -29.50 0.63 1.46
N THR E 23 -28.60 0.50 2.42
CA THR E 23 -28.58 -0.70 3.24
C THR E 23 -27.83 -0.54 4.56
N LYS E 24 -26.76 0.24 4.56
CA LYS E 24 -25.99 0.45 5.77
C LYS E 24 -26.21 1.85 6.30
N VAL E 25 -26.57 2.76 5.37
CA VAL E 25 -26.86 4.16 5.67
C VAL E 25 -28.28 4.30 6.22
N PRO E 26 -29.19 3.44 5.75
CA PRO E 26 -30.55 3.57 6.29
C PRO E 26 -30.53 2.98 7.70
N ALA E 27 -30.01 1.77 7.81
CA ALA E 27 -29.93 1.09 9.10
C ALA E 27 -29.06 1.87 10.07
N ALA E 28 -28.36 2.87 9.56
CA ALA E 28 -27.50 3.70 10.40
C ALA E 28 -28.41 4.61 11.22
N TYR E 29 -29.49 5.05 10.58
CA TYR E 29 -30.47 5.91 11.23
C TYR E 29 -31.47 5.05 11.96
N ALA E 30 -31.94 4.00 11.29
CA ALA E 30 -32.92 3.07 11.84
C ALA E 30 -32.70 2.80 13.31
N ALA E 31 -31.43 2.66 13.70
CA ALA E 31 -31.09 2.41 15.08
C ALA E 31 -30.69 3.71 15.75
N GLN E 32 -31.66 4.60 15.95
CA GLN E 32 -31.44 5.89 16.58
C GLN E 32 -32.76 6.64 16.64
N GLY E 33 -33.84 5.91 16.38
CA GLY E 33 -35.17 6.48 16.43
C GLY E 33 -35.53 7.47 15.34
N TYR E 34 -35.36 7.05 14.08
CA TYR E 34 -35.68 7.89 12.92
C TYR E 34 -36.38 7.00 11.89
N LYS E 35 -37.36 7.56 11.18
CA LYS E 35 -38.13 6.82 10.18
C LYS E 35 -37.53 6.93 8.78
N VAL E 36 -36.82 5.90 8.34
CA VAL E 36 -36.24 5.94 7.02
C VAL E 36 -37.17 5.26 6.02
N LEU E 37 -37.12 5.71 4.78
CA LEU E 37 -37.88 5.12 3.66
C LEU E 37 -36.84 4.98 2.57
N VAL E 38 -36.71 3.83 1.96
CA VAL E 38 -35.71 3.73 0.93
C VAL E 38 -36.35 3.31 -0.37
N LEU E 39 -36.46 4.24 -1.31
CA LEU E 39 -37.07 3.95 -2.61
C LEU E 39 -36.08 3.52 -3.70
N ASN E 40 -36.39 2.43 -4.37
CA ASN E 40 -35.55 1.91 -5.45
C ASN E 40 -36.45 1.87 -6.69
N PRO E 41 -35.88 1.99 -7.90
CA PRO E 41 -36.77 1.95 -9.05
C PRO E 41 -37.15 0.52 -9.43
N SER E 42 -36.47 -0.45 -8.82
CA SER E 42 -36.72 -1.87 -9.10
C SER E 42 -37.55 -2.48 -7.99
N VAL E 43 -38.26 -3.56 -8.31
CA VAL E 43 -39.06 -4.29 -7.31
C VAL E 43 -38.10 -5.33 -6.72
N ALA E 44 -37.64 -6.24 -7.58
CA ALA E 44 -36.71 -7.30 -7.21
C ALA E 44 -35.58 -6.73 -6.36
N ALA E 45 -34.96 -5.65 -6.84
CA ALA E 45 -33.88 -5.04 -6.08
C ALA E 45 -34.36 -4.75 -4.66
N THR E 46 -35.64 -4.38 -4.55
CA THR E 46 -36.26 -4.05 -3.27
C THR E 46 -36.57 -5.24 -2.36
N LEU E 47 -37.10 -6.31 -2.93
CA LEU E 47 -37.39 -7.50 -2.13
C LEU E 47 -36.06 -8.03 -1.60
N GLY E 48 -34.99 -7.65 -2.30
CA GLY E 48 -33.67 -8.07 -1.90
C GLY E 48 -33.26 -7.40 -0.62
N PHE E 49 -33.05 -6.09 -0.68
CA PHE E 49 -32.64 -5.33 0.51
C PHE E 49 -33.45 -5.79 1.70
N GLY E 50 -34.77 -5.81 1.55
CA GLY E 50 -35.62 -6.23 2.63
C GLY E 50 -35.12 -7.53 3.18
N ALA E 51 -35.39 -8.62 2.45
CA ALA E 51 -34.98 -9.95 2.87
C ALA E 51 -33.57 -9.90 3.45
N TYR E 52 -32.66 -9.25 2.74
CA TYR E 52 -31.27 -9.12 3.19
C TYR E 52 -31.14 -8.50 4.58
N MET E 53 -31.76 -7.33 4.79
CA MET E 53 -31.68 -6.66 6.07
C MET E 53 -31.97 -7.57 7.25
N SER E 54 -32.92 -8.47 7.09
CA SER E 54 -33.23 -9.39 8.18
C SER E 54 -32.08 -10.36 8.40
N LYS E 55 -31.74 -11.12 7.36
CA LYS E 55 -30.66 -12.10 7.45
C LYS E 55 -29.33 -11.44 7.84
N ALA E 56 -28.88 -10.47 7.05
CA ALA E 56 -27.62 -9.78 7.28
C ALA E 56 -27.51 -8.94 8.56
N HIS E 57 -28.47 -8.05 8.79
CA HIS E 57 -28.45 -7.24 10.01
C HIS E 57 -29.48 -7.78 11.00
N GLY E 58 -30.02 -6.91 11.83
CA GLY E 58 -31.02 -7.35 12.79
C GLY E 58 -32.21 -6.43 12.70
N ILE E 59 -32.62 -6.14 11.47
CA ILE E 59 -33.74 -5.26 11.23
C ILE E 59 -34.81 -6.01 10.43
N ASP E 60 -36.06 -5.67 10.68
CA ASP E 60 -37.19 -6.26 9.99
C ASP E 60 -37.82 -5.12 9.20
N PRO E 61 -37.47 -5.02 7.91
CA PRO E 61 -37.97 -3.98 7.02
C PRO E 61 -39.43 -4.11 6.56
N ASN E 62 -40.15 -2.98 6.50
CA ASN E 62 -41.51 -2.98 6.02
C ASN E 62 -41.37 -2.90 4.52
N ILE E 63 -41.49 -4.03 3.83
CA ILE E 63 -41.35 -4.01 2.37
C ILE E 63 -42.68 -3.73 1.68
N ARG E 64 -42.64 -2.92 0.64
CA ARG E 64 -43.85 -2.60 -0.09
C ARG E 64 -43.64 -2.44 -1.58
N THR E 65 -44.20 -3.38 -2.32
CA THR E 65 -44.11 -3.36 -3.77
C THR E 65 -45.53 -3.43 -4.29
N GLY E 66 -45.66 -3.85 -5.55
CA GLY E 66 -46.96 -3.93 -6.18
C GLY E 66 -47.40 -5.37 -6.32
N VAL E 67 -46.45 -6.28 -6.43
CA VAL E 67 -46.80 -7.67 -6.54
C VAL E 67 -46.92 -8.27 -5.15
N ARG E 68 -46.54 -7.50 -4.12
CA ARG E 68 -46.62 -7.93 -2.71
C ARG E 68 -46.43 -6.80 -1.69
N THR E 69 -46.84 -7.08 -0.46
CA THR E 69 -46.74 -6.15 0.66
C THR E 69 -46.32 -6.98 1.88
N ILE E 70 -45.62 -6.35 2.81
CA ILE E 70 -45.16 -7.03 4.03
C ILE E 70 -44.92 -6.00 5.12
N THR E 71 -45.95 -5.75 5.92
CA THR E 71 -45.84 -4.80 7.02
C THR E 71 -45.35 -5.54 8.26
N THR E 72 -44.33 -4.98 8.91
CA THR E 72 -43.77 -5.55 10.13
C THR E 72 -43.66 -4.36 11.04
N GLY E 73 -44.12 -3.23 10.55
CA GLY E 73 -44.07 -2.03 11.34
C GLY E 73 -42.72 -1.72 11.90
N GLY E 74 -41.82 -1.30 11.02
CA GLY E 74 -40.47 -0.93 11.44
C GLY E 74 -40.16 0.45 10.86
N SER E 75 -39.19 1.16 11.44
CA SER E 75 -38.76 2.50 11.00
C SER E 75 -38.33 2.56 9.55
N ILE E 76 -37.96 1.40 9.03
CA ILE E 76 -37.53 1.24 7.65
C ILE E 76 -38.68 0.66 6.84
N THR E 77 -38.78 1.08 5.60
CA THR E 77 -39.82 0.59 4.73
C THR E 77 -39.29 0.66 3.31
N TYR E 78 -38.64 -0.39 2.86
CA TYR E 78 -38.14 -0.39 1.51
C TYR E 78 -39.37 -0.41 0.63
N SER E 79 -39.37 0.40 -0.43
CA SER E 79 -40.51 0.49 -1.36
C SER E 79 -40.11 0.92 -2.77
N THR E 80 -40.98 0.64 -3.74
CA THR E 80 -40.71 1.00 -5.12
C THR E 80 -41.36 2.33 -5.46
N TYR E 81 -40.71 3.08 -6.36
CA TYR E 81 -41.19 4.38 -6.78
C TYR E 81 -42.60 4.26 -7.32
N GLY E 82 -42.78 3.29 -8.20
CA GLY E 82 -44.08 3.05 -8.82
C GLY E 82 -45.19 2.78 -7.83
N LYS E 83 -44.87 2.04 -6.78
CA LYS E 83 -45.84 1.74 -5.74
C LYS E 83 -45.95 2.98 -4.89
N PHE E 84 -44.80 3.53 -4.53
CA PHE E 84 -44.78 4.73 -3.71
C PHE E 84 -45.68 5.83 -4.24
N LEU E 85 -45.93 5.84 -5.55
CA LEU E 85 -46.80 6.85 -6.14
C LEU E 85 -48.26 6.39 -6.00
N ALA E 86 -48.51 5.14 -6.37
CA ALA E 86 -49.85 4.58 -6.28
C ALA E 86 -50.34 4.76 -4.84
N ASP E 87 -49.49 4.40 -3.88
CA ASP E 87 -49.80 4.50 -2.45
C ASP E 87 -50.36 5.88 -2.13
N GLY E 88 -50.02 6.87 -2.97
CA GLY E 88 -50.53 8.21 -2.74
C GLY E 88 -49.43 9.20 -2.42
N GLY E 89 -48.20 8.86 -2.78
CA GLY E 89 -47.08 9.74 -2.55
C GLY E 89 -46.65 9.92 -1.11
N CYS E 90 -46.01 11.05 -0.84
CA CYS E 90 -45.52 11.37 0.50
C CYS E 90 -46.59 12.16 1.24
N SER E 91 -47.16 11.54 2.27
CA SER E 91 -48.21 12.15 3.09
C SER E 91 -48.63 11.12 4.13
N GLY E 92 -49.06 9.95 3.64
CA GLY E 92 -49.48 8.87 4.50
C GLY E 92 -48.30 7.99 4.88
N GLY E 93 -47.48 8.52 5.79
CA GLY E 93 -46.30 7.83 6.26
C GLY E 93 -45.29 8.74 6.94
N ALA E 94 -45.58 10.04 7.03
CA ALA E 94 -44.68 11.02 7.66
C ALA E 94 -43.22 10.80 7.26
N TYR E 95 -42.61 9.80 7.89
CA TYR E 95 -41.23 9.40 7.63
C TYR E 95 -40.16 10.43 7.97
N ASP E 96 -39.18 9.99 8.76
CA ASP E 96 -38.07 10.86 9.16
C ASP E 96 -37.10 11.17 8.02
N ILE E 97 -36.56 10.13 7.39
CA ILE E 97 -35.60 10.26 6.30
C ILE E 97 -36.06 9.51 5.05
N ILE E 98 -36.00 10.18 3.90
CA ILE E 98 -36.43 9.59 2.62
C ILE E 98 -35.30 9.41 1.60
N ILE E 99 -34.68 8.24 1.59
CA ILE E 99 -33.59 7.94 0.67
C ILE E 99 -34.09 7.55 -0.73
N CYS E 100 -33.59 8.23 -1.75
CA CYS E 100 -33.95 7.94 -3.13
C CYS E 100 -32.81 7.28 -3.87
N ASP E 101 -32.73 5.97 -3.74
CA ASP E 101 -31.68 5.22 -4.37
C ASP E 101 -31.76 5.40 -5.87
N GLU E 102 -30.74 4.89 -6.53
CA GLU E 102 -30.63 4.98 -7.98
C GLU E 102 -31.19 6.28 -8.51
N CYS E 103 -30.95 7.38 -7.80
CA CYS E 103 -31.47 8.68 -8.21
C CYS E 103 -30.85 9.14 -9.53
N HIS E 104 -30.46 8.21 -10.37
CA HIS E 104 -29.88 8.59 -11.64
C HIS E 104 -30.76 8.20 -12.80
N SER E 105 -31.49 7.09 -12.65
CA SER E 105 -32.39 6.52 -13.67
C SER E 105 -33.33 7.57 -14.29
N THR E 106 -33.61 7.44 -15.59
CA THR E 106 -34.47 8.39 -16.31
C THR E 106 -35.80 7.87 -16.89
N ASP E 107 -36.60 7.25 -16.05
CA ASP E 107 -37.89 6.72 -16.47
C ASP E 107 -39.03 7.49 -15.81
N SER E 108 -40.19 7.44 -16.45
CA SER E 108 -41.37 8.13 -15.97
C SER E 108 -41.51 7.98 -14.48
N THR E 109 -41.72 6.74 -14.06
CA THR E 109 -41.89 6.39 -12.65
C THR E 109 -40.86 7.00 -11.71
N THR E 110 -39.59 6.64 -11.89
CA THR E 110 -38.52 7.17 -11.05
C THR E 110 -38.46 8.71 -11.11
N ILE E 111 -38.42 9.27 -12.32
CA ILE E 111 -38.37 10.72 -12.51
C ILE E 111 -39.50 11.38 -11.72
N LEU E 112 -40.72 11.01 -12.04
CA LEU E 112 -41.89 11.55 -11.36
C LEU E 112 -41.91 11.23 -9.88
N GLY E 113 -41.48 10.02 -9.55
CA GLY E 113 -41.44 9.60 -8.17
C GLY E 113 -40.58 10.51 -7.32
N ILE E 114 -39.40 10.86 -7.83
CA ILE E 114 -38.50 11.74 -7.12
C ILE E 114 -39.05 13.16 -7.14
N GLY E 115 -39.76 13.51 -8.21
CA GLY E 115 -40.32 14.84 -8.28
C GLY E 115 -41.30 15.00 -7.13
N THR E 116 -42.06 13.94 -6.89
CA THR E 116 -43.05 13.90 -5.83
C THR E 116 -42.44 14.21 -4.47
N VAL E 117 -41.77 13.23 -3.87
CA VAL E 117 -41.13 13.38 -2.57
C VAL E 117 -40.33 14.69 -2.41
N LEU E 118 -40.10 15.39 -3.52
CA LEU E 118 -39.37 16.67 -3.52
C LEU E 118 -40.33 17.84 -3.60
N ASP E 119 -41.54 17.64 -3.09
CA ASP E 119 -42.55 18.67 -3.11
C ASP E 119 -43.48 18.40 -1.95
N GLN E 120 -43.21 17.31 -1.25
CA GLN E 120 -44.01 16.90 -0.09
C GLN E 120 -43.15 16.33 1.00
N ALA E 121 -41.98 16.91 1.21
CA ALA E 121 -41.10 16.41 2.24
C ALA E 121 -41.02 17.39 3.38
N GLU E 122 -40.90 18.67 3.06
CA GLU E 122 -40.82 19.66 4.11
C GLU E 122 -42.20 19.85 4.74
N THR E 123 -43.24 19.61 3.96
CA THR E 123 -44.62 19.75 4.43
C THR E 123 -45.04 18.60 5.36
N ALA E 124 -44.80 17.36 4.94
CA ALA E 124 -45.15 16.17 5.72
C ALA E 124 -44.15 15.87 6.83
N GLY E 125 -43.32 16.85 7.17
CA GLY E 125 -42.36 16.67 8.24
C GLY E 125 -41.01 16.05 7.95
N ALA E 126 -40.85 15.38 6.81
CA ALA E 126 -39.57 14.74 6.49
C ALA E 126 -38.36 15.67 6.70
N ARG E 127 -37.43 15.22 7.53
CA ARG E 127 -36.21 15.98 7.83
C ARG E 127 -35.21 15.97 6.68
N LEU E 128 -34.74 14.77 6.35
CA LEU E 128 -33.74 14.57 5.32
C LEU E 128 -34.25 13.78 4.09
N VAL E 129 -33.97 14.33 2.91
CA VAL E 129 -34.34 13.73 1.62
C VAL E 129 -33.02 13.48 0.92
N VAL E 130 -32.68 12.21 0.73
CA VAL E 130 -31.42 11.83 0.08
C VAL E 130 -31.48 11.49 -1.39
N LEU E 131 -30.50 11.96 -2.13
CA LEU E 131 -30.44 11.66 -3.54
C LEU E 131 -29.20 10.84 -3.79
N ALA E 132 -29.33 9.53 -3.61
CA ALA E 132 -28.22 8.62 -3.82
C ALA E 132 -28.08 8.22 -5.29
N THR E 133 -26.86 7.82 -5.65
CA THR E 133 -26.51 7.38 -6.99
C THR E 133 -25.04 7.02 -6.97
N ALA E 134 -24.67 6.03 -7.77
CA ALA E 134 -23.28 5.60 -7.84
C ALA E 134 -22.73 6.10 -9.16
N THR E 135 -23.53 6.93 -9.81
CA THR E 135 -23.18 7.51 -11.09
C THR E 135 -23.75 8.93 -11.13
N PRO E 136 -23.19 9.84 -10.31
CA PRO E 136 -23.71 11.20 -10.33
C PRO E 136 -23.90 11.76 -11.72
N PRO E 137 -24.99 12.50 -11.92
CA PRO E 137 -25.32 13.11 -13.21
C PRO E 137 -24.13 13.87 -13.78
N GLY E 138 -23.99 13.86 -15.10
CA GLY E 138 -22.90 14.57 -15.72
C GLY E 138 -21.55 13.91 -15.59
N SER E 139 -21.50 12.65 -15.17
CA SER E 139 -20.22 11.96 -15.03
C SER E 139 -19.90 11.15 -16.29
N VAL E 140 -18.68 10.62 -16.34
CA VAL E 140 -18.18 9.81 -17.46
C VAL E 140 -17.65 8.44 -17.01
N THR E 141 -16.65 7.94 -17.72
CA THR E 141 -16.02 6.66 -17.42
C THR E 141 -14.55 6.98 -17.22
N VAL E 142 -13.85 6.14 -16.47
CA VAL E 142 -12.44 6.39 -16.23
C VAL E 142 -11.65 5.14 -15.90
N PRO E 143 -10.69 4.80 -16.77
CA PRO E 143 -9.77 3.67 -16.77
C PRO E 143 -9.48 2.98 -15.45
N HIS E 144 -9.99 1.76 -15.33
CA HIS E 144 -9.77 0.98 -14.14
C HIS E 144 -8.60 0.07 -14.39
N PRO E 145 -7.75 -0.11 -13.38
CA PRO E 145 -6.57 -0.97 -13.46
C PRO E 145 -6.90 -2.42 -13.76
N ASN E 146 -8.10 -2.87 -13.43
CA ASN E 146 -8.50 -4.26 -13.69
C ASN E 146 -9.09 -4.46 -15.08
N ILE E 147 -9.14 -3.40 -15.88
CA ILE E 147 -9.71 -3.51 -17.21
C ILE E 147 -8.94 -2.72 -18.26
N GLU E 148 -8.55 -3.40 -19.34
CA GLU E 148 -7.83 -2.78 -20.44
C GLU E 148 -8.81 -2.58 -21.59
N GLU E 149 -9.00 -1.34 -22.00
CA GLU E 149 -9.94 -1.04 -23.07
C GLU E 149 -9.25 -0.92 -24.42
N ILE E 150 -9.16 -2.02 -25.16
CA ILE E 150 -8.51 -2.01 -26.48
C ILE E 150 -9.47 -1.92 -27.68
N GLY E 151 -9.43 -0.79 -28.38
CA GLY E 151 -10.29 -0.55 -29.54
C GLY E 151 -10.35 -1.70 -30.53
N LEU E 152 -11.26 -1.58 -31.50
CA LEU E 152 -11.45 -2.57 -32.54
C LEU E 152 -10.82 -2.07 -33.82
N SER E 153 -10.05 -2.94 -34.47
CA SER E 153 -9.36 -2.59 -35.70
C SER E 153 -10.31 -2.59 -36.89
N ASN E 154 -9.99 -1.76 -37.87
CA ASN E 154 -10.81 -1.65 -39.08
C ASN E 154 -10.60 -2.89 -39.95
N ASN E 155 -10.25 -4.01 -39.32
CA ASN E 155 -10.01 -5.26 -40.05
C ASN E 155 -10.66 -6.52 -39.46
N GLY E 156 -9.92 -7.27 -38.65
CA GLY E 156 -10.47 -8.50 -38.07
C GLY E 156 -11.12 -9.37 -39.13
N GLU E 157 -12.00 -10.28 -38.73
CA GLU E 157 -12.68 -11.15 -39.68
C GLU E 157 -14.22 -11.23 -39.49
N ILE E 158 -14.70 -10.77 -38.34
CA ILE E 158 -16.13 -10.78 -38.02
C ILE E 158 -16.60 -9.33 -37.91
N PRO E 159 -17.42 -8.87 -38.88
CA PRO E 159 -17.94 -7.50 -38.87
C PRO E 159 -18.69 -7.18 -37.59
N PHE E 160 -18.52 -5.96 -37.08
CA PHE E 160 -19.19 -5.54 -35.85
C PHE E 160 -19.32 -4.02 -35.78
N TYR E 161 -20.50 -3.49 -36.15
CA TYR E 161 -20.81 -2.06 -36.16
C TYR E 161 -19.76 -1.09 -36.71
N GLY E 162 -19.19 -1.44 -37.87
CA GLY E 162 -18.18 -0.58 -38.46
C GLY E 162 -16.80 -1.16 -38.32
N LYS E 163 -16.53 -1.78 -37.17
CA LYS E 163 -15.23 -2.38 -36.92
C LYS E 163 -15.31 -3.88 -37.19
N ALA E 164 -14.50 -4.65 -36.48
CA ALA E 164 -14.48 -6.11 -36.63
C ALA E 164 -13.83 -6.80 -35.44
N ILE E 165 -14.35 -7.98 -35.09
CA ILE E 165 -13.84 -8.77 -33.97
C ILE E 165 -13.01 -9.94 -34.48
N PRO E 166 -11.71 -9.96 -34.12
CA PRO E 166 -10.82 -11.05 -34.54
C PRO E 166 -11.11 -12.38 -33.86
N ILE E 167 -11.30 -13.42 -34.65
CA ILE E 167 -11.58 -14.73 -34.06
C ILE E 167 -10.47 -15.12 -33.12
N GLU E 168 -9.36 -14.41 -33.20
CA GLU E 168 -8.20 -14.67 -32.35
C GLU E 168 -8.37 -13.90 -31.04
N ALA E 169 -9.51 -13.23 -30.89
CA ALA E 169 -9.76 -12.43 -29.70
C ALA E 169 -10.97 -12.86 -28.86
N ILE E 170 -11.75 -13.80 -29.39
CA ILE E 170 -12.90 -14.31 -28.66
C ILE E 170 -12.69 -15.81 -28.46
N LYS E 171 -12.13 -16.46 -29.46
CA LYS E 171 -11.85 -17.89 -29.38
C LYS E 171 -10.78 -18.17 -28.32
N GLY E 172 -11.19 -18.79 -27.22
CA GLY E 172 -10.23 -19.09 -26.17
C GLY E 172 -10.66 -18.72 -24.78
N GLY E 173 -11.97 -18.63 -24.54
CA GLY E 173 -12.45 -18.28 -23.22
C GLY E 173 -13.91 -17.86 -23.22
N ARG E 174 -14.39 -17.41 -22.07
CA ARG E 174 -15.77 -16.96 -21.92
C ARG E 174 -15.87 -15.49 -22.27
N HIS E 175 -16.37 -15.18 -23.46
CA HIS E 175 -16.44 -13.79 -23.90
C HIS E 175 -17.84 -13.25 -24.21
N LEU E 176 -18.18 -12.09 -23.62
CA LEU E 176 -19.49 -11.47 -23.80
C LEU E 176 -19.53 -10.34 -24.83
N ILE E 177 -20.50 -10.39 -25.72
CA ILE E 177 -20.63 -9.37 -26.74
C ILE E 177 -21.98 -8.68 -26.68
N PHE E 178 -21.96 -7.39 -26.38
CA PHE E 178 -23.19 -6.60 -26.29
C PHE E 178 -23.76 -6.11 -27.61
N CYS E 179 -25.04 -6.36 -27.81
CA CYS E 179 -25.74 -5.95 -29.01
C CYS E 179 -27.00 -5.21 -28.60
N HIS E 180 -27.27 -4.11 -29.29
CA HIS E 180 -28.42 -3.32 -28.96
C HIS E 180 -29.76 -3.98 -29.25
N SER E 181 -29.83 -4.75 -30.33
CA SER E 181 -31.09 -5.40 -30.72
C SER E 181 -31.03 -6.88 -31.03
N LYS E 182 -32.02 -7.60 -30.50
CA LYS E 182 -32.17 -9.04 -30.68
C LYS E 182 -31.82 -9.43 -32.11
N LYS E 183 -32.33 -8.66 -33.05
CA LYS E 183 -32.08 -8.90 -34.48
C LYS E 183 -30.61 -9.16 -34.76
N LYS E 184 -29.73 -8.28 -34.28
CA LYS E 184 -28.30 -8.42 -34.49
C LYS E 184 -27.76 -9.45 -33.50
N CYS E 185 -28.45 -9.56 -32.36
CA CYS E 185 -28.08 -10.51 -31.33
C CYS E 185 -28.15 -11.90 -31.95
N ASP E 186 -29.27 -12.19 -32.61
CA ASP E 186 -29.51 -13.47 -33.25
C ASP E 186 -28.68 -13.69 -34.50
N GLU E 187 -28.37 -12.62 -35.21
CA GLU E 187 -27.56 -12.76 -36.40
C GLU E 187 -26.17 -13.22 -35.97
N LEU E 188 -25.60 -12.52 -34.99
CA LEU E 188 -24.26 -12.82 -34.51
C LEU E 188 -24.05 -14.24 -34.02
N ALA E 189 -24.92 -14.72 -33.13
CA ALA E 189 -24.80 -16.09 -32.61
C ALA E 189 -24.69 -17.05 -33.79
N ALA E 190 -25.35 -16.71 -34.88
CA ALA E 190 -25.32 -17.54 -36.08
C ALA E 190 -23.88 -17.63 -36.60
N LYS E 191 -23.40 -16.54 -37.19
CA LYS E 191 -22.05 -16.45 -37.74
C LYS E 191 -20.99 -17.12 -36.85
N LEU E 192 -21.02 -16.79 -35.55
CA LEU E 192 -20.05 -17.36 -34.61
C LEU E 192 -20.23 -18.86 -34.47
N THR E 193 -21.35 -19.27 -33.88
CA THR E 193 -21.63 -20.70 -33.69
C THR E 193 -21.44 -21.41 -35.03
N GLY E 194 -21.38 -20.62 -36.10
CA GLY E 194 -21.19 -21.13 -37.43
C GLY E 194 -19.70 -21.37 -37.68
N LEU E 195 -18.87 -20.43 -37.23
CA LEU E 195 -17.43 -20.55 -37.42
C LEU E 195 -16.88 -21.59 -36.46
N GLY E 196 -17.79 -22.30 -35.82
CA GLY E 196 -17.43 -23.34 -34.88
C GLY E 196 -17.12 -22.81 -33.48
N LEU E 197 -17.72 -21.68 -33.12
CA LEU E 197 -17.49 -21.10 -31.81
C LEU E 197 -18.72 -21.33 -30.96
N ASN E 198 -18.54 -21.90 -29.78
CA ASN E 198 -19.69 -22.14 -28.92
C ASN E 198 -20.21 -20.77 -28.56
N ALA E 199 -21.16 -20.30 -29.34
CA ALA E 199 -21.75 -18.98 -29.13
C ALA E 199 -23.26 -19.10 -29.03
N VAL E 200 -23.81 -18.52 -27.98
CA VAL E 200 -25.25 -18.53 -27.77
C VAL E 200 -25.81 -17.18 -28.20
N ALA E 201 -26.82 -16.73 -27.47
CA ALA E 201 -27.47 -15.46 -27.72
C ALA E 201 -28.62 -15.44 -26.72
N TYR E 202 -28.62 -14.44 -25.86
CA TYR E 202 -29.66 -14.29 -24.85
C TYR E 202 -30.24 -12.88 -24.98
N TYR E 203 -31.38 -12.65 -24.35
CA TYR E 203 -32.02 -11.33 -24.37
C TYR E 203 -33.29 -11.35 -23.52
N ARG E 204 -34.08 -10.28 -23.62
CA ARG E 204 -35.32 -10.18 -22.85
C ARG E 204 -36.29 -11.28 -23.33
N GLY E 205 -36.79 -12.09 -22.39
CA GLY E 205 -37.72 -13.15 -22.76
C GLY E 205 -37.21 -14.57 -22.54
N LEU E 206 -36.15 -14.94 -23.25
CA LEU E 206 -35.58 -16.28 -23.13
C LEU E 206 -35.18 -16.58 -21.69
N ASP E 207 -34.81 -17.83 -21.44
CA ASP E 207 -34.43 -18.24 -20.09
C ASP E 207 -33.05 -17.74 -19.70
N VAL E 208 -33.01 -16.97 -18.62
CA VAL E 208 -31.78 -16.39 -18.11
C VAL E 208 -30.78 -17.48 -17.73
N SER E 209 -31.21 -18.75 -17.79
CA SER E 209 -30.33 -19.85 -17.44
C SER E 209 -29.84 -20.66 -18.65
N VAL E 210 -30.13 -20.15 -19.85
CA VAL E 210 -29.73 -20.82 -21.10
C VAL E 210 -28.23 -20.69 -21.34
N ILE E 211 -27.50 -20.30 -20.30
CA ILE E 211 -26.06 -20.07 -20.39
C ILE E 211 -25.20 -20.99 -19.49
N PRO E 212 -24.13 -21.59 -20.07
CA PRO E 212 -23.20 -22.49 -19.37
C PRO E 212 -22.30 -21.74 -18.40
N PRO E 213 -21.87 -22.41 -17.33
CA PRO E 213 -20.99 -21.78 -16.34
C PRO E 213 -19.53 -21.76 -16.75
N ILE E 214 -19.04 -22.90 -17.21
CA ILE E 214 -17.65 -23.01 -17.63
C ILE E 214 -17.58 -23.60 -19.02
N GLY E 215 -16.55 -23.22 -19.74
CA GLY E 215 -16.34 -23.68 -21.11
C GLY E 215 -16.40 -22.51 -22.09
N ASP E 216 -15.53 -22.52 -23.09
CA ASP E 216 -15.54 -21.44 -24.06
C ASP E 216 -16.97 -21.09 -24.38
N VAL E 217 -17.27 -19.80 -24.49
CA VAL E 217 -18.62 -19.34 -24.75
C VAL E 217 -18.58 -17.89 -25.21
N VAL E 218 -19.48 -17.51 -26.11
CA VAL E 218 -19.51 -16.14 -26.60
C VAL E 218 -20.87 -15.46 -26.46
N VAL E 219 -21.46 -15.60 -25.27
CA VAL E 219 -22.75 -15.01 -24.95
C VAL E 219 -23.03 -13.74 -25.71
N VAL E 220 -23.84 -13.84 -26.75
CA VAL E 220 -24.22 -12.68 -27.56
C VAL E 220 -25.63 -12.27 -27.12
N ALA E 221 -25.72 -11.32 -26.20
CA ALA E 221 -27.01 -10.89 -25.68
C ALA E 221 -27.14 -9.38 -25.57
N THR E 222 -28.29 -8.94 -25.05
CA THR E 222 -28.55 -7.51 -24.86
C THR E 222 -28.51 -7.13 -23.37
N ASP E 223 -28.59 -5.83 -23.08
CA ASP E 223 -28.54 -5.30 -21.72
C ASP E 223 -29.52 -6.00 -20.78
N ALA E 224 -30.08 -7.11 -21.23
CA ALA E 224 -31.02 -7.86 -20.43
C ALA E 224 -30.34 -8.80 -19.46
N LEU E 225 -29.31 -8.33 -18.78
CA LEU E 225 -28.63 -9.16 -17.80
C LEU E 225 -28.77 -8.58 -16.39
N PHE E 229 -28.30 -9.98 -13.39
CA PHE E 229 -27.81 -11.38 -13.57
C PHE E 229 -26.30 -11.54 -13.33
N THR E 230 -25.94 -12.28 -12.28
CA THR E 230 -24.54 -12.52 -11.94
C THR E 230 -23.89 -13.43 -12.97
N GLY E 231 -22.55 -13.32 -13.09
CA GLY E 231 -21.83 -14.15 -14.05
C GLY E 231 -20.38 -13.76 -14.30
N ASP E 232 -20.14 -12.59 -14.89
CA ASP E 232 -18.80 -12.11 -15.21
C ASP E 232 -18.23 -12.83 -16.42
N PHE E 233 -17.36 -12.15 -17.16
CA PHE E 233 -16.76 -12.74 -18.36
C PHE E 233 -15.30 -12.40 -18.50
N ASP E 234 -14.65 -12.98 -19.51
CA ASP E 234 -13.23 -12.73 -19.73
C ASP E 234 -12.93 -11.48 -20.54
N SER E 235 -13.89 -11.05 -21.35
CA SER E 235 -13.72 -9.85 -22.17
C SER E 235 -15.08 -9.35 -22.61
N VAL E 236 -15.22 -8.05 -22.70
CA VAL E 236 -16.49 -7.46 -23.11
C VAL E 236 -16.31 -6.73 -24.43
N ILE E 237 -17.15 -7.04 -25.41
CA ILE E 237 -17.10 -6.37 -26.69
C ILE E 237 -18.38 -5.57 -26.75
N ASP E 238 -18.32 -4.35 -26.22
CA ASP E 238 -19.47 -3.45 -26.15
C ASP E 238 -19.57 -2.61 -27.44
N CYS E 239 -20.78 -2.32 -27.88
CA CYS E 239 -20.94 -1.55 -29.12
C CYS E 239 -21.24 -0.07 -28.90
N ASN E 240 -21.25 0.36 -27.64
CA ASN E 240 -21.49 1.76 -27.33
C ASN E 240 -22.63 2.33 -28.18
N THR E 241 -23.80 1.71 -28.06
CA THR E 241 -24.99 2.12 -28.79
C THR E 241 -26.24 1.62 -28.05
N CYS E 242 -27.13 2.53 -27.66
CA CYS E 242 -28.34 2.14 -26.95
C CYS E 242 -29.56 2.37 -27.84
N VAL E 243 -30.73 2.13 -27.28
CA VAL E 243 -31.98 2.32 -28.01
C VAL E 243 -33.06 2.74 -27.03
N THR E 244 -33.79 3.79 -27.38
CA THR E 244 -34.84 4.29 -26.50
C THR E 244 -35.87 5.14 -27.22
N GLN E 245 -37.07 5.21 -26.65
CA GLN E 245 -38.15 6.00 -27.22
C GLN E 245 -37.73 7.47 -27.20
N THR E 246 -38.20 8.23 -28.17
CA THR E 246 -37.90 9.66 -28.25
C THR E 246 -39.07 10.40 -28.89
N VAL E 247 -39.00 11.72 -28.91
CA VAL E 247 -40.08 12.52 -29.48
C VAL E 247 -39.56 13.46 -30.55
N ASP E 248 -40.11 13.35 -31.75
CA ASP E 248 -39.71 14.20 -32.85
C ASP E 248 -40.86 15.02 -33.39
N PHE E 249 -40.68 16.34 -33.39
CA PHE E 249 -41.70 17.25 -33.90
C PHE E 249 -41.64 17.24 -35.41
N SER E 250 -42.47 16.36 -35.98
CA SER E 250 -42.58 16.14 -37.41
C SER E 250 -43.77 16.84 -38.09
N LEU E 251 -44.55 17.57 -37.32
CA LEU E 251 -45.69 18.30 -37.84
C LEU E 251 -46.35 17.57 -39.00
N ASP E 252 -46.68 16.32 -38.76
CA ASP E 252 -47.29 15.48 -39.77
C ASP E 252 -48.32 14.56 -39.09
N PRO E 253 -49.39 15.14 -38.54
CA PRO E 253 -49.64 16.58 -38.54
C PRO E 253 -48.97 17.28 -37.35
N THR E 254 -48.90 16.59 -36.22
CA THR E 254 -48.30 17.13 -35.00
C THR E 254 -46.91 16.56 -34.67
N PHE E 255 -46.85 15.38 -34.02
CA PHE E 255 -45.54 14.80 -33.69
C PHE E 255 -45.38 13.28 -33.82
N THR E 256 -44.20 12.78 -33.47
CA THR E 256 -43.89 11.36 -33.58
C THR E 256 -43.02 10.83 -32.45
N ILE E 257 -43.49 9.81 -31.74
CA ILE E 257 -42.72 9.23 -30.64
C ILE E 257 -42.02 7.96 -31.09
N GLU E 258 -41.04 8.11 -31.98
CA GLU E 258 -40.30 6.96 -32.49
C GLU E 258 -39.34 6.39 -31.47
N THR E 259 -38.63 5.34 -31.86
CA THR E 259 -37.66 4.71 -30.99
C THR E 259 -36.42 4.39 -31.79
N THR E 260 -35.48 5.32 -31.82
CA THR E 260 -34.22 5.18 -32.56
C THR E 260 -33.07 4.77 -31.65
N THR E 261 -31.93 4.44 -32.26
CA THR E 261 -30.74 4.03 -31.52
C THR E 261 -29.93 5.29 -31.20
N VAL E 262 -29.48 5.41 -29.95
CA VAL E 262 -28.71 6.58 -29.54
C VAL E 262 -27.37 6.18 -28.96
N PRO E 263 -26.44 7.13 -28.90
CA PRO E 263 -25.11 6.86 -28.35
C PRO E 263 -25.28 6.66 -26.86
N GLN E 264 -24.73 5.55 -26.36
CA GLN E 264 -24.82 5.21 -24.94
C GLN E 264 -24.13 6.24 -24.07
N ASP E 265 -24.72 6.55 -22.93
CA ASP E 265 -24.08 7.49 -22.03
C ASP E 265 -23.07 6.72 -21.18
N ALA E 266 -22.56 7.33 -20.11
CA ALA E 266 -21.59 6.65 -19.26
C ALA E 266 -22.28 5.73 -18.28
N VAL E 267 -23.60 5.80 -18.22
CA VAL E 267 -24.34 4.94 -17.32
C VAL E 267 -24.36 3.56 -17.96
N SER E 268 -24.47 3.54 -19.29
CA SER E 268 -24.49 2.31 -20.06
C SER E 268 -23.16 1.58 -20.06
N ARG E 269 -22.07 2.33 -20.29
CA ARG E 269 -20.74 1.74 -20.34
C ARG E 269 -20.33 1.15 -18.99
N SER E 270 -20.37 1.96 -17.94
CA SER E 270 -20.02 1.47 -16.61
C SER E 270 -20.62 0.09 -16.41
N GLN E 271 -21.83 -0.09 -16.94
CA GLN E 271 -22.57 -1.33 -16.84
C GLN E 271 -22.02 -2.42 -17.72
N ARG E 272 -22.16 -2.23 -19.03
CA ARG E 272 -21.70 -3.20 -19.99
C ARG E 272 -20.22 -3.58 -19.90
N ARG E 273 -19.39 -2.69 -19.36
CA ARG E 273 -17.95 -2.99 -19.23
C ARG E 273 -17.68 -3.58 -17.85
N GLY E 274 -18.67 -3.52 -16.96
CA GLY E 274 -18.48 -4.04 -15.63
C GLY E 274 -18.58 -5.54 -15.62
N ARG E 275 -19.14 -6.09 -16.69
CA ARG E 275 -19.33 -7.53 -16.82
C ARG E 275 -17.99 -8.22 -16.59
N THR E 276 -16.90 -7.50 -16.81
CA THR E 276 -15.56 -8.06 -16.62
C THR E 276 -14.56 -7.10 -15.95
N GLY E 277 -13.77 -7.64 -15.03
CA GLY E 277 -12.79 -6.82 -14.35
C GLY E 277 -13.05 -6.79 -12.86
N ARG E 278 -13.52 -7.91 -12.32
CA ARG E 278 -13.80 -8.05 -10.89
C ARG E 278 -13.07 -9.33 -10.45
N GLY E 279 -11.81 -9.16 -10.10
CA GLY E 279 -10.99 -10.29 -9.69
C GLY E 279 -9.77 -10.35 -10.60
N ARG E 280 -9.91 -11.05 -11.72
CA ARG E 280 -8.83 -11.15 -12.70
C ARG E 280 -9.04 -10.06 -13.74
N SER E 281 -8.00 -9.74 -14.55
CA SER E 281 -8.15 -8.70 -15.57
C SER E 281 -9.31 -8.99 -16.51
N GLY E 282 -9.25 -8.40 -17.69
CA GLY E 282 -10.30 -8.61 -18.67
C GLY E 282 -10.24 -7.50 -19.69
N ILE E 283 -10.09 -7.90 -20.94
CA ILE E 283 -10.03 -6.94 -22.02
C ILE E 283 -11.44 -6.42 -22.22
N TYR E 284 -11.56 -5.34 -22.98
CA TYR E 284 -12.85 -4.74 -23.27
C TYR E 284 -12.67 -4.04 -24.60
N ARG E 285 -13.11 -4.66 -25.68
CA ARG E 285 -12.98 -4.04 -26.99
C ARG E 285 -14.19 -3.14 -27.20
N PHE E 286 -14.05 -2.17 -28.11
CA PHE E 286 -15.13 -1.22 -28.37
C PHE E 286 -15.05 -0.51 -29.72
N VAL E 287 -16.18 0.08 -30.12
CA VAL E 287 -16.29 0.83 -31.36
C VAL E 287 -15.97 2.27 -30.97
N THR E 288 -16.98 3.13 -30.89
CA THR E 288 -16.78 4.52 -30.51
C THR E 288 -15.97 4.61 -29.21
N PRO E 289 -14.81 5.31 -29.24
CA PRO E 289 -13.97 5.46 -28.05
C PRO E 289 -14.54 6.42 -27.01
N GLY E 290 -15.06 7.55 -27.47
CA GLY E 290 -15.65 8.52 -26.56
C GLY E 290 -17.17 8.43 -26.60
N GLU E 291 -17.81 8.55 -25.44
CA GLU E 291 -19.26 8.46 -25.37
C GLU E 291 -19.83 9.71 -24.79
N ARG E 292 -21.15 9.69 -24.56
CA ARG E 292 -21.83 10.85 -24.00
C ARG E 292 -21.97 10.73 -22.49
N PRO E 293 -21.77 11.84 -21.78
CA PRO E 293 -21.87 11.87 -20.32
C PRO E 293 -23.19 11.27 -19.82
N SER E 294 -23.33 11.17 -18.52
CA SER E 294 -24.53 10.60 -17.93
C SER E 294 -25.56 11.68 -17.63
N GLY E 295 -26.73 11.25 -17.17
CA GLY E 295 -27.81 12.14 -16.81
C GLY E 295 -28.27 13.12 -17.88
N MET E 296 -29.22 12.70 -18.71
CA MET E 296 -29.76 13.56 -19.77
C MET E 296 -30.81 12.81 -20.60
N PHE E 297 -32.08 13.26 -20.54
CA PHE E 297 -33.16 12.59 -21.26
C PHE E 297 -34.05 13.43 -22.16
N ASP E 298 -34.69 12.75 -23.12
CA ASP E 298 -35.58 13.38 -24.11
C ASP E 298 -36.92 13.83 -23.52
N SER E 299 -37.45 14.91 -24.09
CA SER E 299 -38.73 15.47 -23.68
C SER E 299 -39.81 14.42 -23.85
N SER E 300 -39.40 13.24 -24.30
CA SER E 300 -40.32 12.13 -24.53
C SER E 300 -40.81 11.54 -23.21
N VAL E 301 -39.89 11.40 -22.27
CA VAL E 301 -40.23 10.84 -20.98
C VAL E 301 -41.21 11.79 -20.27
N LEU E 302 -41.22 13.05 -20.68
CA LEU E 302 -42.13 14.04 -20.09
C LEU E 302 -43.55 13.76 -20.57
N CYS E 303 -43.66 13.27 -21.80
CA CYS E 303 -44.96 12.94 -22.34
C CYS E 303 -45.44 11.71 -21.61
N GLU E 304 -44.47 10.84 -21.33
CA GLU E 304 -44.69 9.58 -20.63
C GLU E 304 -45.22 9.83 -19.22
N CYS E 305 -44.48 10.59 -18.44
CA CYS E 305 -44.90 10.91 -17.08
C CYS E 305 -46.33 11.37 -17.07
N TYR E 306 -46.62 12.42 -17.82
CA TYR E 306 -47.97 12.93 -17.86
C TYR E 306 -48.94 11.80 -18.19
N ASP E 307 -48.65 11.05 -19.25
CA ASP E 307 -49.51 9.96 -19.64
C ASP E 307 -49.76 8.96 -18.55
N ALA E 308 -48.69 8.44 -17.96
CA ALA E 308 -48.80 7.46 -16.89
C ALA E 308 -49.43 8.12 -15.67
N GLY E 309 -48.87 9.25 -15.24
CA GLY E 309 -49.44 9.93 -14.10
C GLY E 309 -50.92 10.19 -14.27
N CYS E 310 -51.39 10.15 -15.52
CA CYS E 310 -52.78 10.39 -15.79
C CYS E 310 -53.60 9.12 -15.61
N ALA E 311 -53.21 8.06 -16.31
CA ALA E 311 -53.92 6.78 -16.26
C ALA E 311 -53.24 5.70 -15.44
N TRP E 312 -52.90 6.00 -14.19
CA TRP E 312 -52.23 5.05 -13.31
C TRP E 312 -52.27 5.52 -11.87
N TYR E 313 -52.37 6.83 -11.68
CA TYR E 313 -52.41 7.41 -10.34
C TYR E 313 -53.49 8.49 -10.20
N GLU E 314 -54.26 8.72 -11.27
CA GLU E 314 -55.28 9.76 -11.20
C GLU E 314 -54.58 11.03 -10.72
N LEU E 315 -53.71 11.57 -11.57
CA LEU E 315 -52.94 12.77 -11.24
C LEU E 315 -52.98 13.81 -12.36
N THR E 316 -53.79 14.85 -12.19
CA THR E 316 -53.94 15.92 -13.17
C THR E 316 -52.63 16.48 -13.67
N PRO E 317 -52.61 17.01 -14.90
CA PRO E 317 -51.39 17.59 -15.46
C PRO E 317 -50.89 18.64 -14.47
N ALA E 318 -51.82 19.49 -14.05
CA ALA E 318 -51.56 20.54 -13.09
C ALA E 318 -50.68 19.95 -12.02
N GLU E 319 -51.24 19.00 -11.27
CA GLU E 319 -50.49 18.34 -10.21
C GLU E 319 -49.15 17.81 -10.70
N THR E 320 -49.17 16.98 -11.74
CA THR E 320 -47.94 16.43 -12.27
C THR E 320 -46.95 17.57 -12.39
N SER E 321 -47.12 18.35 -13.44
CA SER E 321 -46.27 19.49 -13.68
C SER E 321 -45.60 19.96 -12.41
N VAL E 322 -46.41 20.18 -11.38
CA VAL E 322 -45.93 20.68 -10.10
C VAL E 322 -44.80 19.84 -9.54
N ARG E 323 -44.98 18.52 -9.56
CA ARG E 323 -43.96 17.64 -9.04
C ARG E 323 -42.81 17.71 -10.02
N LEU E 324 -43.11 17.58 -11.31
CA LEU E 324 -42.08 17.67 -12.31
C LEU E 324 -41.36 19.01 -12.18
N ARG E 325 -41.95 19.94 -11.43
CA ARG E 325 -41.32 21.24 -11.26
C ARG E 325 -40.04 21.11 -10.43
N ALA E 326 -40.16 20.48 -9.26
CA ALA E 326 -39.03 20.27 -8.36
C ALA E 326 -38.22 19.03 -8.74
N TYR E 327 -37.63 19.07 -9.92
CA TYR E 327 -36.80 18.00 -10.45
C TYR E 327 -36.01 18.72 -11.52
N LEU E 328 -36.58 19.83 -11.98
CA LEU E 328 -35.99 20.67 -13.00
C LEU E 328 -35.36 21.84 -12.29
N ASN E 329 -35.95 22.17 -11.13
CA ASN E 329 -35.49 23.28 -10.33
C ASN E 329 -34.86 22.71 -9.06
N THR E 330 -34.13 21.62 -9.25
CA THR E 330 -33.45 20.95 -8.16
C THR E 330 -32.09 20.51 -8.64
N PRO E 331 -31.04 21.18 -8.17
CA PRO E 331 -29.65 20.88 -8.52
C PRO E 331 -29.21 19.46 -8.12
N GLY E 332 -28.39 18.83 -8.96
CA GLY E 332 -27.90 17.48 -8.68
C GLY E 332 -28.67 16.34 -9.31
N LEU E 333 -29.52 16.64 -10.29
CA LEU E 333 -30.35 15.64 -10.96
C LEU E 333 -30.26 15.76 -12.47
N PRO E 334 -30.65 14.70 -13.20
CA PRO E 334 -30.61 14.73 -14.66
C PRO E 334 -31.34 15.98 -15.11
N VAL E 335 -31.04 16.46 -16.31
CA VAL E 335 -31.72 17.65 -16.77
C VAL E 335 -32.53 17.30 -17.98
N CYS E 336 -33.08 18.35 -18.59
CA CYS E 336 -33.90 18.25 -19.78
C CYS E 336 -34.39 19.65 -20.14
N GLN E 337 -35.14 19.76 -21.23
CA GLN E 337 -35.66 21.06 -21.64
C GLN E 337 -37.02 21.23 -20.93
N ASP E 338 -37.36 22.47 -20.57
CA ASP E 338 -38.63 22.73 -19.87
C ASP E 338 -39.79 22.74 -20.84
N HIS E 339 -40.24 21.54 -21.16
CA HIS E 339 -41.36 21.36 -22.06
C HIS E 339 -42.59 21.12 -21.18
N LEU E 340 -42.36 21.06 -19.88
CA LEU E 340 -43.43 20.86 -18.91
C LEU E 340 -44.63 21.73 -19.28
N GLU E 341 -44.37 23.03 -19.38
CA GLU E 341 -45.40 23.99 -19.75
C GLU E 341 -46.09 23.54 -21.04
N PHE E 342 -45.30 23.13 -22.02
CA PHE E 342 -45.85 22.67 -23.28
C PHE E 342 -46.73 21.44 -23.10
N TRP E 343 -46.20 20.43 -22.42
CA TRP E 343 -46.95 19.21 -22.19
C TRP E 343 -48.23 19.49 -21.41
N GLU E 344 -48.13 20.17 -20.28
CA GLU E 344 -49.35 20.46 -19.53
C GLU E 344 -50.31 21.16 -20.50
N SER E 345 -49.77 22.00 -21.38
CA SER E 345 -50.61 22.67 -22.34
C SER E 345 -51.46 21.61 -22.99
N VAL E 346 -50.81 20.73 -23.74
CA VAL E 346 -51.50 19.65 -24.44
C VAL E 346 -52.49 18.88 -23.59
N PHE E 347 -52.09 17.71 -23.10
CA PHE E 347 -52.92 16.82 -22.29
C PHE E 347 -54.27 17.36 -21.83
N THR E 348 -54.26 18.55 -21.23
CA THR E 348 -55.51 19.15 -20.79
C THR E 348 -56.59 19.09 -21.87
N GLY E 349 -56.24 19.50 -23.09
CA GLY E 349 -57.18 19.51 -24.19
C GLY E 349 -57.92 18.21 -24.50
N LEU E 350 -57.24 17.09 -24.29
CA LEU E 350 -57.87 15.81 -24.58
C LEU E 350 -58.67 15.36 -23.34
N THR E 351 -59.99 15.23 -23.51
CA THR E 351 -60.87 14.84 -22.42
C THR E 351 -62.00 13.93 -22.90
N HIS E 352 -62.94 13.59 -22.02
CA HIS E 352 -64.08 12.72 -22.36
C HIS E 352 -63.52 11.43 -22.95
N ILE E 353 -62.51 10.88 -22.28
CA ILE E 353 -61.86 9.65 -22.74
C ILE E 353 -62.67 8.40 -22.39
N ASP E 354 -62.68 7.42 -23.28
CA ASP E 354 -63.43 6.19 -23.03
C ASP E 354 -62.78 5.37 -21.93
N ALA E 355 -63.22 5.58 -20.69
CA ALA E 355 -62.69 4.87 -19.54
C ALA E 355 -62.54 3.40 -19.85
N HIS E 356 -63.21 2.95 -20.91
CA HIS E 356 -63.12 1.58 -21.31
C HIS E 356 -61.78 1.33 -22.01
N PHE E 357 -61.66 1.75 -23.27
CA PHE E 357 -60.44 1.56 -24.02
C PHE E 357 -59.23 1.73 -23.12
N LEU E 358 -59.26 2.77 -22.28
CA LEU E 358 -58.16 3.02 -21.35
C LEU E 358 -57.89 1.73 -20.58
N SER E 359 -58.79 1.43 -19.63
CA SER E 359 -58.67 0.23 -18.82
C SER E 359 -58.24 -0.99 -19.63
N GLN E 360 -58.32 -0.89 -20.95
CA GLN E 360 -57.92 -1.99 -21.81
C GLN E 360 -56.48 -1.79 -22.31
N THR E 361 -56.13 -0.55 -22.64
CA THR E 361 -54.77 -0.26 -23.09
C THR E 361 -53.91 -0.02 -21.88
N LYS E 362 -54.50 -0.27 -20.71
CA LYS E 362 -53.82 -0.11 -19.44
C LYS E 362 -53.33 -1.48 -19.05
N GLN E 363 -54.13 -2.50 -19.36
CA GLN E 363 -53.80 -3.88 -19.05
C GLN E 363 -52.82 -4.43 -20.06
N ALA E 364 -53.07 -4.17 -21.33
CA ALA E 364 -52.22 -4.63 -22.41
C ALA E 364 -50.83 -3.99 -22.34
N GLY E 365 -50.72 -2.92 -21.55
CA GLY E 365 -49.45 -2.21 -21.42
C GLY E 365 -48.95 -1.76 -22.77
N ASP E 366 -49.56 -0.70 -23.30
CA ASP E 366 -49.16 -0.17 -24.61
C ASP E 366 -48.09 0.87 -24.40
N ASN E 367 -47.66 1.50 -25.48
CA ASN E 367 -46.64 2.52 -25.35
C ASN E 367 -47.07 3.48 -24.24
N PHE E 368 -47.94 4.42 -24.58
CA PHE E 368 -48.47 5.42 -23.66
C PHE E 368 -49.96 5.15 -23.56
N PRO E 369 -50.38 4.30 -22.60
CA PRO E 369 -51.79 3.97 -22.43
C PRO E 369 -52.82 5.08 -22.62
N TYR E 370 -52.56 6.26 -22.05
CA TYR E 370 -53.48 7.38 -22.19
C TYR E 370 -53.55 7.81 -23.63
N LEU E 371 -52.39 8.06 -24.24
CA LEU E 371 -52.37 8.47 -25.63
C LEU E 371 -52.97 7.38 -26.49
N VAL E 372 -52.47 6.16 -26.31
CA VAL E 372 -52.94 5.01 -27.07
C VAL E 372 -54.45 4.93 -27.06
N ALA E 373 -55.06 5.16 -25.91
CA ALA E 373 -56.51 5.10 -25.81
C ALA E 373 -57.17 6.32 -26.42
N TYR E 374 -56.70 7.52 -26.07
CA TYR E 374 -57.33 8.73 -26.59
C TYR E 374 -57.35 8.77 -28.09
N GLN E 375 -56.32 8.20 -28.71
CA GLN E 375 -56.24 8.15 -30.17
C GLN E 375 -57.41 7.32 -30.69
N ALA E 376 -57.87 6.38 -29.87
CA ALA E 376 -58.99 5.54 -30.26
C ALA E 376 -60.28 6.21 -29.80
N THR E 377 -60.33 6.63 -28.54
CA THR E 377 -61.51 7.28 -28.01
C THR E 377 -61.99 8.30 -29.03
N VAL E 378 -61.10 8.71 -29.94
CA VAL E 378 -61.50 9.67 -30.93
C VAL E 378 -61.92 9.00 -32.22
N CYS E 379 -61.28 7.87 -32.54
CA CYS E 379 -61.62 7.12 -33.75
C CYS E 379 -63.07 6.66 -33.68
N ALA E 380 -63.41 5.97 -32.59
CA ALA E 380 -64.75 5.46 -32.37
C ALA E 380 -65.76 6.59 -32.47
N ARG E 381 -65.63 7.61 -31.63
CA ARG E 381 -66.55 8.75 -31.66
C ARG E 381 -66.75 9.17 -33.11
N ALA E 382 -65.67 9.09 -33.87
CA ALA E 382 -65.67 9.46 -35.27
C ALA E 382 -65.91 8.26 -36.20
N GLN E 383 -66.37 7.14 -35.64
CA GLN E 383 -66.67 5.96 -36.45
C GLN E 383 -65.56 5.64 -37.44
N ALA E 384 -64.38 6.19 -37.21
CA ALA E 384 -63.24 5.96 -38.08
C ALA E 384 -62.29 4.93 -37.49
N PRO E 385 -61.60 4.18 -38.35
CA PRO E 385 -60.67 3.15 -37.95
C PRO E 385 -59.30 3.66 -37.60
N PRO E 386 -58.65 3.03 -36.64
CA PRO E 386 -57.32 3.45 -36.22
C PRO E 386 -56.34 3.11 -37.36
N PRO E 387 -55.13 3.68 -37.33
CA PRO E 387 -54.14 3.43 -38.38
C PRO E 387 -53.82 1.94 -38.45
N SER E 388 -52.53 1.63 -38.46
CA SER E 388 -52.07 0.25 -38.48
C SER E 388 -52.86 -0.52 -37.42
N TRP E 389 -53.29 -1.74 -37.73
CA TRP E 389 -54.07 -2.52 -36.76
C TRP E 389 -53.22 -3.22 -35.70
N ASP E 390 -51.99 -2.74 -35.55
CA ASP E 390 -51.02 -3.27 -34.58
C ASP E 390 -51.68 -3.73 -33.30
N GLN E 391 -50.95 -4.53 -32.54
CA GLN E 391 -51.43 -5.06 -31.27
C GLN E 391 -51.92 -3.97 -30.33
N MET E 392 -51.54 -2.73 -30.60
CA MET E 392 -51.95 -1.62 -29.76
C MET E 392 -53.29 -1.01 -30.21
N TRP E 393 -54.16 -1.83 -30.77
CA TRP E 393 -55.46 -1.36 -31.23
C TRP E 393 -56.52 -2.44 -31.11
N LYS E 394 -56.27 -3.39 -30.22
CA LYS E 394 -57.19 -4.49 -29.99
C LYS E 394 -58.54 -3.96 -29.57
N CYS E 395 -58.54 -2.97 -28.68
CA CYS E 395 -59.79 -2.39 -28.18
C CYS E 395 -60.74 -1.91 -29.28
N LEU E 396 -60.19 -1.48 -30.42
CA LEU E 396 -61.02 -1.02 -31.53
C LEU E 396 -61.34 -2.18 -32.48
N ILE E 397 -60.50 -3.19 -32.47
CA ILE E 397 -60.69 -4.37 -33.32
C ILE E 397 -62.06 -5.00 -33.14
N ARG E 398 -62.47 -5.12 -31.88
CA ARG E 398 -63.76 -5.73 -31.57
C ARG E 398 -64.88 -5.26 -32.51
N LEU E 399 -64.84 -3.99 -32.90
CA LEU E 399 -65.86 -3.50 -33.82
C LEU E 399 -65.19 -3.02 -35.07
N LYS E 400 -64.42 -3.91 -35.69
CA LYS E 400 -63.69 -3.56 -36.90
C LYS E 400 -64.57 -3.44 -38.14
N PRO E 401 -65.55 -4.33 -38.31
CA PRO E 401 -66.43 -4.27 -39.48
C PRO E 401 -67.52 -3.25 -39.27
N THR E 402 -67.15 -2.10 -38.71
CA THR E 402 -68.11 -1.02 -38.45
C THR E 402 -67.41 0.33 -38.58
N LEU E 403 -66.12 0.28 -38.94
CA LEU E 403 -65.31 1.49 -39.08
C LEU E 403 -64.84 1.61 -40.52
N HIS E 404 -65.15 2.73 -41.14
CA HIS E 404 -64.76 2.98 -42.54
C HIS E 404 -63.95 4.28 -42.71
N GLY E 405 -63.34 4.44 -43.87
CA GLY E 405 -62.58 5.64 -44.17
C GLY E 405 -61.24 5.89 -43.47
N PRO E 406 -60.65 7.09 -43.67
CA PRO E 406 -59.37 7.53 -43.10
C PRO E 406 -59.42 7.75 -41.59
N THR E 407 -58.29 8.17 -41.01
CA THR E 407 -58.22 8.40 -39.57
C THR E 407 -58.00 9.87 -39.21
N PRO E 408 -58.75 10.39 -38.23
CA PRO E 408 -58.51 11.79 -37.89
C PRO E 408 -57.34 11.68 -36.93
N LEU E 409 -56.17 11.39 -37.46
CA LEU E 409 -54.95 11.18 -36.65
C LEU E 409 -54.53 12.31 -35.73
N LEU E 410 -54.24 11.94 -34.49
CA LEU E 410 -53.84 12.90 -33.48
C LEU E 410 -52.32 12.99 -33.36
N TYR E 411 -51.63 11.90 -33.64
CA TYR E 411 -50.19 11.93 -33.52
C TYR E 411 -49.60 10.58 -33.89
N ARG E 412 -48.44 10.63 -34.53
CA ARG E 412 -47.78 9.42 -34.96
C ARG E 412 -47.16 8.74 -33.76
N LEU E 413 -47.69 7.58 -33.42
CA LEU E 413 -47.21 6.85 -32.28
C LEU E 413 -46.82 5.46 -32.72
N GLY E 414 -46.70 5.29 -34.04
CA GLY E 414 -46.33 4.00 -34.63
C GLY E 414 -46.75 3.88 -36.09
N ALA E 415 -45.78 4.07 -36.98
CA ALA E 415 -45.96 4.03 -38.44
C ALA E 415 -47.37 3.67 -38.88
N VAL E 416 -48.05 4.66 -39.48
CA VAL E 416 -49.42 4.46 -39.94
C VAL E 416 -49.46 3.61 -41.20
N GLN E 417 -50.61 2.98 -41.45
CA GLN E 417 -50.82 2.13 -42.62
C GLN E 417 -52.21 2.38 -43.20
N ASN E 418 -52.49 3.62 -43.59
CA ASN E 418 -53.78 4.00 -44.16
C ASN E 418 -53.87 5.53 -44.25
N GLU E 419 -54.17 6.05 -45.43
CA GLU E 419 -54.28 7.50 -45.59
C GLU E 419 -55.13 8.02 -44.42
N VAL E 420 -54.95 9.28 -44.03
CA VAL E 420 -55.70 9.81 -42.90
C VAL E 420 -55.96 11.31 -42.88
N ILE E 421 -56.61 11.77 -41.81
CA ILE E 421 -56.95 13.18 -41.64
C ILE E 421 -56.41 13.84 -40.35
N LEU E 422 -56.01 15.10 -40.53
CA LEU E 422 -55.40 15.95 -39.51
C LEU E 422 -56.18 17.25 -39.37
N THR E 423 -57.50 17.15 -39.27
CA THR E 423 -58.31 18.35 -39.17
C THR E 423 -59.21 18.27 -37.95
N HIS E 424 -59.08 17.16 -37.24
CA HIS E 424 -59.91 16.96 -36.07
C HIS E 424 -59.67 18.09 -35.09
N PRO E 425 -60.75 18.67 -34.57
CA PRO E 425 -60.64 19.77 -33.62
C PRO E 425 -59.58 19.51 -32.57
N ILE E 426 -59.40 18.24 -32.20
CA ILE E 426 -58.37 17.89 -31.23
C ILE E 426 -57.03 18.29 -31.79
N THR E 427 -56.55 17.54 -32.78
CA THR E 427 -55.28 17.84 -33.42
C THR E 427 -55.12 19.34 -33.49
N LYS E 428 -56.05 19.97 -34.18
CA LYS E 428 -56.06 21.42 -34.35
C LYS E 428 -55.53 22.08 -33.07
N TYR E 429 -56.09 21.66 -31.93
CA TYR E 429 -55.69 22.19 -30.63
C TYR E 429 -54.23 21.85 -30.38
N ILE E 430 -53.86 20.59 -30.50
CA ILE E 430 -52.46 20.24 -30.27
C ILE E 430 -51.64 21.02 -31.29
N MET E 431 -52.10 21.05 -32.53
CA MET E 431 -51.41 21.78 -33.59
C MET E 431 -50.94 23.12 -33.04
N ALA E 432 -51.88 23.91 -32.53
CA ALA E 432 -51.56 25.22 -31.97
C ALA E 432 -50.97 25.10 -30.59
N CYS E 433 -51.11 23.91 -30.03
CA CYS E 433 -50.60 23.64 -28.70
C CYS E 433 -49.10 23.42 -28.86
N MET E 434 -48.62 23.66 -30.08
CA MET E 434 -47.20 23.56 -30.43
C MET E 434 -46.88 24.99 -30.87
N SER E 435 -46.92 25.92 -29.92
CA SER E 435 -46.64 27.34 -30.19
C SER E 435 -46.74 28.18 -28.91
S SO4 F . 41.45 -25.90 21.62
O1 SO4 F . 41.93 -26.48 22.88
O2 SO4 F . 40.54 -26.87 20.98
O3 SO4 F . 40.70 -24.64 21.88
O4 SO4 F . 42.59 -25.66 20.72
S SO4 G . -25.24 0.47 -2.07
O1 SO4 G . -24.78 -0.83 -1.55
O2 SO4 G . -26.48 0.80 -1.34
O3 SO4 G . -24.25 1.53 -1.83
O4 SO4 G . -25.52 0.37 -3.53
#